data_3FD8
#
_entry.id   3FD8
#
_cell.length_a   104.573
_cell.length_b   151.321
_cell.length_c   161.317
_cell.angle_alpha   90.00
_cell.angle_beta   90.00
_cell.angle_gamma   90.00
#
_symmetry.space_group_name_H-M   'P 21 21 21'
#
loop_
_entity.id
_entity.type
_entity.pdbx_description
1 polymer 'Oxidoreductase, Gfo/Idh/MocA family'
2 non-polymer 'TRIETHYLENE GLYCOL'
3 water water
#
_entity_poly.entity_id   1
_entity_poly.type   'polypeptide(L)'
_entity_poly.pdbx_seq_one_letter_code
;(MSE)SLTVK(MSE)GFIGFGKSANRYHLPYV(MSE)IRETLEVKTIFDLHVNEKAAAPFKEKGVNFTADLNELLTDPEI
ELITICTPAHTHYDLAKQAILAGKSVIVEKPFCDTLEHAEELFALGQEKGVVV(MSE)PYQNRRFDGDYLA(MSE)KQVV
EQGFLGEINEVETHIDYYRPGSITEQGPKENGSFYGLGIHL(MSE)DR(MSE)IALFGRPDQVTYDIRNNEVSEAVDNYF
DVDLHYGSKLKVKVKTNHSVASPYPRFIVHGSNGSFIKYGEDQQENDLKAGI(MSE)PDAPGFGEDSP(MSE)YYGEVTY
RNGNGDWIKKQIKTPVGDYGRYYDAVYETLKNGAPQLVTKEQALTNIEILEAGFLNPSPSVYHLKENEGHHHHHH
;
_entity_poly.pdbx_strand_id   A,B,C,D,E,F
#
loop_
_chem_comp.id
_chem_comp.type
_chem_comp.name
_chem_comp.formula
PGE non-polymer 'TRIETHYLENE GLYCOL' 'C6 H14 O4'
#
# COMPACT_ATOMS: atom_id res chain seq x y z
N LEU A 3 48.53 -13.56 10.36
CA LEU A 3 47.39 -13.70 9.42
C LEU A 3 46.24 -14.45 10.09
N THR A 4 46.38 -14.65 11.40
CA THR A 4 45.36 -15.33 12.18
C THR A 4 45.46 -15.02 13.66
N VAL A 5 44.32 -14.88 14.31
CA VAL A 5 44.31 -14.62 15.74
C VAL A 5 43.93 -15.93 16.44
N LYS A 6 44.71 -16.31 17.44
CA LYS A 6 44.47 -17.53 18.19
C LYS A 6 43.60 -17.17 19.38
N MSE A 7 42.33 -17.55 19.33
CA MSE A 7 41.45 -17.20 20.44
C MSE A 7 40.93 -18.41 21.23
O MSE A 7 41.00 -19.56 20.79
CB MSE A 7 40.25 -16.38 19.93
CG MSE A 7 39.20 -17.19 19.20
SE MSE A 7 37.67 -16.06 18.79
CE MSE A 7 37.06 -15.83 20.62
N GLY A 8 40.43 -18.11 22.41
CA GLY A 8 39.88 -19.12 23.29
C GLY A 8 38.60 -18.60 23.93
N PHE A 9 37.77 -19.52 24.41
CA PHE A 9 36.52 -19.15 25.05
C PHE A 9 36.51 -19.57 26.50
N ILE A 10 35.97 -18.71 27.35
CA ILE A 10 35.83 -19.05 28.74
C ILE A 10 34.33 -19.24 28.88
N GLY A 11 33.89 -20.48 28.73
CA GLY A 11 32.48 -20.78 28.83
C GLY A 11 31.98 -21.34 27.50
N PHE A 12 31.17 -22.39 27.58
CA PHE A 12 30.63 -23.03 26.39
C PHE A 12 29.12 -23.13 26.50
N GLY A 13 28.50 -22.07 27.03
CA GLY A 13 27.06 -22.02 27.19
C GLY A 13 26.35 -21.70 25.90
N LYS A 14 25.07 -21.34 25.98
CA LYS A 14 24.33 -21.03 24.75
C LYS A 14 24.76 -19.73 24.11
N SER A 15 25.04 -18.71 24.90
CA SER A 15 25.44 -17.42 24.33
C SER A 15 26.69 -17.62 23.49
N ALA A 16 27.58 -18.51 23.94
CA ALA A 16 28.81 -18.81 23.22
C ALA A 16 28.48 -19.53 21.91
N ASN A 17 27.60 -20.52 21.99
CA ASN A 17 27.20 -21.30 20.82
C ASN A 17 26.28 -20.56 19.87
N ARG A 18 25.63 -19.49 20.35
CA ARG A 18 24.70 -18.73 19.53
C ARG A 18 25.22 -17.43 18.90
N TYR A 19 25.74 -16.53 19.73
CA TYR A 19 26.23 -15.24 19.25
C TYR A 19 27.73 -15.14 19.03
N HIS A 20 28.44 -16.27 19.10
CA HIS A 20 29.87 -16.26 18.93
C HIS A 20 30.40 -17.30 17.95
N LEU A 21 30.42 -18.55 18.38
CA LEU A 21 30.92 -19.64 17.56
C LEU A 21 30.40 -19.67 16.12
N PRO A 22 29.07 -19.51 15.92
CA PRO A 22 28.52 -19.53 14.56
C PRO A 22 29.18 -18.56 13.60
N TYR A 23 29.55 -17.39 14.10
CA TYR A 23 30.20 -16.36 13.28
C TYR A 23 31.71 -16.53 13.19
N VAL A 24 32.31 -17.05 14.25
CA VAL A 24 33.75 -17.24 14.30
C VAL A 24 34.27 -18.50 13.63
N MSE A 25 33.48 -19.56 13.64
CA MSE A 25 33.91 -20.82 13.02
C MSE A 25 33.96 -20.74 11.51
O MSE A 25 34.51 -21.62 10.85
CB MSE A 25 33.02 -21.99 13.44
CG MSE A 25 33.16 -22.42 14.90
SE MSE A 25 34.99 -22.84 15.38
CE MSE A 25 35.16 -24.48 14.31
N ILE A 26 33.39 -19.69 10.94
CA ILE A 26 33.38 -19.53 9.48
C ILE A 26 34.30 -18.39 9.07
N ARG A 27 35.24 -18.04 9.94
CA ARG A 27 36.16 -16.95 9.66
C ARG A 27 37.61 -17.39 9.74
N GLU A 28 38.21 -17.64 8.58
CA GLU A 28 39.60 -18.08 8.50
C GLU A 28 40.62 -17.19 9.22
N THR A 29 40.23 -15.96 9.53
CA THR A 29 41.13 -15.04 10.22
C THR A 29 41.13 -15.27 11.73
N LEU A 30 40.05 -15.86 12.22
CA LEU A 30 39.94 -16.16 13.65
C LEU A 30 40.06 -17.66 13.87
N GLU A 31 41.08 -18.06 14.62
CA GLU A 31 41.28 -19.48 14.90
C GLU A 31 40.97 -19.79 16.37
N VAL A 32 39.90 -20.56 16.58
CA VAL A 32 39.47 -20.98 17.91
C VAL A 32 40.31 -22.19 18.28
N LYS A 33 41.09 -22.09 19.35
CA LYS A 33 41.94 -23.20 19.74
C LYS A 33 41.42 -23.96 20.96
N THR A 34 41.08 -23.24 22.02
CA THR A 34 40.60 -23.88 23.24
C THR A 34 39.31 -23.29 23.74
N ILE A 35 38.41 -24.16 24.17
CA ILE A 35 37.13 -23.76 24.73
C ILE A 35 37.15 -24.31 26.15
N PHE A 36 36.96 -23.43 27.13
CA PHE A 36 36.96 -23.86 28.52
C PHE A 36 35.56 -23.85 29.11
N ASP A 37 35.27 -24.85 29.93
CA ASP A 37 34.00 -24.95 30.62
C ASP A 37 34.01 -26.10 31.61
N LEU A 38 33.49 -25.82 32.80
CA LEU A 38 33.42 -26.80 33.88
C LEU A 38 32.53 -27.99 33.56
N HIS A 39 31.59 -27.81 32.64
CA HIS A 39 30.68 -28.88 32.27
C HIS A 39 30.41 -28.95 30.77
N VAL A 40 31.47 -29.25 30.03
CA VAL A 40 31.41 -29.35 28.58
C VAL A 40 30.38 -30.38 28.14
N ASN A 41 29.37 -29.94 27.42
CA ASN A 41 28.34 -30.84 26.90
C ASN A 41 28.99 -31.51 25.71
N GLU A 42 29.57 -32.68 25.95
CA GLU A 42 30.28 -33.41 24.90
C GLU A 42 29.60 -33.59 23.55
N LYS A 43 28.28 -33.61 23.53
CA LYS A 43 27.55 -33.77 22.28
C LYS A 43 27.71 -32.52 21.40
N ALA A 44 27.49 -31.37 21.99
CA ALA A 44 27.61 -30.11 21.26
C ALA A 44 29.06 -29.80 20.93
N ALA A 45 30.00 -30.51 21.56
CA ALA A 45 31.41 -30.28 21.32
C ALA A 45 31.97 -31.14 20.18
N ALA A 46 31.24 -32.21 19.86
CA ALA A 46 31.66 -33.12 18.82
C ALA A 46 32.07 -32.45 17.49
N PRO A 47 31.16 -31.66 16.89
CA PRO A 47 31.49 -31.00 15.62
C PRO A 47 32.68 -30.06 15.73
N PHE A 48 32.80 -29.38 16.86
CA PHE A 48 33.92 -28.47 17.07
C PHE A 48 35.22 -29.27 17.20
N LYS A 49 35.15 -30.41 17.88
CA LYS A 49 36.32 -31.26 18.04
C LYS A 49 36.76 -31.83 16.71
N GLU A 50 35.80 -32.06 15.83
CA GLU A 50 36.09 -32.60 14.50
C GLU A 50 36.82 -31.56 13.67
N LYS A 51 36.70 -30.29 14.07
CA LYS A 51 37.37 -29.22 13.36
C LYS A 51 38.65 -28.78 14.06
N GLY A 52 39.12 -29.62 14.98
CA GLY A 52 40.35 -29.31 15.69
C GLY A 52 40.25 -28.52 16.99
N VAL A 53 39.05 -28.06 17.31
CA VAL A 53 38.87 -27.29 18.54
C VAL A 53 39.14 -28.17 19.76
N ASN A 54 40.03 -27.69 20.61
CA ASN A 54 40.41 -28.40 21.82
C ASN A 54 39.54 -27.92 22.98
N PHE A 55 39.01 -28.85 23.76
CA PHE A 55 38.18 -28.49 24.90
C PHE A 55 38.90 -28.83 26.19
N THR A 56 38.54 -28.13 27.28
CA THR A 56 39.17 -28.38 28.56
C THR A 56 38.32 -27.90 29.73
N ALA A 57 38.62 -28.44 30.91
CA ALA A 57 37.91 -28.09 32.12
C ALA A 57 38.92 -27.44 33.06
N ASP A 58 40.16 -27.39 32.61
CA ASP A 58 41.23 -26.80 33.40
C ASP A 58 41.50 -25.37 32.91
N LEU A 59 40.77 -24.41 33.50
CA LEU A 59 40.89 -23.01 33.13
C LEU A 59 42.34 -22.55 33.04
N ASN A 60 43.17 -23.07 33.93
CA ASN A 60 44.57 -22.68 33.94
C ASN A 60 45.34 -23.09 32.67
N GLU A 61 44.90 -24.16 32.02
CA GLU A 61 45.59 -24.59 30.81
C GLU A 61 45.22 -23.68 29.65
N LEU A 62 44.14 -22.93 29.82
CA LEU A 62 43.71 -21.99 28.78
C LEU A 62 44.49 -20.69 28.97
N LEU A 63 44.41 -20.14 30.19
CA LEU A 63 45.08 -18.89 30.52
C LEU A 63 46.59 -18.89 30.35
N THR A 64 47.21 -20.07 30.45
CA THR A 64 48.66 -20.16 30.32
C THR A 64 49.13 -20.57 28.93
N ASP A 65 48.20 -20.74 28.00
CA ASP A 65 48.57 -21.14 26.64
C ASP A 65 49.24 -19.95 25.97
N PRO A 66 50.54 -20.07 25.67
CA PRO A 66 51.24 -18.97 25.02
C PRO A 66 50.72 -18.68 23.62
N GLU A 67 50.12 -19.68 22.99
CA GLU A 67 49.59 -19.54 21.63
C GLU A 67 48.34 -18.66 21.56
N ILE A 68 47.51 -18.74 22.60
CA ILE A 68 46.27 -17.99 22.64
C ILE A 68 46.49 -16.50 22.92
N GLU A 69 45.93 -15.67 22.04
CA GLU A 69 46.07 -14.22 22.15
C GLU A 69 44.81 -13.51 22.61
N LEU A 70 43.66 -14.06 22.24
CA LEU A 70 42.38 -13.45 22.58
C LEU A 70 41.42 -14.41 23.30
N ILE A 71 40.76 -13.91 24.33
CA ILE A 71 39.81 -14.69 25.10
C ILE A 71 38.45 -14.00 25.21
N THR A 72 37.38 -14.76 25.01
CA THR A 72 36.01 -14.23 25.10
C THR A 72 35.28 -14.90 26.27
N ILE A 73 34.80 -14.09 27.21
CA ILE A 73 34.10 -14.59 28.39
C ILE A 73 32.58 -14.62 28.19
N CYS A 74 32.00 -15.82 28.25
CA CYS A 74 30.56 -16.02 28.07
C CYS A 74 29.88 -16.70 29.25
N THR A 75 30.56 -16.78 30.39
CA THR A 75 29.97 -17.40 31.56
C THR A 75 29.03 -16.43 32.30
N PRO A 76 28.36 -16.92 33.35
CA PRO A 76 27.44 -16.08 34.13
C PRO A 76 27.98 -14.71 34.52
N ALA A 77 27.13 -13.70 34.36
CA ALA A 77 27.46 -12.31 34.64
C ALA A 77 28.36 -12.03 35.86
N HIS A 78 27.98 -12.58 37.02
CA HIS A 78 28.74 -12.33 38.25
C HIS A 78 30.22 -12.71 38.21
N THR A 79 30.59 -13.58 37.27
CA THR A 79 31.98 -14.01 37.17
C THR A 79 32.82 -13.17 36.22
N HIS A 80 32.21 -12.16 35.61
CA HIS A 80 32.94 -11.33 34.65
C HIS A 80 34.12 -10.50 35.17
N TYR A 81 33.99 -9.90 36.33
CA TYR A 81 35.08 -9.10 36.89
C TYR A 81 36.33 -9.94 37.18
N ASP A 82 36.18 -10.98 37.99
CA ASP A 82 37.29 -11.86 38.36
C ASP A 82 37.94 -12.57 37.19
N LEU A 83 37.12 -13.12 36.30
CA LEU A 83 37.64 -13.83 35.15
C LEU A 83 38.41 -12.90 34.23
N ALA A 84 37.82 -11.74 33.93
CA ALA A 84 38.47 -10.77 33.07
C ALA A 84 39.82 -10.35 33.66
N LYS A 85 39.87 -10.14 34.97
CA LYS A 85 41.11 -9.76 35.62
C LYS A 85 42.15 -10.88 35.48
N GLN A 86 41.70 -12.12 35.59
CA GLN A 86 42.61 -13.26 35.45
C GLN A 86 43.19 -13.33 34.04
N ALA A 87 42.32 -13.18 33.05
CA ALA A 87 42.74 -13.24 31.66
C ALA A 87 43.78 -12.15 31.37
N ILE A 88 43.56 -10.97 31.94
CA ILE A 88 44.46 -9.86 31.73
C ILE A 88 45.83 -10.15 32.35
N LEU A 89 45.84 -10.60 33.59
CA LEU A 89 47.09 -10.93 34.28
C LEU A 89 47.90 -11.94 33.48
N ALA A 90 47.19 -12.86 32.83
CA ALA A 90 47.84 -13.88 32.01
C ALA A 90 48.36 -13.27 30.73
N GLY A 91 48.09 -11.99 30.52
CA GLY A 91 48.56 -11.30 29.33
C GLY A 91 47.72 -11.47 28.08
N LYS A 92 46.43 -11.73 28.24
CA LYS A 92 45.54 -11.90 27.09
C LYS A 92 44.60 -10.72 26.87
N SER A 93 44.16 -10.53 25.64
CA SER A 93 43.19 -9.48 25.32
C SER A 93 41.86 -10.17 25.63
N VAL A 94 40.88 -9.43 26.12
CA VAL A 94 39.61 -10.07 26.46
C VAL A 94 38.33 -9.38 26.01
N ILE A 95 37.43 -10.18 25.45
CA ILE A 95 36.12 -9.72 25.00
C ILE A 95 35.18 -10.21 26.11
N VAL A 96 34.54 -9.27 26.80
CA VAL A 96 33.64 -9.63 27.90
C VAL A 96 32.16 -9.42 27.56
N GLU A 97 31.39 -10.50 27.57
CA GLU A 97 29.96 -10.43 27.30
C GLU A 97 29.34 -9.59 28.42
N LYS A 98 28.31 -8.82 28.11
CA LYS A 98 27.68 -7.99 29.13
C LYS A 98 27.20 -8.83 30.30
N PRO A 99 27.33 -8.31 31.54
CA PRO A 99 27.91 -6.99 31.83
C PRO A 99 29.43 -7.05 31.81
N PHE A 100 30.05 -5.92 31.52
CA PHE A 100 31.49 -5.85 31.48
C PHE A 100 32.03 -6.13 32.89
N CYS A 101 31.44 -5.46 33.88
CA CYS A 101 31.82 -5.62 35.29
C CYS A 101 30.56 -5.51 36.11
N ASP A 102 30.72 -5.34 37.41
CA ASP A 102 29.60 -5.19 38.31
C ASP A 102 29.52 -3.74 38.75
N THR A 103 30.65 -3.04 38.73
CA THR A 103 30.66 -1.64 39.13
C THR A 103 31.47 -0.77 38.17
N LEU A 104 31.19 0.53 38.17
CA LEU A 104 31.91 1.44 37.30
C LEU A 104 33.37 1.37 37.72
N GLU A 105 33.60 1.43 39.03
CA GLU A 105 34.94 1.37 39.59
C GLU A 105 35.67 0.12 39.07
N HIS A 106 35.00 -1.03 39.13
CA HIS A 106 35.61 -2.26 38.65
C HIS A 106 35.92 -2.18 37.16
N ALA A 107 35.05 -1.50 36.42
CA ALA A 107 35.25 -1.35 34.97
C ALA A 107 36.48 -0.49 34.70
N GLU A 108 36.65 0.57 35.48
CA GLU A 108 37.80 1.45 35.33
C GLU A 108 39.07 0.66 35.58
N GLU A 109 39.05 -0.09 36.68
CA GLU A 109 40.18 -0.92 37.08
C GLU A 109 40.54 -1.90 35.98
N LEU A 110 39.53 -2.53 35.39
CA LEU A 110 39.75 -3.49 34.33
C LEU A 110 40.48 -2.87 33.14
N PHE A 111 40.09 -1.65 32.77
CA PHE A 111 40.73 -0.98 31.65
C PHE A 111 42.16 -0.57 32.00
N ALA A 112 42.37 -0.18 33.25
CA ALA A 112 43.69 0.23 33.72
C ALA A 112 44.66 -0.96 33.68
N LEU A 113 44.19 -2.12 34.12
CA LEU A 113 44.99 -3.33 34.15
C LEU A 113 45.37 -3.75 32.73
N GLY A 114 44.48 -3.47 31.79
CA GLY A 114 44.73 -3.81 30.40
C GLY A 114 45.76 -2.86 29.81
N GLN A 115 45.57 -1.57 30.06
CA GLN A 115 46.50 -0.56 29.55
C GLN A 115 47.91 -0.94 29.98
N GLU A 116 48.04 -1.30 31.26
CA GLU A 116 49.32 -1.66 31.85
C GLU A 116 49.91 -2.92 31.24
N LYS A 117 49.08 -3.95 31.05
CA LYS A 117 49.53 -5.22 30.47
C LYS A 117 49.75 -5.14 28.97
N GLY A 118 49.28 -4.07 28.35
CA GLY A 118 49.45 -3.92 26.91
C GLY A 118 48.46 -4.70 26.07
N VAL A 119 47.36 -5.14 26.66
CA VAL A 119 46.36 -5.90 25.93
C VAL A 119 45.05 -5.13 25.80
N VAL A 120 44.19 -5.62 24.91
CA VAL A 120 42.90 -4.97 24.69
C VAL A 120 41.82 -5.57 25.58
N VAL A 121 41.00 -4.71 26.15
CA VAL A 121 39.91 -5.16 27.00
C VAL A 121 38.66 -4.41 26.56
N MSE A 122 37.61 -5.14 26.20
CA MSE A 122 36.38 -4.49 25.75
C MSE A 122 35.15 -5.35 25.95
O MSE A 122 35.19 -6.58 25.87
CB MSE A 122 36.41 -4.20 24.25
CG MSE A 122 37.67 -3.63 23.70
SE MSE A 122 37.37 -3.55 21.80
CE MSE A 122 37.63 -5.46 21.43
N PRO A 123 34.01 -4.69 26.20
CA PRO A 123 32.77 -5.45 26.39
C PRO A 123 32.29 -5.85 24.99
N TYR A 124 31.52 -6.93 24.93
CA TYR A 124 30.99 -7.39 23.65
C TYR A 124 29.78 -6.54 23.28
N GLN A 125 29.90 -5.77 22.19
CA GLN A 125 28.80 -4.93 21.73
C GLN A 125 28.45 -5.36 20.32
N ASN A 126 27.78 -6.49 20.20
CA ASN A 126 27.40 -7.04 18.92
C ASN A 126 26.26 -6.27 18.24
N ARG A 127 25.37 -5.67 19.03
CA ARG A 127 24.25 -4.93 18.43
C ARG A 127 24.70 -3.73 17.59
N ARG A 128 26.01 -3.44 17.61
CA ARG A 128 26.53 -2.34 16.80
C ARG A 128 26.46 -2.79 15.35
N PHE A 129 26.07 -4.05 15.15
CA PHE A 129 25.99 -4.57 13.81
C PHE A 129 24.62 -5.14 13.43
N ASP A 130 23.56 -4.62 14.04
CA ASP A 130 22.21 -5.04 13.67
C ASP A 130 22.00 -4.29 12.36
N GLY A 131 21.14 -4.81 11.49
CA GLY A 131 20.90 -4.13 10.22
C GLY A 131 20.28 -2.75 10.35
N ASP A 132 19.18 -2.67 11.10
CA ASP A 132 18.48 -1.41 11.28
C ASP A 132 19.43 -0.31 11.78
N TYR A 133 20.28 -0.63 12.74
CA TYR A 133 21.25 0.32 13.29
C TYR A 133 22.26 0.77 12.23
N LEU A 134 22.78 -0.18 11.46
CA LEU A 134 23.73 0.15 10.41
C LEU A 134 23.10 1.07 9.37
N ALA A 135 21.81 0.90 9.14
CA ALA A 135 21.10 1.73 8.18
C ALA A 135 21.11 3.19 8.66
N MSE A 136 20.68 3.44 9.91
CA MSE A 136 20.64 4.81 10.39
C MSE A 136 22.05 5.39 10.57
O MSE A 136 22.23 6.60 10.43
CB MSE A 136 19.81 4.93 11.68
CG MSE A 136 20.46 4.51 12.98
SE MSE A 136 21.53 5.90 13.81
CE MSE A 136 23.13 4.82 13.93
N LYS A 137 23.03 4.53 10.82
CA LYS A 137 24.41 4.99 10.98
C LYS A 137 24.92 5.48 9.62
N GLN A 138 24.57 4.76 8.57
CA GLN A 138 24.98 5.18 7.24
C GLN A 138 24.31 6.52 6.92
N VAL A 139 23.02 6.64 7.22
CA VAL A 139 22.32 7.88 6.96
C VAL A 139 22.91 9.06 7.73
N VAL A 140 23.28 8.83 8.98
CA VAL A 140 23.86 9.91 9.76
C VAL A 140 25.18 10.34 9.13
N GLU A 141 26.04 9.37 8.83
CA GLU A 141 27.34 9.67 8.22
C GLU A 141 27.25 10.33 6.85
N GLN A 142 26.30 9.90 6.02
CA GLN A 142 26.15 10.49 4.69
C GLN A 142 25.56 11.91 4.70
N GLY A 143 25.17 12.39 5.88
CA GLY A 143 24.66 13.73 6.07
C GLY A 143 23.34 14.22 5.48
N PHE A 144 22.54 13.32 4.90
CA PHE A 144 21.26 13.71 4.32
C PHE A 144 20.40 14.61 5.22
N LEU A 145 20.26 14.21 6.47
CA LEU A 145 19.43 14.92 7.44
C LEU A 145 19.96 16.23 8.00
N GLY A 146 21.21 16.57 7.68
CA GLY A 146 21.76 17.81 8.20
C GLY A 146 22.04 17.72 9.69
N GLU A 147 21.71 18.77 10.45
CA GLU A 147 21.94 18.77 11.88
C GLU A 147 20.85 18.03 12.63
N ILE A 148 21.22 16.85 13.14
CA ILE A 148 20.32 15.99 13.85
C ILE A 148 19.87 16.55 15.20
N ASN A 149 18.56 16.63 15.41
CA ASN A 149 18.03 17.16 16.65
C ASN A 149 17.46 16.07 17.56
N GLU A 150 17.27 14.88 17.02
CA GLU A 150 16.73 13.79 17.82
C GLU A 150 16.78 12.42 17.16
N VAL A 151 16.99 11.40 17.97
CA VAL A 151 17.01 10.01 17.49
C VAL A 151 16.22 9.20 18.51
N GLU A 152 15.30 8.36 18.05
CA GLU A 152 14.55 7.51 18.97
C GLU A 152 14.84 6.08 18.58
N THR A 153 15.15 5.26 19.57
CA THR A 153 15.49 3.88 19.30
C THR A 153 14.73 2.99 20.25
N HIS A 154 14.11 1.95 19.71
CA HIS A 154 13.31 1.03 20.50
C HIS A 154 13.68 -0.43 20.42
N ILE A 155 13.10 -1.17 21.37
CA ILE A 155 13.18 -2.61 21.50
C ILE A 155 11.97 -2.89 22.38
N ASP A 156 10.79 -3.02 21.75
CA ASP A 156 9.56 -3.27 22.47
C ASP A 156 9.08 -4.70 22.24
N TYR A 157 8.10 -5.12 23.04
CA TYR A 157 7.53 -6.45 22.94
C TYR A 157 6.05 -6.37 23.28
N TYR A 158 5.32 -7.43 22.96
CA TYR A 158 3.94 -7.49 23.39
C TYR A 158 3.90 -8.76 24.23
N ARG A 159 4.39 -8.65 25.45
CA ARG A 159 4.44 -9.76 26.38
C ARG A 159 3.82 -9.36 27.71
N PRO A 160 2.53 -9.03 27.73
CA PRO A 160 1.86 -8.63 28.97
C PRO A 160 1.99 -9.77 29.99
N GLY A 161 2.31 -9.41 31.23
CA GLY A 161 2.46 -10.39 32.29
C GLY A 161 3.73 -11.23 32.29
N SER A 162 4.69 -10.90 31.43
CA SER A 162 5.93 -11.68 31.37
C SER A 162 6.93 -11.38 32.48
N ILE A 163 6.88 -10.18 33.04
CA ILE A 163 7.82 -9.80 34.09
C ILE A 163 7.07 -9.35 35.33
N THR A 164 7.02 -10.23 36.33
CA THR A 164 6.27 -9.93 37.54
C THR A 164 6.98 -10.07 38.87
N GLU A 165 8.27 -10.37 38.85
CA GLU A 165 8.98 -10.54 40.11
C GLU A 165 10.07 -9.55 40.40
N GLN A 166 10.18 -9.21 41.69
CA GLN A 166 11.18 -8.28 42.18
C GLN A 166 12.57 -8.80 41.89
N GLY A 167 13.53 -7.91 41.78
CA GLY A 167 14.89 -8.31 41.51
C GLY A 167 15.81 -7.10 41.52
N PRO A 168 17.13 -7.31 41.50
CA PRO A 168 18.05 -6.18 41.49
C PRO A 168 17.99 -5.49 40.14
N LYS A 169 18.75 -4.41 39.98
CA LYS A 169 18.75 -3.66 38.72
C LYS A 169 19.30 -4.48 37.54
N GLU A 170 20.28 -5.32 37.82
CA GLU A 170 20.90 -6.13 36.78
C GLU A 170 19.90 -7.05 36.06
N ASN A 171 18.78 -7.36 36.71
CA ASN A 171 17.77 -8.24 36.12
C ASN A 171 16.68 -7.54 35.32
N GLY A 172 16.74 -6.21 35.26
CA GLY A 172 15.72 -5.44 34.55
C GLY A 172 15.97 -5.23 33.06
N SER A 173 15.04 -4.54 32.41
CA SER A 173 15.14 -4.25 30.99
C SER A 173 16.18 -3.18 30.69
N PHE A 174 16.34 -2.23 31.61
CA PHE A 174 17.32 -1.19 31.37
C PHE A 174 18.73 -1.77 31.28
N TYR A 175 19.05 -2.73 32.15
CA TYR A 175 20.37 -3.36 32.14
C TYR A 175 20.44 -4.46 31.09
N GLY A 176 19.29 -5.00 30.72
CA GLY A 176 19.25 -6.07 29.74
C GLY A 176 19.22 -5.62 28.29
N LEU A 177 18.49 -4.54 28.01
CA LEU A 177 18.36 -4.02 26.65
C LEU A 177 18.88 -2.58 26.52
N GLY A 178 18.72 -1.80 27.59
CA GLY A 178 19.16 -0.42 27.58
C GLY A 178 20.64 -0.32 27.26
N ILE A 179 21.41 -1.24 27.81
CA ILE A 179 22.83 -1.25 27.58
C ILE A 179 23.16 -1.28 26.08
N HIS A 180 22.53 -2.19 25.34
CA HIS A 180 22.78 -2.29 23.90
C HIS A 180 22.31 -1.08 23.10
N LEU A 181 21.12 -0.57 23.42
CA LEU A 181 20.61 0.58 22.71
C LEU A 181 21.48 1.82 22.92
N MSE A 182 21.89 2.06 24.16
CA MSE A 182 22.74 3.19 24.48
C MSE A 182 24.17 3.08 23.96
O MSE A 182 24.72 4.05 23.46
CB MSE A 182 22.78 3.42 25.99
CG MSE A 182 21.46 3.82 26.57
SE MSE A 182 21.68 4.49 28.39
CE MSE A 182 22.46 2.86 29.13
N ASP A 183 24.76 1.90 24.06
CA ASP A 183 26.13 1.72 23.58
C ASP A 183 26.28 2.17 22.13
N ARG A 184 25.42 1.67 21.26
CA ARG A 184 25.53 2.03 19.86
C ARG A 184 25.26 3.49 19.59
N MSE A 185 24.42 4.12 20.40
CA MSE A 185 24.13 5.54 20.21
C MSE A 185 25.33 6.34 20.70
O MSE A 185 25.79 7.26 20.02
CB MSE A 185 22.87 5.98 20.98
CG MSE A 185 21.56 5.46 20.42
SE MSE A 185 21.58 5.54 18.47
CE MSE A 185 21.34 7.46 18.32
N ILE A 186 25.82 5.99 21.87
CA ILE A 186 26.96 6.65 22.48
C ILE A 186 28.18 6.53 21.58
N ALA A 187 28.26 5.45 20.82
CA ALA A 187 29.39 5.23 19.92
C ALA A 187 29.29 6.19 18.75
N LEU A 188 28.09 6.65 18.48
CA LEU A 188 27.86 7.54 17.36
C LEU A 188 27.89 9.04 17.70
N PHE A 189 27.35 9.40 18.87
CA PHE A 189 27.31 10.80 19.27
C PHE A 189 28.20 11.19 20.42
N GLY A 190 28.88 10.23 21.02
CA GLY A 190 29.75 10.54 22.14
C GLY A 190 29.07 10.57 23.49
N ARG A 191 29.73 11.22 24.44
CA ARG A 191 29.24 11.33 25.81
C ARG A 191 28.27 12.50 25.99
N PRO A 192 27.04 12.23 26.48
CA PRO A 192 26.01 13.26 26.72
C PRO A 192 26.30 13.98 28.05
N ASP A 193 25.85 15.22 28.19
CA ASP A 193 26.11 15.93 29.45
C ASP A 193 25.14 15.57 30.58
N GLN A 194 23.91 15.20 30.22
CA GLN A 194 22.92 14.81 31.22
C GLN A 194 21.93 13.77 30.69
N VAL A 195 21.28 13.07 31.61
CA VAL A 195 20.35 12.03 31.27
C VAL A 195 19.09 12.03 32.13
N THR A 196 17.95 11.79 31.50
CA THR A 196 16.69 11.76 32.23
C THR A 196 16.20 10.30 32.23
N TYR A 197 15.64 9.87 33.35
CA TYR A 197 15.19 8.49 33.43
C TYR A 197 13.73 8.34 33.81
N ASP A 198 13.11 7.33 33.21
CA ASP A 198 11.75 6.94 33.48
C ASP A 198 11.86 5.42 33.39
N ILE A 199 12.25 4.82 34.51
CA ILE A 199 12.45 3.37 34.62
C ILE A 199 11.45 2.82 35.62
N ARG A 200 10.74 1.76 35.24
CA ARG A 200 9.75 1.16 36.12
C ARG A 200 9.14 -0.07 35.48
N ASN A 201 8.18 -0.67 36.17
CA ASN A 201 7.48 -1.81 35.63
C ASN A 201 6.04 -1.34 35.54
N ASN A 202 5.54 -1.16 34.33
CA ASN A 202 4.18 -0.66 34.13
C ASN A 202 3.07 -1.67 34.36
N GLU A 203 3.41 -2.80 34.98
CA GLU A 203 2.42 -3.84 35.26
C GLU A 203 2.40 -4.18 36.75
N VAL A 204 3.57 -4.49 37.28
CA VAL A 204 3.70 -4.84 38.69
C VAL A 204 4.65 -3.87 39.37
N SER A 205 4.04 -2.92 40.07
CA SER A 205 4.71 -1.86 40.79
C SER A 205 6.05 -2.20 41.47
N GLU A 206 6.09 -3.26 42.26
CA GLU A 206 7.31 -3.61 42.96
C GLU A 206 8.28 -4.52 42.23
N ALA A 207 7.86 -5.07 41.09
CA ALA A 207 8.72 -5.96 40.31
C ALA A 207 9.85 -5.21 39.58
N VAL A 208 10.85 -5.96 39.13
CA VAL A 208 11.96 -5.35 38.44
C VAL A 208 11.44 -4.65 37.18
N ASP A 209 12.18 -3.68 36.67
CA ASP A 209 11.72 -2.90 35.53
C ASP A 209 11.57 -3.60 34.18
N ASN A 210 10.45 -3.35 33.52
CA ASN A 210 10.19 -3.93 32.22
C ASN A 210 9.81 -2.76 31.31
N TYR A 211 10.30 -1.59 31.68
CA TYR A 211 10.01 -0.38 30.93
C TYR A 211 10.99 0.74 31.25
N PHE A 212 11.41 1.44 30.20
CA PHE A 212 12.27 2.59 30.37
C PHE A 212 12.12 3.51 29.15
N ASP A 213 12.26 4.80 29.43
CA ASP A 213 12.18 5.87 28.43
C ASP A 213 13.26 6.80 28.97
N VAL A 214 14.47 6.63 28.45
CA VAL A 214 15.65 7.37 28.86
C VAL A 214 16.19 8.29 27.78
N ASP A 215 16.43 9.56 28.14
CA ASP A 215 16.94 10.55 27.20
C ASP A 215 18.39 10.94 27.46
N LEU A 216 19.19 10.91 26.40
CA LEU A 216 20.60 11.30 26.49
C LEU A 216 20.71 12.67 25.83
N HIS A 217 20.93 13.69 26.65
CA HIS A 217 21.01 15.05 26.18
C HIS A 217 22.40 15.51 25.76
N TYR A 218 22.49 16.05 24.55
CA TYR A 218 23.74 16.59 24.00
C TYR A 218 23.48 18.07 23.82
N GLY A 219 23.88 18.87 24.79
CA GLY A 219 23.63 20.30 24.70
C GLY A 219 22.13 20.52 24.65
N SER A 220 21.67 21.39 23.75
CA SER A 220 20.26 21.69 23.62
C SER A 220 19.75 21.34 22.24
N LYS A 221 20.68 21.15 21.31
CA LYS A 221 20.35 20.83 19.94
C LYS A 221 19.96 19.39 19.69
N LEU A 222 20.58 18.47 20.42
CA LEU A 222 20.32 17.05 20.22
C LEU A 222 19.99 16.21 21.45
N LYS A 223 19.09 15.24 21.23
CA LYS A 223 18.67 14.32 22.27
C LYS A 223 18.48 12.92 21.69
N VAL A 224 18.89 11.90 22.43
CA VAL A 224 18.72 10.52 21.99
C VAL A 224 17.85 9.80 23.02
N LYS A 225 16.78 9.17 22.54
CA LYS A 225 15.87 8.45 23.40
C LYS A 225 15.93 6.95 23.20
N VAL A 226 16.23 6.23 24.28
CA VAL A 226 16.29 4.76 24.26
C VAL A 226 15.01 4.34 24.97
N LYS A 227 14.28 3.39 24.39
CA LYS A 227 13.00 3.01 24.97
C LYS A 227 12.59 1.55 24.84
N THR A 228 11.91 1.05 25.88
CA THR A 228 11.41 -0.31 25.92
C THR A 228 10.11 -0.38 26.70
N ASN A 229 9.17 -1.15 26.18
CA ASN A 229 7.86 -1.32 26.81
C ASN A 229 7.47 -2.76 26.46
N HIS A 230 6.99 -3.51 27.46
CA HIS A 230 6.60 -4.88 27.22
C HIS A 230 5.13 -5.08 26.90
N SER A 231 4.44 -3.97 26.63
CA SER A 231 3.02 -4.03 26.27
C SER A 231 2.71 -3.16 25.06
N VAL A 232 3.31 -3.51 23.93
CA VAL A 232 3.12 -2.78 22.67
C VAL A 232 2.69 -3.74 21.58
N ALA A 233 1.44 -3.63 21.15
CA ALA A 233 0.89 -4.50 20.11
C ALA A 233 1.27 -4.03 18.70
N SER A 234 1.24 -2.72 18.49
CA SER A 234 1.58 -2.14 17.21
C SER A 234 2.89 -1.36 17.38
N PRO A 235 3.99 -1.88 16.81
CA PRO A 235 5.37 -1.38 16.82
C PRO A 235 5.66 0.07 16.50
N TYR A 236 6.61 0.64 17.23
CA TYR A 236 7.05 1.99 16.96
C TYR A 236 8.10 1.75 15.89
N PRO A 237 8.59 2.82 15.26
CA PRO A 237 9.62 2.54 14.26
C PRO A 237 10.80 2.01 15.08
N ARG A 238 11.67 1.21 14.48
CA ARG A 238 12.80 0.68 15.21
C ARG A 238 13.78 1.84 15.46
N PHE A 239 13.82 2.77 14.51
CA PHE A 239 14.66 3.95 14.58
C PHE A 239 13.92 5.15 14.00
N ILE A 240 14.05 6.30 14.65
CA ILE A 240 13.46 7.53 14.18
C ILE A 240 14.58 8.55 14.32
N VAL A 241 14.84 9.28 13.24
CA VAL A 241 15.88 10.30 13.26
C VAL A 241 15.36 11.56 12.58
N HIS A 242 15.53 12.70 13.24
CA HIS A 242 15.08 13.95 12.66
C HIS A 242 16.20 14.99 12.71
N GLY A 243 16.44 15.63 11.57
CA GLY A 243 17.47 16.65 11.50
C GLY A 243 16.90 17.88 10.81
N SER A 244 17.72 18.89 10.66
CA SER A 244 17.30 20.13 10.01
C SER A 244 16.88 20.01 8.54
N ASN A 245 17.43 19.04 7.81
CA ASN A 245 17.09 18.88 6.40
C ASN A 245 16.24 17.66 6.10
N GLY A 246 15.94 16.84 7.10
CA GLY A 246 15.15 15.67 6.82
C GLY A 246 14.89 14.70 7.95
N SER A 247 14.33 13.55 7.59
CA SER A 247 13.98 12.50 8.54
C SER A 247 14.31 11.11 8.00
N PHE A 248 14.47 10.17 8.92
CA PHE A 248 14.73 8.79 8.56
C PHE A 248 13.90 7.94 9.52
N ILE A 249 13.07 7.07 8.95
CA ILE A 249 12.23 6.18 9.75
C ILE A 249 12.50 4.75 9.30
N LYS A 250 12.76 3.86 10.25
CA LYS A 250 13.05 2.48 9.92
C LYS A 250 12.25 1.52 10.80
N TYR A 251 11.44 0.69 10.16
CA TYR A 251 10.62 -0.31 10.84
C TYR A 251 11.28 -1.68 10.63
N GLY A 252 11.06 -2.61 11.56
CA GLY A 252 11.62 -3.93 11.42
C GLY A 252 13.01 -4.14 12.02
N GLU A 253 13.13 -5.14 12.87
CA GLU A 253 14.40 -5.44 13.54
C GLU A 253 15.26 -6.45 12.81
N ASP A 254 16.55 -6.39 13.09
CA ASP A 254 17.53 -7.31 12.53
C ASP A 254 17.02 -8.71 12.85
N GLN A 255 17.05 -9.60 11.86
CA GLN A 255 16.57 -10.97 12.05
C GLN A 255 17.63 -12.01 12.40
N GLN A 256 18.87 -11.58 12.58
CA GLN A 256 19.95 -12.51 12.92
C GLN A 256 19.61 -13.42 14.07
N GLU A 257 19.06 -12.84 15.14
CA GLU A 257 18.71 -13.61 16.32
C GLU A 257 17.62 -14.62 16.05
N ASN A 258 16.51 -14.17 15.45
CA ASN A 258 15.42 -15.07 15.14
C ASN A 258 15.91 -16.20 14.24
N ASP A 259 16.74 -15.86 13.26
CA ASP A 259 17.27 -16.87 12.36
C ASP A 259 18.12 -17.87 13.12
N LEU A 260 18.85 -17.40 14.13
CA LEU A 260 19.70 -18.27 14.92
C LEU A 260 18.85 -19.14 15.84
N LYS A 261 17.80 -18.57 16.43
CA LYS A 261 16.92 -19.33 17.32
C LYS A 261 16.08 -20.31 16.51
N ALA A 262 16.34 -20.37 15.20
CA ALA A 262 15.59 -21.26 14.33
C ALA A 262 16.49 -22.23 13.57
N GLY A 263 17.78 -22.20 13.86
CA GLY A 263 18.70 -23.12 13.22
C GLY A 263 19.40 -22.62 11.97
N ILE A 264 19.18 -21.35 11.62
CA ILE A 264 19.81 -20.80 10.44
C ILE A 264 21.13 -20.16 10.87
N MSE A 265 22.24 -20.68 10.36
CA MSE A 265 23.57 -20.17 10.70
C MSE A 265 24.02 -19.02 9.80
O MSE A 265 23.47 -18.82 8.72
CB MSE A 265 24.59 -21.30 10.61
CG MSE A 265 24.30 -22.48 11.49
SE MSE A 265 24.22 -22.00 13.35
CE MSE A 265 26.03 -22.42 13.82
N PRO A 266 25.02 -18.25 10.25
CA PRO A 266 25.56 -17.11 9.52
C PRO A 266 26.04 -17.43 8.11
N ASP A 267 26.54 -18.65 7.92
CA ASP A 267 27.05 -19.09 6.63
C ASP A 267 25.96 -19.12 5.57
N ALA A 268 24.75 -19.49 5.97
CA ALA A 268 23.61 -19.57 5.06
C ALA A 268 23.48 -18.34 4.17
N PRO A 269 23.14 -18.54 2.89
CA PRO A 269 22.99 -17.40 1.98
C PRO A 269 21.74 -16.58 2.33
N GLY A 270 21.86 -15.26 2.24
CA GLY A 270 20.74 -14.39 2.57
C GLY A 270 20.67 -14.07 4.05
N PHE A 271 21.60 -14.61 4.83
CA PHE A 271 21.63 -14.37 6.26
C PHE A 271 21.81 -12.88 6.56
N GLY A 272 21.12 -12.40 7.59
CA GLY A 272 21.24 -11.00 7.95
C GLY A 272 20.71 -10.00 6.95
N GLU A 273 20.12 -10.47 5.86
CA GLU A 273 19.56 -9.58 4.86
C GLU A 273 18.17 -9.16 5.30
N ASP A 274 17.82 -7.94 4.98
CA ASP A 274 16.53 -7.39 5.37
C ASP A 274 15.48 -7.47 4.26
N SER A 275 14.21 -7.52 4.66
CA SER A 275 13.13 -7.57 3.68
C SER A 275 12.96 -6.17 3.13
N PRO A 276 12.83 -6.03 1.79
CA PRO A 276 12.66 -4.73 1.17
C PRO A 276 11.49 -3.95 1.79
N MSE A 277 10.50 -4.69 2.32
CA MSE A 277 9.33 -4.05 2.92
C MSE A 277 9.71 -3.31 4.20
O MSE A 277 8.93 -2.49 4.69
CB MSE A 277 8.23 -5.11 3.18
CG MSE A 277 8.02 -5.57 4.63
SE MSE A 277 6.53 -6.87 4.79
CE MSE A 277 7.36 -8.06 6.10
N TYR A 278 10.89 -3.59 4.73
CA TYR A 278 11.36 -2.91 5.93
C TYR A 278 12.51 -1.94 5.65
N TYR A 279 12.85 -1.75 4.38
CA TYR A 279 13.90 -0.82 4.03
C TYR A 279 13.50 0.52 4.63
N GLY A 280 14.43 1.16 5.33
CA GLY A 280 14.12 2.44 5.95
C GLY A 280 13.94 3.53 4.90
N GLU A 281 13.25 4.61 5.29
CA GLU A 281 13.05 5.69 4.34
C GLU A 281 13.56 7.06 4.80
N VAL A 282 14.22 7.76 3.88
CA VAL A 282 14.72 9.11 4.15
C VAL A 282 13.88 10.10 3.36
N THR A 283 13.53 11.20 4.02
CA THR A 283 12.76 12.28 3.40
C THR A 283 13.58 13.51 3.71
N TYR A 284 14.22 14.09 2.69
CA TYR A 284 15.05 15.24 2.93
C TYR A 284 15.08 16.21 1.75
N ARG A 285 15.76 17.34 1.95
CA ARG A 285 15.89 18.37 0.92
C ARG A 285 17.35 18.54 0.50
N ASN A 286 17.57 18.81 -0.79
CA ASN A 286 18.92 19.03 -1.29
C ASN A 286 19.14 20.53 -1.17
N GLY A 287 20.26 21.03 -1.69
CA GLY A 287 20.54 22.45 -1.60
C GLY A 287 19.59 23.35 -2.39
N ASN A 288 18.83 22.76 -3.33
CA ASN A 288 17.90 23.53 -4.15
C ASN A 288 16.51 23.57 -3.54
N GLY A 289 16.34 22.90 -2.41
CA GLY A 289 15.04 22.88 -1.75
C GLY A 289 14.12 21.80 -2.28
N ASP A 290 14.65 20.94 -3.15
CA ASP A 290 13.83 19.87 -3.71
C ASP A 290 13.63 18.81 -2.64
N TRP A 291 12.49 18.15 -2.65
CA TRP A 291 12.24 17.11 -1.68
C TRP A 291 12.54 15.76 -2.28
N ILE A 292 13.41 15.00 -1.63
CA ILE A 292 13.77 13.67 -2.09
C ILE A 292 13.29 12.64 -1.08
N LYS A 293 12.62 11.60 -1.58
CA LYS A 293 12.13 10.52 -0.74
C LYS A 293 12.64 9.23 -1.38
N LYS A 294 13.41 8.46 -0.62
CA LYS A 294 13.94 7.21 -1.16
C LYS A 294 14.16 6.22 -0.02
N GLN A 295 14.43 4.96 -0.37
CA GLN A 295 14.65 3.93 0.62
C GLN A 295 16.15 3.72 0.80
N ILE A 296 16.55 3.23 1.98
CA ILE A 296 17.97 2.98 2.26
C ILE A 296 18.12 1.48 2.36
N LYS A 297 18.81 0.89 1.39
CA LYS A 297 19.02 -0.57 1.37
C LYS A 297 19.69 -0.98 2.68
N THR A 298 18.93 -1.69 3.53
CA THR A 298 19.45 -2.11 4.81
C THR A 298 20.80 -2.84 4.74
N PRO A 299 21.84 -2.28 5.37
CA PRO A 299 23.12 -2.97 5.30
C PRO A 299 22.96 -4.34 5.99
N VAL A 300 23.65 -5.34 5.45
CA VAL A 300 23.58 -6.71 5.97
C VAL A 300 23.99 -6.81 7.44
N GLY A 301 23.11 -7.39 8.25
CA GLY A 301 23.44 -7.53 9.65
C GLY A 301 24.39 -8.69 9.83
N ASP A 302 25.46 -8.47 10.59
CA ASP A 302 26.44 -9.52 10.87
C ASP A 302 27.24 -9.28 12.14
N TYR A 303 26.80 -9.93 13.22
CA TYR A 303 27.47 -9.79 14.51
C TYR A 303 28.95 -10.16 14.45
N GLY A 304 29.33 -10.89 13.41
CA GLY A 304 30.71 -11.29 13.25
C GLY A 304 31.65 -10.14 12.95
N ARG A 305 31.10 -9.01 12.54
CA ARG A 305 31.92 -7.84 12.24
C ARG A 305 32.58 -7.30 13.50
N TYR A 306 32.12 -7.78 14.65
CA TYR A 306 32.73 -7.36 15.91
C TYR A 306 34.10 -8.02 15.94
N TYR A 307 34.13 -9.30 15.57
CA TYR A 307 35.36 -10.05 15.56
C TYR A 307 36.29 -9.61 14.45
N ASP A 308 35.73 -9.20 13.31
CA ASP A 308 36.58 -8.72 12.23
C ASP A 308 37.31 -7.47 12.77
N ALA A 309 36.62 -6.70 13.60
CA ALA A 309 37.19 -5.49 14.18
C ALA A 309 38.30 -5.77 15.20
N VAL A 310 38.15 -6.85 15.96
CA VAL A 310 39.16 -7.21 16.95
C VAL A 310 40.41 -7.70 16.21
N TYR A 311 40.17 -8.36 15.08
CA TYR A 311 41.25 -8.88 14.25
C TYR A 311 42.03 -7.70 13.70
N GLU A 312 41.29 -6.75 13.14
CA GLU A 312 41.88 -5.56 12.55
C GLU A 312 42.66 -4.73 13.56
N THR A 313 42.32 -4.88 14.84
CA THR A 313 42.99 -4.14 15.89
C THR A 313 44.25 -4.85 16.40
N LEU A 314 44.13 -6.14 16.66
CA LEU A 314 45.25 -6.92 17.17
C LEU A 314 46.35 -7.19 16.15
N LYS A 315 45.96 -7.45 14.91
CA LYS A 315 46.92 -7.74 13.86
C LYS A 315 47.44 -6.52 13.11
N ASN A 316 46.53 -5.69 12.59
CA ASN A 316 46.92 -4.50 11.83
C ASN A 316 46.96 -3.17 12.60
N GLY A 317 46.76 -3.23 13.90
CA GLY A 317 46.79 -2.02 14.71
C GLY A 317 45.69 -0.99 14.54
N ALA A 318 44.50 -1.43 14.14
CA ALA A 318 43.36 -0.52 13.96
C ALA A 318 42.81 -0.13 15.33
N PRO A 319 42.22 1.06 15.45
CA PRO A 319 41.68 1.48 16.75
C PRO A 319 40.57 0.52 17.17
N GLN A 320 40.62 0.05 18.41
CA GLN A 320 39.60 -0.88 18.88
C GLN A 320 38.20 -0.30 18.77
N LEU A 321 37.24 -1.17 18.47
CA LEU A 321 35.85 -0.79 18.31
C LEU A 321 35.29 -0.04 19.52
N VAL A 322 35.20 -0.74 20.65
CA VAL A 322 34.67 -0.15 21.87
C VAL A 322 35.79 0.50 22.66
N THR A 323 35.72 1.82 22.81
CA THR A 323 36.73 2.58 23.53
C THR A 323 36.46 2.59 25.03
N LYS A 324 37.46 2.96 25.82
CA LYS A 324 37.29 3.01 27.26
C LYS A 324 36.17 3.98 27.60
N GLU A 325 36.19 5.12 26.91
CA GLU A 325 35.22 6.18 27.11
C GLU A 325 33.79 5.70 26.92
N GLN A 326 33.55 5.04 25.79
CA GLN A 326 32.21 4.55 25.49
C GLN A 326 31.72 3.56 26.56
N ALA A 327 32.55 2.57 26.87
CA ALA A 327 32.21 1.55 27.85
C ALA A 327 31.94 2.13 29.23
N LEU A 328 32.80 3.03 29.69
CA LEU A 328 32.63 3.65 31.00
C LEU A 328 31.44 4.62 31.02
N THR A 329 31.24 5.34 29.92
CA THR A 329 30.12 6.27 29.83
C THR A 329 28.83 5.47 29.99
N ASN A 330 28.77 4.33 29.29
CA ASN A 330 27.60 3.47 29.32
C ASN A 330 27.23 2.95 30.72
N ILE A 331 28.23 2.54 31.49
CA ILE A 331 28.00 2.02 32.84
C ILE A 331 27.64 3.14 33.81
N GLU A 332 28.26 4.30 33.66
CA GLU A 332 27.94 5.41 34.55
C GLU A 332 26.46 5.71 34.42
N ILE A 333 26.01 5.90 33.18
CA ILE A 333 24.62 6.21 32.90
C ILE A 333 23.69 5.12 33.42
N LEU A 334 24.07 3.88 33.13
CA LEU A 334 23.32 2.70 33.54
C LEU A 334 23.08 2.68 35.07
N GLU A 335 24.13 2.92 35.84
CA GLU A 335 24.02 2.92 37.30
C GLU A 335 23.33 4.14 37.85
N ALA A 336 23.58 5.29 37.23
CA ALA A 336 22.97 6.54 37.66
C ALA A 336 21.46 6.50 37.52
N GLY A 337 20.96 5.59 36.69
CA GLY A 337 19.52 5.47 36.51
C GLY A 337 18.84 4.96 37.77
N PHE A 338 19.64 4.37 38.65
CA PHE A 338 19.12 3.83 39.89
C PHE A 338 19.59 4.61 41.10
N LEU A 339 20.44 5.60 40.85
CA LEU A 339 20.97 6.44 41.93
C LEU A 339 19.83 7.08 42.72
N ASN A 340 18.84 7.61 42.02
CA ASN A 340 17.68 8.23 42.66
C ASN A 340 16.40 7.62 42.12
N PRO A 341 15.30 7.73 42.87
CA PRO A 341 14.01 7.18 42.46
C PRO A 341 13.56 7.80 41.13
N SER A 342 12.96 6.97 40.27
CA SER A 342 12.48 7.39 38.95
C SER A 342 11.10 8.04 39.06
N PRO A 343 10.83 9.07 38.23
CA PRO A 343 11.71 9.67 37.23
C PRO A 343 12.77 10.55 37.85
N SER A 344 13.93 10.63 37.23
CA SER A 344 15.01 11.44 37.76
C SER A 344 15.85 12.07 36.65
N VAL A 345 16.77 12.94 37.06
CA VAL A 345 17.69 13.62 36.15
C VAL A 345 19.09 13.45 36.71
N TYR A 346 20.05 13.26 35.82
CA TYR A 346 21.44 13.05 36.23
C TYR A 346 22.44 13.70 35.27
N HIS A 347 23.39 14.45 35.81
CA HIS A 347 24.40 15.08 34.97
C HIS A 347 25.70 14.27 34.99
N LEU A 348 26.23 14.00 33.81
CA LEU A 348 27.46 13.22 33.69
C LEU A 348 28.64 13.99 34.28
N LYS A 349 29.57 13.26 34.90
CA LYS A 349 30.74 13.85 35.55
C LYS A 349 31.65 14.70 34.67
N GLU A 350 31.68 14.43 33.36
CA GLU A 350 32.52 15.17 32.41
C GLU A 350 33.97 15.43 32.88
N LEU B 3 -35.32 28.00 23.99
CA LEU B 3 -35.18 29.22 23.16
C LEU B 3 -33.77 29.25 22.58
N THR B 4 -33.14 30.42 22.55
CA THR B 4 -31.80 30.55 22.01
C THR B 4 -30.90 31.26 23.01
N VAL B 5 -29.60 31.25 22.74
CA VAL B 5 -28.63 31.93 23.61
C VAL B 5 -28.13 33.16 22.90
N LYS B 6 -28.28 34.31 23.53
CA LYS B 6 -27.83 35.58 22.97
C LYS B 6 -26.42 35.81 23.49
N MSE B 7 -25.47 36.01 22.57
CA MSE B 7 -24.10 36.23 22.97
C MSE B 7 -23.48 37.46 22.30
O MSE B 7 -24.01 37.99 21.33
CB MSE B 7 -23.24 35.00 22.64
CG MSE B 7 -23.02 34.80 21.15
SE MSE B 7 -21.86 33.29 20.78
CE MSE B 7 -23.24 32.14 20.18
N GLY B 8 -22.37 37.92 22.85
CA GLY B 8 -21.68 39.08 22.31
C GLY B 8 -20.21 38.74 22.17
N PHE B 9 -19.48 39.51 21.37
CA PHE B 9 -18.06 39.27 21.17
C PHE B 9 -17.22 40.47 21.58
N ILE B 10 -16.15 40.19 22.29
CA ILE B 10 -15.22 41.22 22.71
C ILE B 10 -13.99 40.91 21.86
N GLY B 11 -13.91 41.57 20.71
CA GLY B 11 -12.82 41.37 19.76
C GLY B 11 -13.43 40.90 18.45
N PHE B 12 -13.03 41.52 17.35
CA PHE B 12 -13.57 41.14 16.04
C PHE B 12 -12.42 40.93 15.07
N GLY B 13 -11.30 40.44 15.60
CA GLY B 13 -10.13 40.20 14.79
C GLY B 13 -10.03 38.82 14.15
N LYS B 14 -8.80 38.45 13.81
CA LYS B 14 -8.49 37.18 13.18
C LYS B 14 -9.13 35.98 13.87
N SER B 15 -8.82 35.81 15.15
CA SER B 15 -9.32 34.70 15.95
C SER B 15 -10.85 34.54 15.92
N ALA B 16 -11.56 35.63 16.14
CA ALA B 16 -13.01 35.60 16.16
C ALA B 16 -13.62 35.26 14.80
N ASN B 17 -12.95 35.66 13.73
CA ASN B 17 -13.46 35.40 12.39
C ASN B 17 -13.09 34.02 11.83
N ARG B 18 -12.14 33.37 12.49
CA ARG B 18 -11.69 32.06 12.03
C ARG B 18 -12.15 30.87 12.86
N TYR B 19 -12.08 30.97 14.19
CA TYR B 19 -12.47 29.85 15.03
C TYR B 19 -13.81 29.99 15.73
N HIS B 20 -14.46 31.15 15.59
CA HIS B 20 -15.73 31.35 16.28
C HIS B 20 -16.96 31.62 15.42
N LEU B 21 -17.07 32.84 14.92
CA LEU B 21 -18.20 33.26 14.09
C LEU B 21 -18.66 32.25 13.03
N PRO B 22 -17.72 31.65 12.26
CA PRO B 22 -18.09 30.69 11.22
C PRO B 22 -18.92 29.52 11.74
N TYR B 23 -18.60 29.06 12.94
CA TYR B 23 -19.29 27.95 13.56
C TYR B 23 -20.59 28.40 14.24
N VAL B 24 -20.56 29.60 14.80
CA VAL B 24 -21.69 30.17 15.49
C VAL B 24 -22.75 30.75 14.57
N MSE B 25 -22.31 31.39 13.49
CA MSE B 25 -23.25 31.99 12.58
C MSE B 25 -24.12 30.93 11.90
O MSE B 25 -25.15 31.24 11.33
CB MSE B 25 -22.52 32.81 11.53
CG MSE B 25 -23.17 34.14 11.24
SE MSE B 25 -23.21 35.24 12.84
CE MSE B 25 -24.93 34.67 13.52
N ILE B 26 -23.69 29.68 12.00
CA ILE B 26 -24.40 28.55 11.40
C ILE B 26 -25.25 27.81 12.42
N ARG B 27 -25.07 28.15 13.70
CA ARG B 27 -25.83 27.50 14.75
C ARG B 27 -27.00 28.38 15.19
N GLU B 28 -28.21 27.92 14.92
CA GLU B 28 -29.39 28.68 15.27
C GLU B 28 -29.65 28.78 16.77
N THR B 29 -29.17 27.80 17.53
CA THR B 29 -29.36 27.83 18.98
C THR B 29 -28.59 28.97 19.62
N LEU B 30 -27.66 29.53 18.86
CA LEU B 30 -26.84 30.63 19.33
C LEU B 30 -27.12 31.87 18.50
N GLU B 31 -27.24 33.03 19.14
CA GLU B 31 -27.53 34.26 18.44
C GLU B 31 -26.53 35.39 18.72
N VAL B 32 -25.68 35.68 17.74
CA VAL B 32 -24.67 36.73 17.87
C VAL B 32 -25.36 38.10 17.78
N LYS B 33 -25.69 38.68 18.93
CA LYS B 33 -26.36 39.97 18.96
C LYS B 33 -25.42 41.16 18.80
N THR B 34 -24.34 41.18 19.59
CA THR B 34 -23.41 42.30 19.53
C THR B 34 -21.93 41.94 19.46
N ILE B 35 -21.19 42.69 18.66
CA ILE B 35 -19.76 42.47 18.55
C ILE B 35 -19.09 43.79 18.85
N PHE B 36 -18.09 43.74 19.74
CA PHE B 36 -17.35 44.92 20.15
C PHE B 36 -15.91 44.89 19.65
N ASP B 37 -15.41 46.06 19.29
CA ASP B 37 -14.04 46.21 18.83
C ASP B 37 -13.82 47.70 18.70
N LEU B 38 -12.65 48.15 19.14
CA LEU B 38 -12.31 49.56 19.08
C LEU B 38 -12.04 49.98 17.64
N HIS B 39 -11.65 49.03 16.81
CA HIS B 39 -11.35 49.30 15.41
C HIS B 39 -11.99 48.28 14.46
N VAL B 40 -13.31 48.21 14.49
CA VAL B 40 -14.07 47.29 13.65
C VAL B 40 -13.74 47.43 12.17
N ASN B 41 -13.36 46.33 11.53
CA ASN B 41 -13.07 46.36 10.11
C ASN B 41 -14.40 46.28 9.37
N GLU B 42 -14.92 47.44 8.96
CA GLU B 42 -16.20 47.51 8.27
C GLU B 42 -16.33 46.51 7.13
N LYS B 43 -15.26 46.35 6.36
CA LYS B 43 -15.23 45.42 5.25
C LYS B 43 -15.79 44.05 5.66
N ALA B 44 -15.14 43.44 6.65
CA ALA B 44 -15.54 42.12 7.14
C ALA B 44 -16.83 42.19 7.95
N ALA B 45 -17.11 43.35 8.52
CA ALA B 45 -18.31 43.53 9.32
C ALA B 45 -19.56 43.57 8.46
N ALA B 46 -19.40 43.96 7.21
CA ALA B 46 -20.51 44.06 6.28
C ALA B 46 -21.49 42.88 6.26
N PRO B 47 -21.00 41.67 5.94
CA PRO B 47 -21.91 40.52 5.91
C PRO B 47 -22.64 40.32 7.24
N PHE B 48 -21.93 40.55 8.34
CA PHE B 48 -22.51 40.39 9.66
C PHE B 48 -23.55 41.47 9.97
N LYS B 49 -23.31 42.71 9.52
CA LYS B 49 -24.25 43.80 9.74
C LYS B 49 -25.60 43.41 9.15
N GLU B 50 -25.56 42.77 7.99
CA GLU B 50 -26.78 42.27 7.37
C GLU B 50 -27.04 41.09 8.29
N LYS B 51 -28.12 40.34 8.08
CA LYS B 51 -28.40 39.21 8.97
C LYS B 51 -28.78 39.72 10.37
N GLY B 52 -28.37 40.93 10.70
CA GLY B 52 -28.74 41.51 11.99
C GLY B 52 -27.80 41.80 13.15
N VAL B 53 -26.54 41.36 13.11
CA VAL B 53 -25.66 41.63 14.24
C VAL B 53 -25.31 43.12 14.35
N ASN B 54 -25.22 43.60 15.58
CA ASN B 54 -24.91 45.01 15.85
C ASN B 54 -23.44 45.20 16.23
N PHE B 55 -22.78 46.19 15.65
CA PHE B 55 -21.38 46.48 15.95
C PHE B 55 -21.24 47.77 16.75
N THR B 56 -20.21 47.84 17.59
CA THR B 56 -19.98 49.01 18.43
C THR B 56 -18.57 49.05 19.01
N ALA B 57 -18.12 50.26 19.32
CA ALA B 57 -16.80 50.47 19.90
C ALA B 57 -17.00 50.85 21.36
N ASP B 58 -18.23 50.66 21.83
CA ASP B 58 -18.61 50.99 23.21
C ASP B 58 -18.77 49.74 24.06
N LEU B 59 -17.71 49.33 24.74
CA LEU B 59 -17.75 48.14 25.57
C LEU B 59 -18.93 48.12 26.53
N ASN B 60 -19.15 49.24 27.22
CA ASN B 60 -20.25 49.36 28.19
C ASN B 60 -21.59 48.97 27.57
N GLU B 61 -21.74 49.29 26.29
CA GLU B 61 -22.95 48.99 25.55
C GLU B 61 -23.18 47.48 25.51
N LEU B 62 -22.10 46.73 25.30
CA LEU B 62 -22.19 45.28 25.26
C LEU B 62 -22.36 44.71 26.67
N LEU B 63 -21.55 45.21 27.59
CA LEU B 63 -21.58 44.74 28.98
C LEU B 63 -22.91 44.93 29.70
N THR B 64 -23.58 46.04 29.43
CA THR B 64 -24.86 46.35 30.06
C THR B 64 -26.09 45.95 29.25
N ASP B 65 -25.92 45.08 28.26
CA ASP B 65 -27.05 44.63 27.46
C ASP B 65 -27.71 43.53 28.27
N PRO B 66 -28.83 43.83 28.93
CA PRO B 66 -29.57 42.87 29.75
C PRO B 66 -30.05 41.61 29.04
N GLU B 67 -30.02 41.61 27.72
CA GLU B 67 -30.49 40.45 26.98
C GLU B 67 -29.38 39.46 26.61
N ILE B 68 -28.15 39.96 26.58
CA ILE B 68 -26.98 39.15 26.26
C ILE B 68 -26.57 38.32 27.47
N GLU B 69 -26.40 37.01 27.30
CA GLU B 69 -26.00 36.18 28.44
C GLU B 69 -24.62 35.56 28.35
N LEU B 70 -24.04 35.52 27.16
CA LEU B 70 -22.71 34.94 26.98
C LEU B 70 -21.79 35.86 26.20
N ILE B 71 -20.53 35.88 26.60
CA ILE B 71 -19.53 36.71 25.94
C ILE B 71 -18.25 35.93 25.68
N THR B 72 -17.72 36.06 24.47
CA THR B 72 -16.48 35.41 24.12
C THR B 72 -15.43 36.48 23.90
N ILE B 73 -14.28 36.29 24.54
CA ILE B 73 -13.18 37.24 24.47
C ILE B 73 -12.11 36.82 23.45
N CYS B 74 -11.92 37.63 22.42
CA CYS B 74 -10.94 37.33 21.39
C CYS B 74 -9.88 38.40 21.21
N THR B 75 -9.86 39.36 22.13
CA THR B 75 -8.88 40.44 22.08
C THR B 75 -7.49 39.90 22.43
N PRO B 76 -6.43 40.68 22.16
CA PRO B 76 -5.08 40.19 22.48
C PRO B 76 -4.87 39.73 23.93
N ALA B 77 -4.00 38.74 24.07
CA ALA B 77 -3.64 38.12 25.34
C ALA B 77 -3.67 38.96 26.62
N HIS B 78 -2.88 40.03 26.65
CA HIS B 78 -2.81 40.87 27.84
C HIS B 78 -4.13 41.40 28.41
N THR B 79 -5.16 41.47 27.58
CA THR B 79 -6.44 42.02 28.01
C THR B 79 -7.41 41.04 28.69
N HIS B 80 -7.26 39.76 28.38
CA HIS B 80 -8.16 38.72 28.89
C HIS B 80 -8.62 38.77 30.33
N TYR B 81 -7.68 38.80 31.26
CA TYR B 81 -8.01 38.82 32.67
C TYR B 81 -8.94 39.98 33.04
N ASP B 82 -8.55 41.20 32.66
CA ASP B 82 -9.36 42.38 32.97
C ASP B 82 -10.74 42.32 32.32
N LEU B 83 -10.80 41.92 31.06
CA LEU B 83 -12.08 41.85 30.37
C LEU B 83 -13.00 40.77 30.95
N ALA B 84 -12.42 39.62 31.29
CA ALA B 84 -13.20 38.53 31.86
C ALA B 84 -13.91 38.99 33.14
N LYS B 85 -13.15 39.68 33.99
CA LYS B 85 -13.70 40.20 35.25
C LYS B 85 -14.85 41.16 35.00
N GLN B 86 -14.72 42.00 33.98
CA GLN B 86 -15.79 42.96 33.68
C GLN B 86 -17.06 42.27 33.22
N ALA B 87 -16.92 41.22 32.42
CA ALA B 87 -18.08 40.51 31.92
C ALA B 87 -18.77 39.77 33.07
N ILE B 88 -17.98 39.25 34.01
CA ILE B 88 -18.52 38.54 35.16
C ILE B 88 -19.22 39.55 36.06
N LEU B 89 -18.59 40.71 36.25
CA LEU B 89 -19.18 41.76 37.06
C LEU B 89 -20.53 42.15 36.45
N ALA B 90 -20.58 42.22 35.12
CA ALA B 90 -21.81 42.59 34.42
C ALA B 90 -22.80 41.42 34.39
N GLY B 91 -22.44 40.33 35.06
CA GLY B 91 -23.32 39.17 35.14
C GLY B 91 -23.52 38.30 33.91
N LYS B 92 -22.48 38.15 33.09
CA LYS B 92 -22.58 37.32 31.89
C LYS B 92 -21.61 36.15 31.95
N SER B 93 -22.00 35.01 31.38
CA SER B 93 -21.10 33.87 31.34
C SER B 93 -19.97 34.27 30.39
N VAL B 94 -18.79 33.70 30.59
CA VAL B 94 -17.63 34.08 29.79
C VAL B 94 -16.77 32.97 29.21
N ILE B 95 -16.34 33.18 27.98
CA ILE B 95 -15.45 32.24 27.28
C ILE B 95 -14.19 33.02 26.97
N VAL B 96 -13.05 32.53 27.45
CA VAL B 96 -11.78 33.20 27.23
C VAL B 96 -10.79 32.44 26.37
N GLU B 97 -10.31 33.05 25.28
CA GLU B 97 -9.32 32.39 24.45
C GLU B 97 -8.02 32.40 25.23
N LYS B 98 -7.13 31.46 24.98
CA LYS B 98 -5.87 31.44 25.69
C LYS B 98 -5.09 32.71 25.35
N PRO B 99 -4.33 33.23 26.31
CA PRO B 99 -4.19 32.70 27.66
C PRO B 99 -5.39 33.07 28.52
N PHE B 100 -5.80 32.15 29.40
CA PHE B 100 -6.92 32.39 30.31
C PHE B 100 -6.56 33.58 31.20
N CYS B 101 -5.36 33.54 31.78
CA CYS B 101 -4.83 34.59 32.65
C CYS B 101 -3.32 34.41 32.54
N ASP B 102 -2.57 35.26 33.22
CA ASP B 102 -1.14 35.10 33.17
C ASP B 102 -0.62 34.49 34.47
N THR B 103 -1.49 34.35 35.47
CA THR B 103 -1.12 33.74 36.75
C THR B 103 -2.19 32.76 37.21
N LEU B 104 -1.76 31.73 37.95
CA LEU B 104 -2.65 30.71 38.48
C LEU B 104 -3.64 31.34 39.47
N GLU B 105 -3.16 32.33 40.22
CA GLU B 105 -3.99 33.02 41.21
C GLU B 105 -5.18 33.67 40.51
N HIS B 106 -4.89 34.39 39.42
CA HIS B 106 -5.91 35.06 38.65
C HIS B 106 -6.91 34.07 38.06
N ALA B 107 -6.44 32.90 37.69
CA ALA B 107 -7.31 31.88 37.15
C ALA B 107 -8.29 31.49 38.25
N GLU B 108 -7.76 31.25 39.45
CA GLU B 108 -8.58 30.89 40.59
C GLU B 108 -9.69 31.91 40.79
N GLU B 109 -9.31 33.18 40.79
CA GLU B 109 -10.25 34.27 40.99
C GLU B 109 -11.34 34.33 39.93
N LEU B 110 -10.97 34.11 38.67
CA LEU B 110 -11.95 34.14 37.59
C LEU B 110 -12.99 33.05 37.81
N PHE B 111 -12.58 31.91 38.36
CA PHE B 111 -13.51 30.82 38.63
C PHE B 111 -14.36 31.14 39.86
N ALA B 112 -13.79 31.86 40.82
CA ALA B 112 -14.50 32.24 42.05
C ALA B 112 -15.60 33.24 41.71
N LEU B 113 -15.19 34.34 41.08
CA LEU B 113 -16.12 35.40 40.68
C LEU B 113 -17.27 34.82 39.89
N GLY B 114 -16.95 33.86 39.02
CA GLY B 114 -17.98 33.24 38.21
C GLY B 114 -18.97 32.49 39.07
N GLN B 115 -18.45 31.80 40.07
CA GLN B 115 -19.29 31.04 40.97
C GLN B 115 -20.07 31.96 41.90
N GLU B 116 -19.43 33.06 42.30
CA GLU B 116 -20.07 34.02 43.19
C GLU B 116 -21.13 34.87 42.48
N LYS B 117 -21.12 34.84 41.15
CA LYS B 117 -22.08 35.61 40.39
C LYS B 117 -23.07 34.72 39.69
N GLY B 118 -22.91 33.41 39.86
CA GLY B 118 -23.82 32.48 39.23
C GLY B 118 -23.68 32.38 37.71
N VAL B 119 -22.45 32.48 37.21
CA VAL B 119 -22.23 32.39 35.76
C VAL B 119 -21.06 31.47 35.41
N VAL B 120 -21.06 30.94 34.20
CA VAL B 120 -19.99 30.05 33.77
C VAL B 120 -18.80 30.82 33.22
N VAL B 121 -17.60 30.42 33.64
CA VAL B 121 -16.36 31.04 33.18
C VAL B 121 -15.48 29.89 32.76
N MSE B 122 -15.01 29.91 31.51
CA MSE B 122 -14.18 28.83 31.02
C MSE B 122 -13.18 29.23 29.95
O MSE B 122 -13.40 30.17 29.19
CB MSE B 122 -15.02 27.71 30.41
CG MSE B 122 -16.21 27.26 31.20
SE MSE B 122 -17.00 25.74 30.27
CE MSE B 122 -17.90 26.75 28.84
N PRO B 123 -12.05 28.51 29.89
CA PRO B 123 -11.02 28.79 28.89
C PRO B 123 -11.61 28.18 27.62
N TYR B 124 -11.29 28.76 26.47
CA TYR B 124 -11.76 28.22 25.20
C TYR B 124 -10.82 27.08 24.86
N GLN B 125 -11.34 25.85 24.83
CA GLN B 125 -10.52 24.70 24.52
C GLN B 125 -11.14 23.98 23.32
N ASN B 126 -11.00 24.57 22.14
CA ASN B 126 -11.57 24.00 20.92
C ASN B 126 -10.91 22.71 20.47
N ARG B 127 -9.65 22.50 20.84
CA ARG B 127 -8.94 21.29 20.44
C ARG B 127 -9.51 20.01 21.05
N ARG B 128 -10.50 20.14 21.91
CA ARG B 128 -11.14 18.98 22.51
C ARG B 128 -12.03 18.37 21.44
N PHE B 129 -12.15 19.07 20.32
CA PHE B 129 -12.98 18.58 19.25
C PHE B 129 -12.25 18.36 17.93
N ASP B 130 -10.96 18.08 18.00
CA ASP B 130 -10.20 17.76 16.80
C ASP B 130 -10.63 16.34 16.43
N GLY B 131 -10.65 16.04 15.14
CA GLY B 131 -11.06 14.72 14.70
C GLY B 131 -10.24 13.59 15.30
N ASP B 132 -8.92 13.65 15.15
CA ASP B 132 -8.02 12.63 15.68
C ASP B 132 -8.15 12.44 17.19
N TYR B 133 -8.28 13.54 17.94
CA TYR B 133 -8.42 13.42 19.37
C TYR B 133 -9.70 12.67 19.71
N LEU B 134 -10.77 13.02 19.01
CA LEU B 134 -12.05 12.36 19.25
C LEU B 134 -11.99 10.87 18.97
N ALA B 135 -11.20 10.48 17.96
CA ALA B 135 -11.06 9.06 17.62
C ALA B 135 -10.33 8.37 18.77
N MSE B 136 -9.27 9.02 19.24
CA MSE B 136 -8.48 8.50 20.34
C MSE B 136 -9.34 8.39 21.61
O MSE B 136 -9.32 7.36 22.29
CB MSE B 136 -7.27 9.40 20.57
CG MSE B 136 -6.34 8.99 21.69
SE MSE B 136 -6.97 9.51 23.46
CE MSE B 136 -6.97 11.42 23.14
N LYS B 137 -10.08 9.45 21.92
CA LYS B 137 -10.94 9.45 23.12
C LYS B 137 -11.99 8.35 23.07
N GLN B 138 -12.56 8.15 21.90
CA GLN B 138 -13.58 7.14 21.72
C GLN B 138 -13.02 5.74 22.00
N VAL B 139 -11.84 5.46 21.47
CA VAL B 139 -11.22 4.15 21.69
C VAL B 139 -10.97 3.91 23.18
N VAL B 140 -10.34 4.89 23.83
CA VAL B 140 -10.05 4.79 25.25
C VAL B 140 -11.31 4.57 26.08
N GLU B 141 -12.40 5.25 25.75
CA GLU B 141 -13.64 5.10 26.51
C GLU B 141 -14.35 3.76 26.23
N GLN B 142 -14.19 3.21 25.03
CA GLN B 142 -14.82 1.95 24.69
C GLN B 142 -14.15 0.71 25.30
N GLY B 143 -12.95 0.87 25.85
CA GLY B 143 -12.28 -0.25 26.49
C GLY B 143 -11.43 -1.25 25.69
N PHE B 144 -11.62 -1.32 24.38
CA PHE B 144 -10.85 -2.24 23.53
C PHE B 144 -9.46 -2.62 24.04
N LEU B 145 -8.60 -1.60 24.20
CA LEU B 145 -7.22 -1.78 24.61
C LEU B 145 -6.95 -2.17 26.05
N GLY B 146 -7.98 -2.17 26.89
CA GLY B 146 -7.79 -2.54 28.27
C GLY B 146 -7.01 -1.51 29.09
N GLU B 147 -6.22 -1.99 30.04
CA GLU B 147 -5.43 -1.12 30.91
C GLU B 147 -4.43 -0.33 30.08
N ILE B 148 -4.69 0.96 29.93
CA ILE B 148 -3.83 1.83 29.14
C ILE B 148 -2.57 2.22 29.88
N ASN B 149 -1.41 1.98 29.26
CA ASN B 149 -0.14 2.27 29.89
C ASN B 149 0.59 3.49 29.30
N GLU B 150 0.23 3.90 28.09
CA GLU B 150 0.87 5.06 27.51
C GLU B 150 0.13 5.71 26.33
N VAL B 151 0.12 7.03 26.32
CA VAL B 151 -0.48 7.77 25.23
C VAL B 151 0.52 8.84 24.85
N GLU B 152 0.86 8.89 23.57
CA GLU B 152 1.79 9.89 23.04
C GLU B 152 0.97 10.76 22.09
N THR B 153 1.11 12.08 22.22
CA THR B 153 0.37 13.03 21.40
C THR B 153 1.33 14.11 20.89
N HIS B 154 1.26 14.41 19.60
CA HIS B 154 2.14 15.39 18.96
C HIS B 154 1.46 16.58 18.26
N ILE B 155 2.31 17.56 17.93
CA ILE B 155 1.99 18.76 17.19
C ILE B 155 3.36 19.24 16.74
N ASP B 156 3.76 18.76 15.57
CA ASP B 156 5.05 19.08 14.99
C ASP B 156 4.89 19.82 13.68
N TYR B 157 6.01 20.33 13.18
CA TYR B 157 6.03 21.05 11.91
C TYR B 157 7.41 20.86 11.31
N TYR B 158 7.54 21.24 10.06
CA TYR B 158 8.85 21.22 9.44
C TYR B 158 9.04 22.67 9.06
N ARG B 159 9.37 23.49 10.05
CA ARG B 159 9.61 24.91 9.86
C ARG B 159 10.95 25.23 10.51
N PRO B 160 12.05 24.66 9.99
CA PRO B 160 13.35 24.95 10.59
C PRO B 160 13.66 26.43 10.45
N GLY B 161 14.22 27.01 11.51
CA GLY B 161 14.56 28.42 11.51
C GLY B 161 13.41 29.39 11.73
N SER B 162 12.24 28.88 12.09
CA SER B 162 11.08 29.76 12.30
C SER B 162 11.02 30.43 13.69
N ILE B 163 11.61 29.79 14.70
CA ILE B 163 11.58 30.33 16.05
C ILE B 163 13.00 30.71 16.50
N THR B 164 13.33 31.98 16.35
CA THR B 164 14.66 32.46 16.72
C THR B 164 14.61 33.55 17.78
N GLU B 165 13.42 34.08 18.02
CA GLU B 165 13.25 35.16 18.98
C GLU B 165 13.53 34.83 20.45
N GLN B 166 14.02 35.84 21.17
CA GLN B 166 14.33 35.71 22.59
C GLN B 166 13.32 36.53 23.39
N GLY B 167 12.83 35.95 24.49
CA GLY B 167 11.86 36.63 25.31
C GLY B 167 11.44 35.77 26.50
N PRO B 168 10.27 36.05 27.10
CA PRO B 168 9.75 35.32 28.26
C PRO B 168 9.05 34.01 27.90
N LYS B 169 8.85 33.17 28.91
CA LYS B 169 8.20 31.87 28.73
C LYS B 169 6.87 31.97 27.99
N GLU B 170 6.12 33.04 28.23
CA GLU B 170 4.83 33.21 27.58
C GLU B 170 4.91 33.24 26.04
N ASN B 171 6.11 33.44 25.49
CA ASN B 171 6.26 33.48 24.03
C ASN B 171 6.71 32.19 23.36
N GLY B 172 7.09 31.18 24.14
CA GLY B 172 7.56 29.91 23.57
C GLY B 172 6.44 28.94 23.20
N SER B 173 6.82 27.80 22.64
CA SER B 173 5.86 26.78 22.20
C SER B 173 5.09 26.08 23.32
N PHE B 174 5.73 25.82 24.46
CA PHE B 174 5.02 25.16 25.55
C PHE B 174 3.82 25.99 25.99
N TYR B 175 3.98 27.30 26.04
CA TYR B 175 2.87 28.17 26.43
C TYR B 175 1.85 28.36 25.31
N GLY B 176 2.29 28.18 24.08
CA GLY B 176 1.40 28.37 22.96
C GLY B 176 0.73 27.09 22.47
N LEU B 177 1.44 25.98 22.54
CA LEU B 177 0.90 24.73 22.05
C LEU B 177 0.66 23.71 23.15
N GLY B 178 1.57 23.65 24.11
CA GLY B 178 1.45 22.71 25.20
C GLY B 178 0.11 22.78 25.92
N ILE B 179 -0.42 23.99 26.05
CA ILE B 179 -1.69 24.20 26.72
C ILE B 179 -2.83 23.37 26.11
N HIS B 180 -2.90 23.32 24.78
CA HIS B 180 -3.94 22.56 24.08
C HIS B 180 -3.80 21.03 24.22
N LEU B 181 -2.59 20.53 24.02
CA LEU B 181 -2.33 19.10 24.11
C LEU B 181 -2.61 18.54 25.50
N MSE B 182 -2.12 19.21 26.53
CA MSE B 182 -2.32 18.75 27.90
C MSE B 182 -3.78 18.83 28.31
O MSE B 182 -4.30 17.91 28.95
CB MSE B 182 -1.46 19.55 28.85
CG MSE B 182 0.00 19.44 28.55
SE MSE B 182 1.03 20.06 30.09
CE MSE B 182 1.29 18.34 30.82
N ASP B 183 -4.44 19.91 27.94
CA ASP B 183 -5.84 20.12 28.29
C ASP B 183 -6.74 18.94 27.94
N ARG B 184 -6.70 18.51 26.69
CA ARG B 184 -7.56 17.40 26.29
C ARG B 184 -7.16 16.05 26.89
N MSE B 185 -5.90 15.90 27.26
CA MSE B 185 -5.44 14.64 27.87
C MSE B 185 -5.88 14.63 29.34
O MSE B 185 -6.27 13.61 29.89
CB MSE B 185 -3.93 14.50 27.76
CG MSE B 185 -3.38 14.38 26.36
SE MSE B 185 -4.44 13.17 25.22
CE MSE B 185 -4.16 11.55 26.26
N ILE B 186 -5.80 15.80 29.97
CA ILE B 186 -6.19 15.99 31.36
C ILE B 186 -7.69 15.73 31.51
N ALA B 187 -8.47 16.24 30.56
CA ALA B 187 -9.91 16.06 30.60
C ALA B 187 -10.28 14.59 30.48
N LEU B 188 -9.37 13.81 29.90
CA LEU B 188 -9.63 12.38 29.72
C LEU B 188 -9.12 11.52 30.88
N PHE B 189 -7.87 11.72 31.29
CA PHE B 189 -7.25 10.92 32.35
C PHE B 189 -7.25 11.57 33.75
N GLY B 190 -7.53 12.86 33.82
CA GLY B 190 -7.53 13.51 35.12
C GLY B 190 -6.23 14.22 35.46
N ARG B 191 -6.04 14.52 36.74
CA ARG B 191 -4.87 15.21 37.23
C ARG B 191 -3.74 14.19 37.51
N PRO B 192 -2.55 14.43 36.93
CA PRO B 192 -1.42 13.52 37.15
C PRO B 192 -0.73 13.80 38.49
N ASP B 193 0.05 12.84 39.02
CA ASP B 193 0.73 13.12 40.28
C ASP B 193 2.09 13.78 40.07
N GLN B 194 2.70 13.54 38.91
CA GLN B 194 4.00 14.17 38.60
C GLN B 194 4.21 14.38 37.11
N VAL B 195 5.08 15.33 36.78
CA VAL B 195 5.40 15.67 35.41
C VAL B 195 6.91 15.87 35.20
N THR B 196 7.41 15.49 34.03
CA THR B 196 8.83 15.67 33.72
C THR B 196 8.84 16.59 32.51
N TYR B 197 9.77 17.55 32.51
CA TYR B 197 9.85 18.49 31.41
C TYR B 197 11.17 18.47 30.65
N ASP B 198 11.07 18.67 29.35
CA ASP B 198 12.21 18.79 28.47
C ASP B 198 11.74 19.91 27.55
N ILE B 199 12.02 21.14 27.99
CA ILE B 199 11.63 22.35 27.28
C ILE B 199 12.86 23.14 26.84
N ARG B 200 12.97 23.39 25.55
CA ARG B 200 14.13 24.11 25.01
C ARG B 200 13.90 24.49 23.55
N ASN B 201 14.94 25.02 22.92
CA ASN B 201 14.90 25.41 21.52
C ASN B 201 16.07 24.67 20.86
N ASN B 202 15.77 23.66 20.05
CA ASN B 202 16.81 22.85 19.41
C ASN B 202 17.52 23.52 18.24
N GLU B 203 17.29 24.81 18.04
CA GLU B 203 17.96 25.51 16.94
C GLU B 203 18.82 26.63 17.47
N VAL B 204 18.19 27.51 18.25
CA VAL B 204 18.89 28.63 18.84
C VAL B 204 18.73 28.53 20.35
N SER B 205 19.68 27.88 20.97
CA SER B 205 19.70 27.65 22.41
C SER B 205 19.06 28.74 23.25
N GLU B 206 19.53 29.98 23.10
CA GLU B 206 19.02 31.10 23.91
C GLU B 206 17.65 31.63 23.50
N ALA B 207 17.11 31.15 22.39
CA ALA B 207 15.80 31.62 21.93
C ALA B 207 14.68 31.01 22.76
N VAL B 208 13.47 31.55 22.63
CA VAL B 208 12.34 30.99 23.36
C VAL B 208 12.19 29.55 22.86
N ASP B 209 11.65 28.68 23.70
CA ASP B 209 11.51 27.27 23.35
C ASP B 209 10.61 26.98 22.15
N ASN B 210 11.09 26.12 21.25
CA ASN B 210 10.33 25.72 20.07
C ASN B 210 10.27 24.19 20.12
N TYR B 211 10.52 23.65 21.32
CA TYR B 211 10.53 22.22 21.51
C TYR B 211 10.18 21.81 22.94
N PHE B 212 9.38 20.75 23.07
CA PHE B 212 9.07 20.23 24.39
C PHE B 212 8.64 18.77 24.34
N ASP B 213 9.03 18.03 25.37
CA ASP B 213 8.70 16.63 25.50
C ASP B 213 8.34 16.52 26.97
N VAL B 214 7.05 16.53 27.24
CA VAL B 214 6.54 16.51 28.60
C VAL B 214 5.73 15.26 28.90
N ASP B 215 6.08 14.60 29.99
CA ASP B 215 5.37 13.39 30.41
C ASP B 215 4.49 13.66 31.62
N LEU B 216 3.27 13.14 31.55
CA LEU B 216 2.31 13.26 32.64
C LEU B 216 2.18 11.86 33.24
N HIS B 217 2.68 11.68 34.45
CA HIS B 217 2.64 10.40 35.10
C HIS B 217 1.44 10.17 36.01
N TYR B 218 0.79 9.03 35.82
CA TYR B 218 -0.37 8.64 36.62
C TYR B 218 0.07 7.32 37.25
N GLY B 219 0.53 7.38 38.49
CA GLY B 219 0.97 6.16 39.16
C GLY B 219 2.22 5.62 38.47
N SER B 220 2.33 4.30 38.41
CA SER B 220 3.49 3.66 37.80
C SER B 220 3.12 2.97 36.50
N LYS B 221 1.83 2.81 36.27
CA LYS B 221 1.33 2.14 35.07
C LYS B 221 1.12 3.02 33.83
N LEU B 222 0.62 4.23 34.05
CA LEU B 222 0.29 5.12 32.95
C LEU B 222 1.03 6.44 32.81
N LYS B 223 1.36 6.77 31.57
CA LYS B 223 2.06 8.01 31.25
C LYS B 223 1.51 8.58 29.94
N VAL B 224 1.38 9.91 29.88
CA VAL B 224 0.90 10.62 28.70
C VAL B 224 1.99 11.61 28.28
N LYS B 225 2.44 11.50 27.04
CA LYS B 225 3.50 12.35 26.53
C LYS B 225 3.03 13.41 25.53
N VAL B 226 3.19 14.69 25.89
CA VAL B 226 2.82 15.78 24.98
C VAL B 226 4.12 16.29 24.35
N LYS B 227 4.16 16.32 23.03
CA LYS B 227 5.37 16.68 22.32
C LYS B 227 5.23 17.61 21.12
N THR B 228 6.22 18.50 20.97
CA THR B 228 6.30 19.45 19.87
C THR B 228 7.75 19.60 19.41
N ASN B 229 7.96 19.59 18.10
CA ASN B 229 9.29 19.72 17.50
C ASN B 229 9.02 20.47 16.21
N HIS B 230 9.79 21.53 15.97
CA HIS B 230 9.61 22.34 14.78
C HIS B 230 10.45 21.91 13.58
N SER B 231 11.11 20.75 13.71
CA SER B 231 11.94 20.21 12.61
C SER B 231 11.69 18.73 12.36
N VAL B 232 10.45 18.41 11.99
CA VAL B 232 10.06 17.02 11.71
C VAL B 232 9.53 16.91 10.29
N ALA B 233 10.36 16.38 9.40
CA ALA B 233 10.00 16.21 7.99
C ALA B 233 8.97 15.09 7.80
N SER B 234 9.27 13.92 8.36
CA SER B 234 8.37 12.78 8.26
C SER B 234 7.67 12.63 9.61
N PRO B 235 6.38 12.97 9.64
CA PRO B 235 5.44 12.95 10.77
C PRO B 235 5.39 11.73 11.67
N TYR B 236 5.17 11.99 12.96
CA TYR B 236 4.99 10.94 13.95
C TYR B 236 3.48 10.70 13.90
N PRO B 237 3.00 9.62 14.52
CA PRO B 237 1.55 9.43 14.47
C PRO B 237 1.01 10.65 15.22
N ARG B 238 -0.24 11.02 15.00
CA ARG B 238 -0.80 12.18 15.70
C ARG B 238 -1.15 11.76 17.13
N PHE B 239 -1.49 10.49 17.28
CA PHE B 239 -1.84 9.93 18.58
C PHE B 239 -1.36 8.49 18.60
N ILE B 240 -0.79 8.08 19.73
CA ILE B 240 -0.34 6.71 19.90
C ILE B 240 -0.92 6.27 21.22
N VAL B 241 -1.53 5.10 21.25
CA VAL B 241 -2.12 4.56 22.48
C VAL B 241 -1.75 3.10 22.62
N HIS B 242 -1.23 2.72 23.78
CA HIS B 242 -0.86 1.33 24.03
C HIS B 242 -1.48 0.87 25.33
N GLY B 243 -2.20 -0.25 25.27
CA GLY B 243 -2.85 -0.81 26.44
C GLY B 243 -2.48 -2.28 26.58
N SER B 244 -2.99 -2.93 27.62
CA SER B 244 -2.69 -4.33 27.86
C SER B 244 -3.25 -5.24 26.79
N ASN B 245 -4.33 -4.82 26.14
CA ASN B 245 -4.93 -5.66 25.09
C ASN B 245 -4.58 -5.23 23.68
N GLY B 246 -3.96 -4.07 23.53
CA GLY B 246 -3.65 -3.63 22.18
C GLY B 246 -3.25 -2.17 22.05
N SER B 247 -3.16 -1.73 20.80
CA SER B 247 -2.76 -0.38 20.49
C SER B 247 -3.72 0.35 19.55
N PHE B 248 -3.49 1.66 19.43
CA PHE B 248 -4.25 2.53 18.54
C PHE B 248 -3.28 3.58 18.00
N ILE B 249 -3.07 3.58 16.69
CA ILE B 249 -2.15 4.53 16.08
C ILE B 249 -2.89 5.33 15.02
N LYS B 250 -2.81 6.65 15.14
CA LYS B 250 -3.52 7.52 14.23
C LYS B 250 -2.61 8.57 13.59
N TYR B 251 -2.51 8.53 12.27
CA TYR B 251 -1.71 9.46 11.50
C TYR B 251 -2.66 10.51 10.93
N GLY B 252 -2.13 11.71 10.67
CA GLY B 252 -2.93 12.77 10.10
C GLY B 252 -3.60 13.67 11.11
N GLU B 253 -3.50 14.98 10.90
CA GLU B 253 -4.11 15.97 11.78
C GLU B 253 -5.45 16.46 11.25
N ASP B 254 -6.30 16.90 12.17
CA ASP B 254 -7.62 17.44 11.86
C ASP B 254 -7.39 18.60 10.90
N GLN B 255 -8.20 18.69 9.85
CA GLN B 255 -8.02 19.73 8.84
C GLN B 255 -8.88 21.00 8.93
N GLN B 256 -9.66 21.14 9.99
CA GLN B 256 -10.51 22.32 10.15
C GLN B 256 -9.70 23.60 10.00
N GLU B 257 -8.63 23.71 10.78
CA GLU B 257 -7.80 24.91 10.74
C GLU B 257 -7.28 25.20 9.33
N ASN B 258 -6.61 24.24 8.72
CA ASN B 258 -6.09 24.48 7.38
C ASN B 258 -7.21 24.87 6.42
N ASP B 259 -8.34 24.15 6.49
CA ASP B 259 -9.48 24.43 5.62
C ASP B 259 -9.97 25.86 5.84
N LEU B 260 -10.06 26.26 7.11
CA LEU B 260 -10.49 27.61 7.47
C LEU B 260 -9.52 28.65 6.91
N LYS B 261 -8.22 28.37 6.99
CA LYS B 261 -7.22 29.32 6.47
C LYS B 261 -7.26 29.41 4.95
N ALA B 262 -7.83 28.39 4.32
CA ALA B 262 -7.94 28.34 2.87
C ALA B 262 -9.24 29.00 2.40
N GLY B 263 -10.14 29.30 3.34
CA GLY B 263 -11.38 29.94 2.97
C GLY B 263 -12.60 29.03 2.99
N ILE B 264 -12.43 27.80 3.44
CA ILE B 264 -13.57 26.87 3.51
C ILE B 264 -14.31 27.11 4.81
N MSE B 265 -15.63 27.27 4.73
CA MSE B 265 -16.45 27.50 5.92
C MSE B 265 -17.01 26.19 6.47
O MSE B 265 -17.16 25.21 5.74
CB MSE B 265 -17.55 28.49 5.60
CG MSE B 265 -17.01 29.86 5.22
SE MSE B 265 -15.80 30.61 6.58
CE MSE B 265 -17.17 31.51 7.62
N PRO B 266 -17.31 26.14 7.79
CA PRO B 266 -17.85 24.99 8.51
C PRO B 266 -19.01 24.22 7.89
N ASP B 267 -19.74 24.85 6.96
CA ASP B 267 -20.88 24.17 6.34
C ASP B 267 -20.59 23.61 4.94
N ALA B 268 -19.34 23.73 4.49
CA ALA B 268 -18.95 23.21 3.18
C ALA B 268 -18.97 21.69 3.20
N PRO B 269 -19.25 21.08 2.03
CA PRO B 269 -19.30 19.61 1.97
C PRO B 269 -18.02 18.92 2.44
N GLY B 270 -18.18 18.03 3.41
CA GLY B 270 -17.05 17.27 3.93
C GLY B 270 -16.17 17.94 4.99
N PHE B 271 -16.58 19.13 5.43
CA PHE B 271 -15.82 19.86 6.44
C PHE B 271 -15.70 19.07 7.75
N GLY B 272 -14.47 18.93 8.24
CA GLY B 272 -14.24 18.20 9.47
C GLY B 272 -14.14 16.69 9.29
N GLU B 273 -14.49 16.21 8.09
CA GLU B 273 -14.41 14.78 7.81
C GLU B 273 -12.97 14.41 7.49
N ASP B 274 -12.54 13.29 8.06
CA ASP B 274 -11.19 12.80 7.89
C ASP B 274 -11.04 12.00 6.59
N SER B 275 -9.80 11.95 6.09
CA SER B 275 -9.48 11.19 4.88
C SER B 275 -9.37 9.71 5.24
N PRO B 276 -10.12 8.85 4.54
CA PRO B 276 -10.05 7.41 4.84
C PRO B 276 -8.62 6.91 5.06
N MSE B 277 -7.68 7.44 4.28
CA MSE B 277 -6.29 7.02 4.38
C MSE B 277 -5.64 7.41 5.71
O MSE B 277 -4.53 7.00 6.02
CB MSE B 277 -5.45 7.57 3.21
CG MSE B 277 -5.24 9.08 3.22
SE MSE B 277 -3.94 9.61 1.84
CE MSE B 277 -3.83 11.52 2.27
N TYR B 278 -6.36 8.21 6.50
CA TYR B 278 -5.85 8.62 7.80
C TYR B 278 -6.65 8.07 8.99
N TYR B 279 -7.61 7.17 8.75
CA TYR B 279 -8.37 6.59 9.85
C TYR B 279 -7.42 5.82 10.75
N GLY B 280 -7.53 6.04 12.06
CA GLY B 280 -6.67 5.34 13.00
C GLY B 280 -6.91 3.84 12.94
N GLU B 281 -5.89 3.06 13.26
CA GLU B 281 -6.05 1.61 13.25
C GLU B 281 -5.88 1.02 14.64
N VAL B 282 -6.77 0.10 15.00
CA VAL B 282 -6.72 -0.55 16.29
C VAL B 282 -6.24 -1.98 16.10
N THR B 283 -5.32 -2.42 16.96
CA THR B 283 -4.77 -3.77 16.89
C THR B 283 -4.86 -4.31 18.29
N TYR B 284 -5.76 -5.24 18.54
CA TYR B 284 -5.92 -5.78 19.87
C TYR B 284 -6.43 -7.22 19.89
N ARG B 285 -6.43 -7.81 21.08
CA ARG B 285 -6.89 -9.18 21.27
C ARG B 285 -8.11 -9.14 22.17
N ASN B 286 -9.09 -9.97 21.86
CA ASN B 286 -10.31 -10.03 22.64
C ASN B 286 -10.14 -11.09 23.74
N GLY B 287 -11.22 -11.37 24.46
CA GLY B 287 -11.18 -12.37 25.52
C GLY B 287 -10.78 -13.75 25.04
N ASN B 288 -11.08 -14.07 23.79
CA ASN B 288 -10.76 -15.38 23.23
C ASN B 288 -9.27 -15.47 22.81
N GLY B 289 -8.60 -14.32 22.75
CA GLY B 289 -7.21 -14.30 22.36
C GLY B 289 -6.99 -14.01 20.88
N ASP B 290 -8.09 -13.81 20.16
CA ASP B 290 -8.00 -13.53 18.73
C ASP B 290 -7.52 -12.11 18.49
N TRP B 291 -6.80 -11.91 17.39
CA TRP B 291 -6.31 -10.58 17.05
C TRP B 291 -7.25 -9.86 16.10
N ILE B 292 -7.80 -8.75 16.57
CA ILE B 292 -8.72 -7.93 15.78
C ILE B 292 -7.98 -6.69 15.30
N LYS B 293 -8.11 -6.38 14.02
CA LYS B 293 -7.44 -5.21 13.47
C LYS B 293 -8.40 -4.46 12.56
N LYS B 294 -8.85 -3.30 13.01
CA LYS B 294 -9.77 -2.51 12.21
C LYS B 294 -9.45 -1.03 12.25
N GLN B 295 -10.10 -0.27 11.38
CA GLN B 295 -9.92 1.16 11.34
C GLN B 295 -11.04 1.78 12.15
N ILE B 296 -10.78 2.94 12.72
CA ILE B 296 -11.79 3.64 13.48
C ILE B 296 -12.13 4.87 12.65
N LYS B 297 -13.34 4.91 12.12
CA LYS B 297 -13.76 6.05 11.33
C LYS B 297 -13.63 7.25 12.25
N THR B 298 -12.78 8.19 11.87
CA THR B 298 -12.56 9.38 12.67
C THR B 298 -13.85 10.16 12.90
N PRO B 299 -14.11 10.56 14.15
CA PRO B 299 -15.35 11.32 14.35
C PRO B 299 -15.20 12.67 13.63
N VAL B 300 -16.31 13.24 13.17
CA VAL B 300 -16.26 14.50 12.46
C VAL B 300 -15.65 15.57 13.35
N GLY B 301 -14.67 16.30 12.82
CA GLY B 301 -14.04 17.37 13.58
C GLY B 301 -14.95 18.59 13.55
N ASP B 302 -15.27 19.16 14.70
CA ASP B 302 -16.15 20.32 14.72
C ASP B 302 -15.98 21.22 15.93
N TYR B 303 -15.19 22.27 15.79
CA TYR B 303 -14.96 23.20 16.89
C TYR B 303 -16.27 23.80 17.44
N GLY B 304 -17.30 23.83 16.59
CA GLY B 304 -18.58 24.37 17.00
C GLY B 304 -19.16 23.60 18.19
N ARG B 305 -18.78 22.34 18.33
CA ARG B 305 -19.28 21.54 19.43
C ARG B 305 -18.94 22.16 20.78
N TYR B 306 -17.93 23.03 20.82
CA TYR B 306 -17.60 23.67 22.08
C TYR B 306 -18.80 24.54 22.49
N TYR B 307 -19.31 25.29 21.51
CA TYR B 307 -20.44 26.14 21.74
C TYR B 307 -21.71 25.36 22.02
N ASP B 308 -21.87 24.21 21.36
CA ASP B 308 -23.05 23.38 21.60
C ASP B 308 -23.03 22.99 23.07
N ALA B 309 -21.82 22.74 23.58
CA ALA B 309 -21.65 22.36 24.98
C ALA B 309 -22.01 23.51 25.91
N VAL B 310 -21.59 24.74 25.58
CA VAL B 310 -21.92 25.90 26.41
C VAL B 310 -23.43 26.05 26.43
N TYR B 311 -24.04 25.89 25.26
CA TYR B 311 -25.48 25.98 25.10
C TYR B 311 -26.20 25.03 26.07
N GLU B 312 -25.79 23.77 26.08
CA GLU B 312 -26.39 22.76 26.94
C GLU B 312 -26.25 23.12 28.42
N THR B 313 -25.13 23.73 28.75
CA THR B 313 -24.86 24.13 30.13
C THR B 313 -25.75 25.29 30.57
N LEU B 314 -25.92 26.28 29.69
CA LEU B 314 -26.74 27.44 30.01
C LEU B 314 -28.24 27.20 29.84
N LYS B 315 -28.59 26.36 28.89
CA LYS B 315 -30.00 26.11 28.62
C LYS B 315 -30.62 24.88 29.28
N ASN B 316 -29.85 23.79 29.39
CA ASN B 316 -30.40 22.56 29.97
C ASN B 316 -29.62 21.96 31.14
N GLY B 317 -28.88 22.79 31.86
CA GLY B 317 -28.13 22.32 33.02
C GLY B 317 -27.02 21.28 32.85
N ALA B 318 -26.59 21.02 31.61
CA ALA B 318 -25.53 20.04 31.39
C ALA B 318 -24.24 20.53 32.03
N PRO B 319 -23.42 19.62 32.58
CA PRO B 319 -22.16 19.99 33.22
C PRO B 319 -21.30 20.73 32.21
N GLN B 320 -20.61 21.78 32.66
CA GLN B 320 -19.76 22.54 31.75
C GLN B 320 -18.59 21.68 31.24
N LEU B 321 -18.21 21.91 29.98
CA LEU B 321 -17.13 21.18 29.33
C LEU B 321 -15.77 21.25 30.04
N VAL B 322 -15.30 22.47 30.28
CA VAL B 322 -14.02 22.70 30.94
C VAL B 322 -14.28 23.01 32.41
N THR B 323 -13.80 22.13 33.29
CA THR B 323 -14.00 22.30 34.73
C THR B 323 -12.84 23.06 35.35
N LYS B 324 -13.13 23.68 36.49
CA LYS B 324 -12.16 24.45 37.26
C LYS B 324 -10.89 23.63 37.51
N GLU B 325 -11.05 22.39 37.93
CA GLU B 325 -9.93 21.50 38.20
C GLU B 325 -9.05 21.30 36.98
N GLN B 326 -9.67 21.02 35.84
CA GLN B 326 -8.92 20.80 34.60
C GLN B 326 -8.14 22.05 34.23
N ALA B 327 -8.83 23.19 34.23
CA ALA B 327 -8.19 24.45 33.89
C ALA B 327 -7.02 24.76 34.82
N LEU B 328 -7.25 24.66 36.15
CA LEU B 328 -6.18 24.93 37.11
C LEU B 328 -5.02 23.93 37.03
N THR B 329 -5.34 22.64 36.99
CA THR B 329 -4.31 21.60 36.88
C THR B 329 -3.42 21.97 35.72
N ASN B 330 -4.05 22.32 34.60
CA ASN B 330 -3.34 22.69 33.40
C ASN B 330 -2.39 23.87 33.61
N ILE B 331 -2.87 24.92 34.25
CA ILE B 331 -2.03 26.08 34.46
C ILE B 331 -0.89 25.74 35.40
N GLU B 332 -1.16 24.92 36.41
CA GLU B 332 -0.11 24.54 37.34
C GLU B 332 1.01 23.83 36.59
N ILE B 333 0.64 22.83 35.78
CA ILE B 333 1.65 22.10 35.02
C ILE B 333 2.49 23.04 34.17
N LEU B 334 1.80 23.86 33.40
CA LEU B 334 2.39 24.86 32.50
C LEU B 334 3.45 25.69 33.20
N GLU B 335 3.08 26.25 34.36
CA GLU B 335 3.95 27.09 35.18
C GLU B 335 5.11 26.33 35.81
N ALA B 336 4.82 25.15 36.35
CA ALA B 336 5.87 24.36 36.99
C ALA B 336 6.97 24.05 35.99
N GLY B 337 6.63 24.13 34.71
CA GLY B 337 7.61 23.85 33.67
C GLY B 337 8.82 24.77 33.74
N PHE B 338 8.67 25.89 34.44
CA PHE B 338 9.78 26.84 34.57
C PHE B 338 10.13 27.08 36.03
N LEU B 339 9.74 26.14 36.89
CA LEU B 339 10.04 26.22 38.31
C LEU B 339 11.52 25.86 38.51
N ASN B 340 11.97 24.80 37.84
CA ASN B 340 13.35 24.37 37.91
C ASN B 340 13.95 24.23 36.51
N PRO B 341 15.29 24.25 36.41
CA PRO B 341 15.95 24.13 35.11
C PRO B 341 15.61 22.84 34.37
N SER B 342 15.23 22.96 33.10
CA SER B 342 14.89 21.81 32.28
C SER B 342 16.21 21.12 31.91
N PRO B 343 16.23 19.77 31.90
CA PRO B 343 15.11 18.86 32.19
C PRO B 343 14.79 18.80 33.68
N SER B 344 13.51 18.81 34.01
CA SER B 344 13.14 18.76 35.43
C SER B 344 12.05 17.75 35.71
N VAL B 345 11.72 17.62 36.98
CA VAL B 345 10.67 16.72 37.47
C VAL B 345 9.88 17.56 38.46
N TYR B 346 8.55 17.48 38.40
CA TYR B 346 7.71 18.25 39.29
C TYR B 346 6.57 17.40 39.83
N HIS B 347 6.36 17.46 41.14
CA HIS B 347 5.29 16.71 41.78
C HIS B 347 4.10 17.65 41.95
N LEU B 348 2.93 17.23 41.48
CA LEU B 348 1.72 18.04 41.56
C LEU B 348 1.25 18.26 42.98
N LYS B 349 0.76 19.48 43.23
CA LYS B 349 0.26 19.92 44.52
C LYS B 349 -0.73 18.92 45.12
N GLU B 350 -0.77 18.87 46.46
CA GLU B 350 -1.66 17.97 47.19
C GLU B 350 -1.33 16.49 46.96
N LEU C 3 -50.25 -3.31 18.28
CA LEU C 3 -49.33 -2.74 17.23
C LEU C 3 -47.91 -3.30 17.37
N THR C 4 -47.67 -4.04 18.45
CA THR C 4 -46.35 -4.63 18.69
C THR C 4 -46.47 -6.13 18.95
N VAL C 5 -45.37 -6.85 18.75
CA VAL C 5 -45.34 -8.28 18.97
C VAL C 5 -44.84 -8.56 20.39
N LYS C 6 -45.68 -9.21 21.19
CA LYS C 6 -45.34 -9.55 22.56
C LYS C 6 -44.54 -10.85 22.53
N MSE C 7 -43.35 -10.83 23.10
CA MSE C 7 -42.50 -12.01 23.10
C MSE C 7 -41.84 -12.30 24.44
O MSE C 7 -41.80 -11.47 25.34
CB MSE C 7 -41.40 -11.86 22.04
CG MSE C 7 -40.28 -10.92 22.43
SE MSE C 7 -38.71 -11.12 21.30
CE MSE C 7 -39.00 -9.61 20.24
N GLY C 8 -41.29 -13.52 24.54
CA GLY C 8 -40.61 -13.97 25.73
C GLY C 8 -39.41 -14.83 25.34
N PHE C 9 -38.51 -15.04 26.29
CA PHE C 9 -37.32 -15.83 26.03
C PHE C 9 -37.27 -17.06 26.91
N ILE C 10 -36.80 -18.17 26.35
CA ILE C 10 -36.63 -19.40 27.11
C ILE C 10 -35.11 -19.56 27.13
N GLY C 11 -34.52 -19.04 28.21
CA GLY C 11 -33.08 -19.06 28.37
C GLY C 11 -32.63 -17.62 28.53
N PHE C 12 -31.77 -17.35 29.51
CA PHE C 12 -31.28 -15.99 29.78
C PHE C 12 -29.75 -16.00 29.88
N GLY C 13 -29.11 -16.93 29.18
CA GLY C 13 -27.67 -17.03 29.20
C GLY C 13 -26.98 -16.03 28.30
N LYS C 14 -25.71 -16.30 28.00
CA LYS C 14 -24.89 -15.43 27.16
C LYS C 14 -25.44 -15.15 25.77
N SER C 15 -25.98 -16.17 25.10
CA SER C 15 -26.52 -15.98 23.74
C SER C 15 -27.65 -14.96 23.69
N ALA C 16 -28.68 -15.20 24.50
CA ALA C 16 -29.84 -14.32 24.55
C ALA C 16 -29.40 -12.90 24.91
N ASN C 17 -28.34 -12.82 25.72
CA ASN C 17 -27.81 -11.56 26.20
C ASN C 17 -26.87 -10.86 25.22
N ARG C 18 -26.52 -11.54 24.13
CA ARG C 18 -25.62 -10.96 23.15
C ARG C 18 -26.21 -10.79 21.75
N TYR C 19 -26.72 -11.88 21.19
CA TYR C 19 -27.28 -11.85 19.84
C TYR C 19 -28.76 -11.50 19.74
N HIS C 20 -29.48 -11.53 20.86
CA HIS C 20 -30.91 -11.23 20.84
C HIS C 20 -31.32 -9.95 21.57
N LEU C 21 -31.40 -10.02 22.89
CA LEU C 21 -31.81 -8.89 23.71
C LEU C 21 -31.28 -7.51 23.32
N PRO C 22 -29.95 -7.39 23.14
CA PRO C 22 -29.37 -6.09 22.77
C PRO C 22 -30.03 -5.49 21.53
N TYR C 23 -30.48 -6.37 20.63
CA TYR C 23 -31.10 -5.94 19.38
C TYR C 23 -32.59 -5.70 19.49
N VAL C 24 -33.28 -6.57 20.23
CA VAL C 24 -34.72 -6.46 20.37
C VAL C 24 -35.17 -5.36 21.33
N MSE C 25 -34.38 -5.15 22.38
CA MSE C 25 -34.70 -4.16 23.38
C MSE C 25 -34.62 -2.74 22.84
O MSE C 25 -34.95 -1.77 23.54
CB MSE C 25 -33.78 -4.30 24.58
CG MSE C 25 -34.43 -4.05 25.92
SE MSE C 25 -35.61 -5.51 26.43
CE MSE C 25 -37.12 -5.12 25.25
N ILE C 26 -34.18 -2.61 21.59
CA ILE C 26 -34.05 -1.30 20.96
C ILE C 26 -35.18 -1.03 19.98
N ARG C 27 -36.10 -1.99 19.83
CA ARG C 27 -37.21 -1.81 18.89
C ARG C 27 -38.60 -1.80 19.55
N GLU C 28 -39.39 -0.81 19.18
CA GLU C 28 -40.76 -0.68 19.69
C GLU C 28 -41.57 -1.88 19.24
N THR C 29 -41.47 -2.18 17.95
CA THR C 29 -42.19 -3.29 17.33
C THR C 29 -42.18 -4.57 18.16
N LEU C 30 -41.04 -4.82 18.81
CA LEU C 30 -40.90 -6.01 19.65
C LEU C 30 -40.98 -5.62 21.12
N GLU C 31 -41.82 -6.33 21.88
CA GLU C 31 -41.99 -6.03 23.30
C GLU C 31 -41.65 -7.26 24.14
N VAL C 32 -40.56 -7.18 24.89
CA VAL C 32 -40.13 -8.28 25.74
C VAL C 32 -40.86 -8.21 27.08
N LYS C 33 -41.78 -9.15 27.29
CA LYS C 33 -42.58 -9.18 28.52
C LYS C 33 -42.03 -10.07 29.61
N THR C 34 -41.61 -11.28 29.26
CA THR C 34 -41.09 -12.18 30.26
C THR C 34 -39.97 -13.08 29.75
N ILE C 35 -38.96 -13.29 30.60
CA ILE C 35 -37.80 -14.12 30.29
C ILE C 35 -37.72 -15.28 31.28
N PHE C 36 -37.54 -16.48 30.75
CA PHE C 36 -37.45 -17.67 31.58
C PHE C 36 -36.04 -18.22 31.68
N ASP C 37 -35.76 -18.88 32.80
CA ASP C 37 -34.46 -19.50 33.04
C ASP C 37 -34.44 -20.09 34.44
N LEU C 38 -34.10 -21.37 34.53
CA LEU C 38 -34.04 -22.09 35.80
C LEU C 38 -33.16 -21.39 36.83
N HIS C 39 -32.17 -20.63 36.36
CA HIS C 39 -31.27 -19.92 37.25
C HIS C 39 -30.96 -18.51 36.74
N VAL C 40 -31.86 -17.59 36.99
CA VAL C 40 -31.68 -16.21 36.56
C VAL C 40 -30.66 -15.51 37.44
N ASN C 41 -29.69 -14.84 36.85
CA ASN C 41 -28.71 -14.12 37.65
C ASN C 41 -29.15 -12.67 37.69
N GLU C 42 -29.67 -12.28 38.85
CA GLU C 42 -30.17 -10.94 39.06
C GLU C 42 -29.26 -9.83 38.57
N LYS C 43 -27.95 -10.05 38.61
CA LYS C 43 -26.99 -9.05 38.16
C LYS C 43 -27.40 -8.50 36.80
N ALA C 44 -27.51 -9.41 35.83
CA ALA C 44 -27.86 -9.05 34.46
C ALA C 44 -29.37 -8.77 34.31
N ALA C 45 -30.18 -9.52 35.05
CA ALA C 45 -31.63 -9.35 34.98
C ALA C 45 -32.11 -7.99 35.48
N ALA C 46 -31.43 -7.47 36.50
CA ALA C 46 -31.78 -6.19 37.09
C ALA C 46 -32.11 -5.07 36.11
N PRO C 47 -31.19 -4.71 35.21
CA PRO C 47 -31.45 -3.63 34.24
C PRO C 47 -32.74 -3.83 33.47
N PHE C 48 -33.03 -5.08 33.11
CA PHE C 48 -34.25 -5.39 32.38
C PHE C 48 -35.48 -5.08 33.22
N LYS C 49 -35.37 -5.27 34.53
CA LYS C 49 -36.50 -4.97 35.41
C LYS C 49 -36.95 -3.52 35.29
N GLU C 50 -36.00 -2.60 35.07
CA GLU C 50 -36.33 -1.18 34.92
C GLU C 50 -37.38 -0.98 33.85
N LYS C 51 -37.26 -1.75 32.77
CA LYS C 51 -38.24 -1.69 31.71
C LYS C 51 -39.28 -2.71 32.17
N GLY C 52 -40.43 -2.75 31.52
CA GLY C 52 -41.47 -3.68 31.94
C GLY C 52 -41.28 -5.18 31.77
N VAL C 53 -40.04 -5.66 31.80
CA VAL C 53 -39.80 -7.09 31.63
C VAL C 53 -39.86 -7.86 32.95
N ASN C 54 -40.41 -9.07 32.90
CA ASN C 54 -40.53 -9.93 34.08
C ASN C 54 -39.70 -11.21 33.92
N PHE C 55 -39.20 -11.74 35.03
CA PHE C 55 -38.39 -12.94 35.02
C PHE C 55 -39.04 -14.05 35.82
N THR C 56 -39.02 -15.27 35.30
CA THR C 56 -39.60 -16.41 35.99
C THR C 56 -38.78 -17.67 35.79
N ALA C 57 -38.82 -18.56 36.79
CA ALA C 57 -38.09 -19.81 36.71
C ALA C 57 -39.12 -20.93 36.69
N ASP C 58 -40.35 -20.58 36.37
CA ASP C 58 -41.43 -21.56 36.32
C ASP C 58 -41.58 -22.19 34.94
N LEU C 59 -41.45 -21.38 33.89
CA LEU C 59 -41.57 -21.84 32.51
C LEU C 59 -43.01 -22.00 32.09
N ASN C 60 -43.79 -22.67 32.91
CA ASN C 60 -45.20 -22.87 32.59
C ASN C 60 -45.90 -21.53 32.68
N GLU C 61 -45.27 -20.58 33.37
CA GLU C 61 -45.85 -19.25 33.52
C GLU C 61 -45.76 -18.57 32.17
N LEU C 62 -44.69 -18.86 31.45
CA LEU C 62 -44.44 -18.28 30.12
C LEU C 62 -45.36 -18.90 29.07
N LEU C 63 -45.30 -20.21 28.92
CA LEU C 63 -46.12 -20.91 27.93
C LEU C 63 -47.62 -20.70 28.11
N THR C 64 -48.03 -20.42 29.35
CA THR C 64 -49.44 -20.22 29.67
C THR C 64 -49.92 -18.79 29.45
N ASP C 65 -48.99 -17.85 29.39
CA ASP C 65 -49.33 -16.43 29.21
C ASP C 65 -49.97 -16.14 27.85
N PRO C 66 -51.26 -15.77 27.85
CA PRO C 66 -52.02 -15.46 26.63
C PRO C 66 -51.52 -14.24 25.85
N GLU C 67 -50.81 -13.34 26.52
CA GLU C 67 -50.30 -12.13 25.89
C GLU C 67 -49.13 -12.37 24.94
N ILE C 68 -48.34 -13.39 25.23
CA ILE C 68 -47.16 -13.69 24.42
C ILE C 68 -47.41 -14.40 23.10
N GLU C 69 -46.89 -13.81 22.03
CA GLU C 69 -47.01 -14.32 20.67
C GLU C 69 -45.79 -15.12 20.22
N LEU C 70 -44.62 -14.57 20.49
CA LEU C 70 -43.35 -15.16 20.08
C LEU C 70 -42.47 -15.68 21.22
N ILE C 71 -41.80 -16.79 20.97
CA ILE C 71 -40.91 -17.42 21.95
C ILE C 71 -39.56 -17.71 21.27
N THR C 72 -38.47 -17.28 21.89
CA THR C 72 -37.13 -17.52 21.36
C THR C 72 -36.38 -18.44 22.31
N ILE C 73 -35.73 -19.46 21.74
CA ILE C 73 -35.00 -20.46 22.53
C ILE C 73 -33.47 -20.48 22.41
N CYS C 74 -32.81 -20.35 23.56
CA CYS C 74 -31.34 -20.38 23.71
C CYS C 74 -31.29 -21.10 25.05
N THR C 75 -30.91 -22.38 25.14
CA THR C 75 -31.05 -22.93 26.49
C THR C 75 -30.37 -24.15 27.15
N PRO C 76 -29.52 -24.94 26.47
CA PRO C 76 -28.92 -25.01 25.14
C PRO C 76 -29.50 -26.13 24.27
N ALA C 77 -28.71 -26.50 23.26
CA ALA C 77 -29.03 -27.51 22.25
C ALA C 77 -29.88 -28.75 22.56
N HIS C 78 -29.39 -29.63 23.42
CA HIS C 78 -30.11 -30.87 23.73
C HIS C 78 -31.56 -30.71 24.14
N THR C 79 -31.91 -29.53 24.61
CA THR C 79 -33.27 -29.28 25.07
C THR C 79 -34.13 -28.47 24.09
N HIS C 80 -33.68 -28.35 22.84
CA HIS C 80 -34.43 -27.56 21.87
C HIS C 80 -35.68 -28.20 21.28
N TYR C 81 -35.59 -29.47 20.92
CA TYR C 81 -36.73 -30.18 20.36
C TYR C 81 -37.97 -30.12 21.26
N ASP C 82 -37.82 -30.57 22.50
CA ASP C 82 -38.95 -30.58 23.42
C ASP C 82 -39.46 -29.20 23.78
N LEU C 83 -38.56 -28.23 23.91
CA LEU C 83 -38.98 -26.88 24.23
C LEU C 83 -39.71 -26.24 23.04
N ALA C 84 -39.27 -26.56 21.83
CA ALA C 84 -39.94 -26.03 20.65
C ALA C 84 -41.33 -26.64 20.61
N LYS C 85 -41.39 -27.94 20.89
CA LYS C 85 -42.64 -28.70 20.91
C LYS C 85 -43.60 -28.04 21.90
N GLN C 86 -43.15 -27.89 23.15
CA GLN C 86 -43.97 -27.30 24.19
C GLN C 86 -44.44 -25.90 23.79
N ALA C 87 -43.54 -25.12 23.20
CA ALA C 87 -43.85 -23.77 22.76
C ALA C 87 -44.97 -23.77 21.74
N ILE C 88 -44.87 -24.64 20.74
CA ILE C 88 -45.88 -24.76 19.71
C ILE C 88 -47.22 -25.26 20.23
N LEU C 89 -47.20 -26.36 20.99
CA LEU C 89 -48.44 -26.92 21.54
C LEU C 89 -49.23 -25.84 22.26
N ALA C 90 -48.52 -24.77 22.63
CA ALA C 90 -49.15 -23.60 23.24
C ALA C 90 -49.16 -22.71 21.99
N GLY C 91 -50.20 -21.93 21.77
CA GLY C 91 -50.23 -21.11 20.56
C GLY C 91 -49.16 -20.06 20.32
N LYS C 92 -47.88 -20.41 20.46
CA LYS C 92 -46.82 -19.42 20.25
C LYS C 92 -45.93 -19.71 19.04
N SER C 93 -45.48 -18.66 18.37
CA SER C 93 -44.56 -18.83 17.26
C SER C 93 -43.22 -19.13 17.93
N VAL C 94 -42.30 -19.73 17.20
CA VAL C 94 -41.04 -20.08 17.81
C VAL C 94 -39.80 -19.81 16.96
N ILE C 95 -38.75 -19.35 17.63
CA ILE C 95 -37.47 -19.07 17.01
C ILE C 95 -36.51 -19.89 17.85
N VAL C 96 -35.87 -20.88 17.23
CA VAL C 96 -34.96 -21.75 17.95
C VAL C 96 -33.51 -21.51 17.55
N GLU C 97 -32.62 -21.44 18.54
CA GLU C 97 -31.22 -21.26 18.23
C GLU C 97 -30.70 -22.59 17.72
N LYS C 98 -29.49 -22.54 17.17
CA LYS C 98 -28.83 -23.72 16.66
C LYS C 98 -28.57 -24.68 17.81
N PRO C 99 -28.92 -25.97 17.64
CA PRO C 99 -29.53 -26.57 16.46
C PRO C 99 -31.05 -26.49 16.57
N PHE C 100 -31.72 -26.50 15.42
CA PHE C 100 -33.17 -26.44 15.41
C PHE C 100 -33.70 -27.66 16.16
N CYS C 101 -33.18 -28.83 15.80
CA CYS C 101 -33.58 -30.08 16.42
C CYS C 101 -32.38 -31.01 16.55
N ASP C 102 -32.62 -32.18 17.13
CA ASP C 102 -31.58 -33.17 17.29
C ASP C 102 -31.59 -34.12 16.11
N THR C 103 -32.72 -34.19 15.41
CA THR C 103 -32.84 -35.06 14.25
C THR C 103 -33.71 -34.48 13.14
N LEU C 104 -33.45 -34.92 11.91
CA LEU C 104 -34.20 -34.47 10.75
C LEU C 104 -35.69 -34.72 10.96
N GLU C 105 -36.02 -35.94 11.38
CA GLU C 105 -37.42 -36.31 11.61
C GLU C 105 -38.11 -35.37 12.59
N HIS C 106 -37.43 -35.05 13.69
CA HIS C 106 -37.98 -34.13 14.69
C HIS C 106 -38.20 -32.75 14.10
N ALA C 107 -37.35 -32.37 13.15
CA ALA C 107 -37.48 -31.06 12.52
C ALA C 107 -38.70 -31.09 11.60
N GLU C 108 -38.90 -32.20 10.91
CA GLU C 108 -40.04 -32.32 10.01
C GLU C 108 -41.33 -32.23 10.80
N GLU C 109 -41.33 -32.87 11.98
CA GLU C 109 -42.48 -32.88 12.86
C GLU C 109 -42.81 -31.47 13.34
N LEU C 110 -41.81 -30.79 13.91
CA LEU C 110 -42.02 -29.44 14.41
C LEU C 110 -42.75 -28.53 13.41
N PHE C 111 -42.29 -28.50 12.16
CA PHE C 111 -42.94 -27.67 11.16
C PHE C 111 -44.42 -28.03 10.93
N ALA C 112 -44.73 -29.32 10.95
CA ALA C 112 -46.10 -29.78 10.76
C ALA C 112 -46.98 -29.33 11.95
N LEU C 113 -46.40 -29.35 13.14
CA LEU C 113 -47.11 -28.91 14.33
C LEU C 113 -47.35 -27.42 14.20
N GLY C 114 -46.33 -26.71 13.76
CA GLY C 114 -46.44 -25.29 13.58
C GLY C 114 -47.51 -24.98 12.57
N GLN C 115 -47.53 -25.73 11.47
CA GLN C 115 -48.53 -25.48 10.43
C GLN C 115 -49.95 -25.78 10.90
N GLU C 116 -50.14 -26.86 11.65
CA GLU C 116 -51.48 -27.18 12.09
C GLU C 116 -51.94 -26.28 13.24
N LYS C 117 -51.01 -25.82 14.06
CA LYS C 117 -51.35 -24.95 15.17
C LYS C 117 -51.47 -23.48 14.73
N GLY C 118 -51.09 -23.21 13.49
CA GLY C 118 -51.17 -21.86 12.96
C GLY C 118 -50.10 -20.89 13.42
N VAL C 119 -48.91 -21.38 13.72
CA VAL C 119 -47.82 -20.53 14.18
C VAL C 119 -46.59 -20.69 13.31
N VAL C 120 -45.63 -19.79 13.48
CA VAL C 120 -44.40 -19.87 12.71
C VAL C 120 -43.34 -20.58 13.53
N VAL C 121 -42.54 -21.40 12.86
CA VAL C 121 -41.46 -22.13 13.51
C VAL C 121 -40.24 -21.93 12.62
N MSE C 122 -39.17 -21.38 13.18
CA MSE C 122 -37.98 -21.16 12.37
C MSE C 122 -36.71 -21.19 13.17
O MSE C 122 -36.69 -20.82 14.34
CB MSE C 122 -38.01 -19.81 11.67
CG MSE C 122 -39.26 -19.44 10.91
SE MSE C 122 -38.87 -17.81 9.95
CE MSE C 122 -38.95 -16.56 11.45
N PRO C 123 -35.64 -21.64 12.53
CA PRO C 123 -34.33 -21.70 13.19
C PRO C 123 -33.78 -20.27 13.14
N TYR C 124 -32.95 -19.93 14.11
CA TYR C 124 -32.35 -18.59 14.18
C TYR C 124 -31.14 -18.53 13.26
N GLN C 125 -31.22 -17.72 12.21
CA GLN C 125 -30.11 -17.59 11.27
C GLN C 125 -29.73 -16.12 11.09
N ASN C 126 -29.15 -15.54 12.15
CA ASN C 126 -28.76 -14.14 12.16
C ASN C 126 -27.64 -13.78 11.18
N ARG C 127 -26.80 -14.75 10.84
CA ARG C 127 -25.70 -14.46 9.94
C ARG C 127 -26.12 -14.20 8.50
N ARG C 128 -27.43 -14.13 8.26
CA ARG C 128 -27.95 -13.80 6.94
C ARG C 128 -27.78 -12.28 6.86
N PHE C 129 -27.37 -11.69 7.98
CA PHE C 129 -27.22 -10.24 8.04
C PHE C 129 -25.84 -9.74 8.39
N ASP C 130 -24.82 -10.56 8.14
CA ASP C 130 -23.43 -10.15 8.36
C ASP C 130 -23.12 -9.19 7.21
N GLY C 131 -22.46 -8.09 7.51
CA GLY C 131 -22.12 -7.12 6.48
C GLY C 131 -21.42 -7.75 5.28
N ASP C 132 -20.34 -8.47 5.55
CA ASP C 132 -19.59 -9.12 4.47
C ASP C 132 -20.50 -9.97 3.57
N TYR C 133 -21.34 -10.79 4.20
CA TYR C 133 -22.26 -11.65 3.46
C TYR C 133 -23.11 -10.84 2.50
N LEU C 134 -23.71 -9.77 3.02
CA LEU C 134 -24.59 -8.89 2.25
C LEU C 134 -23.87 -8.21 1.08
N ALA C 135 -22.57 -7.95 1.23
CA ALA C 135 -21.80 -7.33 0.17
C ALA C 135 -21.73 -8.35 -0.98
N MSE C 136 -21.43 -9.59 -0.62
CA MSE C 136 -21.32 -10.71 -1.55
C MSE C 136 -22.67 -10.98 -2.19
O MSE C 136 -22.75 -11.25 -3.39
CB MSE C 136 -20.85 -11.97 -0.80
CG MSE C 136 -20.69 -13.25 -1.59
SE MSE C 136 -22.37 -14.21 -1.91
CE MSE C 136 -23.08 -14.11 -0.13
N LYS C 137 -23.72 -10.90 -1.39
CA LYS C 137 -25.07 -11.14 -1.89
C LYS C 137 -25.48 -10.05 -2.87
N GLN C 138 -25.03 -8.83 -2.61
CA GLN C 138 -25.37 -7.72 -3.48
C GLN C 138 -24.72 -7.91 -4.84
N VAL C 139 -23.44 -8.26 -4.83
CA VAL C 139 -22.65 -8.48 -6.04
C VAL C 139 -23.25 -9.57 -6.92
N VAL C 140 -23.70 -10.65 -6.31
CA VAL C 140 -24.31 -11.74 -7.06
C VAL C 140 -25.59 -11.23 -7.73
N GLU C 141 -26.42 -10.55 -6.95
CA GLU C 141 -27.68 -10.01 -7.47
C GLU C 141 -27.49 -8.90 -8.51
N GLN C 142 -26.38 -8.18 -8.49
CA GLN C 142 -26.20 -7.14 -9.48
C GLN C 142 -25.66 -7.69 -10.79
N GLY C 143 -25.23 -8.96 -10.77
CA GLY C 143 -24.76 -9.62 -11.97
C GLY C 143 -23.40 -9.30 -12.58
N PHE C 144 -22.56 -8.56 -11.86
CA PHE C 144 -21.23 -8.21 -12.37
C PHE C 144 -20.38 -9.41 -12.82
N LEU C 145 -20.39 -10.47 -12.04
CA LEU C 145 -19.57 -11.65 -12.33
C LEU C 145 -20.08 -12.65 -13.36
N GLY C 146 -21.30 -12.45 -13.84
CA GLY C 146 -21.87 -13.38 -14.82
C GLY C 146 -22.17 -14.75 -14.23
N GLU C 147 -21.91 -15.81 -15.00
CA GLU C 147 -22.16 -17.18 -14.55
C GLU C 147 -21.23 -17.53 -13.39
N ILE C 148 -21.79 -17.60 -12.18
CA ILE C 148 -20.98 -17.92 -11.02
C ILE C 148 -20.58 -19.40 -11.05
N ASN C 149 -19.28 -19.65 -10.92
CA ASN C 149 -18.79 -21.02 -10.93
C ASN C 149 -18.25 -21.47 -9.58
N GLU C 150 -18.01 -20.53 -8.66
CA GLU C 150 -17.52 -20.88 -7.33
C GLU C 150 -17.60 -19.78 -6.29
N VAL C 151 -17.94 -20.18 -5.06
CA VAL C 151 -18.02 -19.26 -3.94
C VAL C 151 -17.33 -19.94 -2.78
N GLU C 152 -16.41 -19.24 -2.12
CA GLU C 152 -15.72 -19.81 -0.97
C GLU C 152 -16.01 -18.90 0.23
N THR C 153 -16.46 -19.49 1.32
CA THR C 153 -16.79 -18.75 2.52
C THR C 153 -16.15 -19.41 3.75
N HIS C 154 -15.42 -18.61 4.52
CA HIS C 154 -14.69 -19.07 5.70
C HIS C 154 -15.13 -18.46 7.04
N ILE C 155 -14.65 -19.10 8.10
CA ILE C 155 -14.79 -18.68 9.49
C ILE C 155 -13.66 -19.46 10.14
N ASP C 156 -12.52 -18.79 10.27
CA ASP C 156 -11.32 -19.39 10.84
C ASP C 156 -10.89 -18.68 12.09
N TYR C 157 -9.86 -19.22 12.73
CA TYR C 157 -9.30 -18.63 13.94
C TYR C 157 -7.86 -19.10 14.07
N TYR C 158 -7.14 -18.45 14.97
CA TYR C 158 -5.80 -18.89 15.29
C TYR C 158 -5.94 -19.19 16.79
N ARG C 159 -6.48 -20.36 17.08
CA ARG C 159 -6.69 -20.81 18.44
C ARG C 159 -6.16 -22.23 18.56
N PRO C 160 -4.87 -22.43 18.26
CA PRO C 160 -4.31 -23.78 18.37
C PRO C 160 -4.42 -24.29 19.80
N GLY C 161 -4.84 -25.55 19.95
CA GLY C 161 -4.96 -26.13 21.27
C GLY C 161 -6.27 -25.87 22.01
N SER C 162 -7.17 -25.11 21.40
CA SER C 162 -8.45 -24.81 22.05
C SER C 162 -9.45 -25.96 22.02
N ILE C 163 -9.54 -26.69 20.91
CA ILE C 163 -10.47 -27.80 20.78
C ILE C 163 -9.73 -29.14 20.89
N THR C 164 -9.94 -29.83 22.00
CA THR C 164 -9.26 -31.10 22.25
C THR C 164 -10.15 -32.19 22.82
N GLU C 165 -11.34 -31.81 23.28
CA GLU C 165 -12.26 -32.79 23.86
C GLU C 165 -13.01 -33.59 22.80
N GLN C 166 -13.21 -34.87 23.08
CA GLN C 166 -13.97 -35.70 22.15
C GLN C 166 -15.42 -35.49 22.53
N GLY C 167 -16.31 -35.61 21.56
CA GLY C 167 -17.71 -35.42 21.86
C GLY C 167 -18.64 -35.70 20.70
N PRO C 168 -19.95 -35.63 20.93
CA PRO C 168 -20.92 -35.88 19.86
C PRO C 168 -20.83 -34.81 18.79
N LYS C 169 -21.12 -35.19 17.55
CA LYS C 169 -21.08 -34.25 16.43
C LYS C 169 -21.64 -32.88 16.80
N GLU C 170 -22.60 -32.86 17.73
CA GLU C 170 -23.25 -31.63 18.19
C GLU C 170 -22.32 -30.52 18.71
N ASN C 171 -21.18 -30.91 19.27
CA ASN C 171 -20.24 -29.93 19.82
C ASN C 171 -19.06 -29.62 18.88
N GLY C 172 -19.13 -30.07 17.64
CA GLY C 172 -18.06 -29.80 16.71
C GLY C 172 -18.23 -28.48 15.99
N SER C 173 -17.21 -28.11 15.22
CA SER C 173 -17.25 -26.86 14.48
C SER C 173 -18.24 -26.91 13.33
N PHE C 174 -18.39 -28.07 12.71
CA PHE C 174 -19.33 -28.16 11.59
C PHE C 174 -20.75 -27.85 12.07
N TYR C 175 -21.15 -28.42 13.21
CA TYR C 175 -22.48 -28.13 13.73
C TYR C 175 -22.57 -26.69 14.25
N GLY C 176 -21.50 -26.22 14.89
CA GLY C 176 -21.52 -24.87 15.43
C GLY C 176 -21.38 -23.73 14.44
N LEU C 177 -20.56 -23.91 13.40
CA LEU C 177 -20.34 -22.86 12.40
C LEU C 177 -20.83 -23.23 11.02
N GLY C 178 -20.70 -24.50 10.66
CA GLY C 178 -21.13 -24.94 9.34
C GLY C 178 -22.55 -24.55 8.98
N ILE C 179 -23.48 -24.73 9.91
CA ILE C 179 -24.88 -24.41 9.66
C ILE C 179 -25.06 -22.96 9.25
N HIS C 180 -24.29 -22.05 9.84
CA HIS C 180 -24.38 -20.64 9.52
C HIS C 180 -23.90 -20.36 8.10
N LEU C 181 -22.77 -20.94 7.75
CA LEU C 181 -22.19 -20.74 6.42
C LEU C 181 -23.04 -21.33 5.31
N MSE C 182 -23.55 -22.55 5.52
CA MSE C 182 -24.35 -23.20 4.49
C MSE C 182 -25.71 -22.56 4.35
O MSE C 182 -26.17 -22.30 3.23
CB MSE C 182 -24.54 -24.69 4.80
CG MSE C 182 -23.24 -25.45 4.86
SE MSE C 182 -23.58 -27.35 4.99
CE MSE C 182 -22.27 -27.88 3.69
N ASP C 183 -26.36 -22.30 5.49
CA ASP C 183 -27.67 -21.68 5.48
C ASP C 183 -27.74 -20.48 4.55
N ARG C 184 -26.88 -19.49 4.77
CA ARG C 184 -26.91 -18.32 3.93
C ARG C 184 -26.55 -18.62 2.48
N MSE C 185 -25.68 -19.60 2.25
CA MSE C 185 -25.34 -19.93 0.86
C MSE C 185 -26.52 -20.62 0.20
O MSE C 185 -26.85 -20.34 -0.96
CB MSE C 185 -24.11 -20.85 0.80
CG MSE C 185 -22.80 -20.17 1.10
SE MSE C 185 -22.74 -18.38 0.31
CE MSE C 185 -22.70 -18.97 -1.52
N ILE C 186 -27.18 -21.51 0.95
CA ILE C 186 -28.33 -22.25 0.47
C ILE C 186 -29.53 -21.33 0.23
N ALA C 187 -29.61 -20.24 0.99
CA ALA C 187 -30.72 -19.32 0.84
C ALA C 187 -30.58 -18.59 -0.49
N LEU C 188 -29.34 -18.53 -0.96
CA LEU C 188 -29.00 -17.84 -2.19
C LEU C 188 -29.04 -18.71 -3.44
N PHE C 189 -28.42 -19.89 -3.36
CA PHE C 189 -28.35 -20.81 -4.51
C PHE C 189 -29.32 -21.99 -4.47
N GLY C 190 -30.03 -22.18 -3.36
CA GLY C 190 -30.97 -23.28 -3.27
C GLY C 190 -30.36 -24.59 -2.79
N ARG C 191 -31.13 -25.66 -2.91
CA ARG C 191 -30.71 -26.99 -2.49
C ARG C 191 -29.72 -27.59 -3.49
N PRO C 192 -28.53 -27.98 -3.03
CA PRO C 192 -27.52 -28.57 -3.92
C PRO C 192 -27.84 -30.03 -4.23
N ASP C 193 -27.24 -30.60 -5.28
CA ASP C 193 -27.53 -32.00 -5.62
C ASP C 193 -26.63 -33.01 -4.91
N GLN C 194 -25.46 -32.58 -4.47
CA GLN C 194 -24.55 -33.46 -3.73
C GLN C 194 -23.55 -32.65 -2.93
N VAL C 195 -23.08 -33.24 -1.83
CA VAL C 195 -22.15 -32.58 -0.94
C VAL C 195 -20.92 -33.43 -0.67
N THR C 196 -19.81 -32.74 -0.47
CA THR C 196 -18.51 -33.34 -0.21
C THR C 196 -18.07 -32.91 1.18
N TYR C 197 -17.57 -33.87 1.96
CA TYR C 197 -17.15 -33.57 3.32
C TYR C 197 -15.72 -33.94 3.68
N ASP C 198 -15.09 -33.05 4.45
CA ASP C 198 -13.76 -33.24 5.00
C ASP C 198 -13.97 -32.61 6.38
N ILE C 199 -14.42 -33.44 7.32
CA ILE C 199 -14.71 -33.05 8.70
C ILE C 199 -13.76 -33.77 9.64
N ARG C 200 -12.95 -33.04 10.38
CA ARG C 200 -12.02 -33.67 11.31
C ARG C 200 -11.45 -32.67 12.31
N ASN C 201 -10.52 -33.15 13.13
CA ASN C 201 -9.84 -32.31 14.09
C ASN C 201 -8.38 -32.48 13.70
N ASN C 202 -7.77 -31.42 13.17
CA ASN C 202 -6.39 -31.49 12.72
C ASN C 202 -5.30 -31.40 13.81
N GLU C 203 -5.70 -31.46 15.07
CA GLU C 203 -4.76 -31.40 16.17
C GLU C 203 -4.79 -32.69 16.99
N VAL C 204 -5.98 -33.08 17.43
CA VAL C 204 -6.14 -34.31 18.21
C VAL C 204 -7.07 -35.21 17.41
N SER C 205 -6.48 -36.25 16.83
CA SER C 205 -7.21 -37.20 16.01
C SER C 205 -8.58 -37.59 16.56
N GLU C 206 -8.61 -38.08 17.79
CA GLU C 206 -9.85 -38.53 18.43
C GLU C 206 -10.74 -37.47 19.08
N ALA C 207 -10.39 -36.20 18.94
CA ALA C 207 -11.20 -35.15 19.54
C ALA C 207 -12.32 -34.75 18.59
N VAL C 208 -13.26 -33.96 19.09
CA VAL C 208 -14.37 -33.51 18.25
C VAL C 208 -13.82 -32.65 17.12
N ASP C 209 -14.47 -32.68 15.97
CA ASP C 209 -14.02 -31.94 14.80
C ASP C 209 -13.89 -30.43 15.02
N ASN C 210 -12.72 -29.90 14.67
CA ASN C 210 -12.42 -28.47 14.80
C ASN C 210 -12.04 -27.98 13.42
N TYR C 211 -12.37 -28.76 12.41
CA TYR C 211 -12.03 -28.39 11.05
C TYR C 211 -12.94 -29.02 10.02
N PHE C 212 -13.27 -28.25 8.99
CA PHE C 212 -14.08 -28.79 7.91
C PHE C 212 -13.90 -27.99 6.63
N ASP C 213 -14.04 -28.70 5.53
CA ASP C 213 -13.94 -28.18 4.18
C ASP C 213 -15.05 -28.96 3.49
N VAL C 214 -16.19 -28.31 3.29
CA VAL C 214 -17.34 -28.96 2.70
C VAL C 214 -17.82 -28.23 1.44
N ASP C 215 -18.04 -29.01 0.39
CA ASP C 215 -18.50 -28.49 -0.88
C ASP C 215 -19.95 -28.84 -1.18
N LEU C 216 -20.71 -27.85 -1.67
CA LEU C 216 -22.10 -28.06 -2.05
C LEU C 216 -22.07 -27.94 -3.57
N HIS C 217 -22.30 -29.05 -4.26
CA HIS C 217 -22.25 -29.00 -5.71
C HIS C 217 -23.59 -28.68 -6.34
N TYR C 218 -23.55 -27.81 -7.35
CA TYR C 218 -24.72 -27.40 -8.10
C TYR C 218 -24.46 -27.72 -9.55
N GLY C 219 -24.86 -28.92 -9.97
CA GLY C 219 -24.61 -29.32 -11.34
C GLY C 219 -23.12 -29.46 -11.51
N SER C 220 -22.61 -29.08 -12.67
CA SER C 220 -21.18 -29.19 -12.94
C SER C 220 -20.51 -27.83 -13.03
N LYS C 221 -21.29 -26.76 -13.01
CA LYS C 221 -20.71 -25.44 -13.12
C LYS C 221 -20.44 -24.75 -11.80
N LEU C 222 -21.27 -25.03 -10.81
CA LEU C 222 -21.13 -24.35 -9.54
C LEU C 222 -20.96 -25.17 -8.28
N LYS C 223 -20.16 -24.64 -7.36
CA LYS C 223 -19.95 -25.27 -6.07
C LYS C 223 -19.65 -24.18 -5.05
N VAL C 224 -20.21 -24.36 -3.85
CA VAL C 224 -19.99 -23.42 -2.76
C VAL C 224 -19.17 -24.16 -1.71
N LYS C 225 -18.06 -23.58 -1.30
CA LYS C 225 -17.21 -24.22 -0.30
C LYS C 225 -17.26 -23.49 1.04
N VAL C 226 -17.74 -24.19 2.06
CA VAL C 226 -17.82 -23.63 3.40
C VAL C 226 -16.60 -24.21 4.11
N LYS C 227 -15.91 -23.42 4.91
CA LYS C 227 -14.68 -23.91 5.54
C LYS C 227 -14.32 -23.28 6.89
N THR C 228 -13.69 -24.07 7.75
CA THR C 228 -13.25 -23.64 9.08
C THR C 228 -11.98 -24.36 9.49
N ASN C 229 -11.03 -23.60 10.02
CA ASN C 229 -9.76 -24.13 10.49
C ASN C 229 -9.45 -23.32 11.77
N HIS C 230 -8.97 -23.99 12.80
CA HIS C 230 -8.67 -23.31 14.05
C HIS C 230 -7.19 -22.94 14.18
N SER C 231 -6.42 -23.15 13.12
CA SER C 231 -4.99 -22.82 13.13
C SER C 231 -4.60 -22.05 11.86
N VAL C 232 -5.18 -20.87 11.70
CA VAL C 232 -4.92 -20.02 10.54
C VAL C 232 -4.45 -18.64 11.04
N ALA C 233 -3.17 -18.37 10.89
CA ALA C 233 -2.61 -17.10 11.36
C ALA C 233 -2.86 -15.97 10.36
N SER C 234 -2.72 -16.27 9.07
CA SER C 234 -2.95 -15.26 8.04
C SER C 234 -4.24 -15.64 7.30
N PRO C 235 -5.31 -14.88 7.56
CA PRO C 235 -6.67 -14.99 7.03
C PRO C 235 -6.90 -15.14 5.54
N TYR C 236 -7.83 -16.03 5.21
CA TYR C 236 -8.25 -16.26 3.84
C TYR C 236 -9.24 -15.12 3.62
N PRO C 237 -9.70 -14.91 2.37
CA PRO C 237 -10.67 -13.83 2.23
C PRO C 237 -11.90 -14.33 3.01
N ARG C 238 -12.76 -13.44 3.42
CA ARG C 238 -13.95 -13.86 4.14
C ARG C 238 -14.89 -14.46 3.10
N PHE C 239 -14.79 -13.97 1.87
CA PHE C 239 -15.61 -14.43 0.74
C PHE C 239 -14.83 -14.37 -0.57
N ILE C 240 -14.95 -15.40 -1.38
CA ILE C 240 -14.29 -15.41 -2.67
C ILE C 240 -15.34 -15.85 -3.67
N VAL C 241 -15.57 -15.04 -4.70
CA VAL C 241 -16.54 -15.42 -5.70
C VAL C 241 -15.96 -15.24 -7.09
N HIS C 242 -16.16 -16.27 -7.92
CA HIS C 242 -15.65 -16.27 -9.27
C HIS C 242 -16.72 -16.63 -10.27
N GLY C 243 -16.81 -15.83 -11.33
CA GLY C 243 -17.79 -16.05 -12.37
C GLY C 243 -17.16 -15.89 -13.73
N SER C 244 -17.97 -16.10 -14.78
CA SER C 244 -17.48 -15.99 -16.15
C SER C 244 -16.95 -14.61 -16.48
N ASN C 245 -17.53 -13.58 -15.84
CA ASN C 245 -17.11 -12.21 -16.11
C ASN C 245 -16.12 -11.58 -15.13
N GLY C 246 -15.98 -12.16 -13.94
CA GLY C 246 -15.05 -11.59 -12.99
C GLY C 246 -15.06 -12.20 -11.60
N SER C 247 -14.51 -11.45 -10.65
CA SER C 247 -14.43 -11.93 -9.28
C SER C 247 -14.85 -10.89 -8.25
N PHE C 248 -15.06 -11.35 -7.04
CA PHE C 248 -15.38 -10.50 -5.90
C PHE C 248 -14.62 -11.15 -4.76
N ILE C 249 -13.76 -10.36 -4.10
CA ILE C 249 -12.98 -10.87 -3.00
C ILE C 249 -13.12 -9.91 -1.83
N LYS C 250 -13.53 -10.42 -0.68
CA LYS C 250 -13.67 -9.56 0.48
C LYS C 250 -13.05 -10.11 1.75
N TYR C 251 -12.10 -9.36 2.27
CA TYR C 251 -11.43 -9.71 3.51
C TYR C 251 -12.22 -8.99 4.61
N GLY C 252 -12.08 -9.44 5.86
CA GLY C 252 -12.76 -8.79 6.96
C GLY C 252 -14.16 -9.27 7.29
N GLU C 253 -14.33 -9.74 8.52
CA GLU C 253 -15.62 -10.23 8.98
C GLU C 253 -16.53 -9.12 9.48
N ASP C 254 -17.79 -9.45 9.67
CA ASP C 254 -18.78 -8.52 10.20
C ASP C 254 -18.32 -8.22 11.64
N GLN C 255 -18.24 -6.94 11.99
CA GLN C 255 -17.78 -6.55 13.33
C GLN C 255 -18.80 -6.51 14.46
N GLN C 256 -20.07 -6.80 14.16
CA GLN C 256 -21.11 -6.77 15.19
C GLN C 256 -20.75 -7.58 16.43
N GLU C 257 -20.26 -8.81 16.24
CA GLU C 257 -19.90 -9.66 17.36
C GLU C 257 -18.80 -9.00 18.21
N ASN C 258 -17.72 -8.58 17.56
CA ASN C 258 -16.60 -7.94 18.26
C ASN C 258 -17.04 -6.69 19.00
N ASP C 259 -17.76 -5.80 18.32
CA ASP C 259 -18.20 -4.57 18.98
C ASP C 259 -19.10 -4.94 20.16
N LEU C 260 -19.80 -6.06 20.04
CA LEU C 260 -20.69 -6.54 21.09
C LEU C 260 -19.88 -7.01 22.29
N LYS C 261 -18.85 -7.81 22.04
CA LYS C 261 -17.99 -8.31 23.11
C LYS C 261 -17.21 -7.17 23.76
N ALA C 262 -17.21 -6.00 23.12
CA ALA C 262 -16.49 -4.85 23.65
C ALA C 262 -17.43 -3.88 24.37
N GLY C 263 -18.65 -4.33 24.65
CA GLY C 263 -19.61 -3.49 25.34
C GLY C 263 -20.39 -2.53 24.47
N ILE C 264 -20.09 -2.50 23.17
CA ILE C 264 -20.79 -1.59 22.28
C ILE C 264 -22.15 -2.17 21.92
N MSE C 265 -23.21 -1.42 22.21
CA MSE C 265 -24.57 -1.85 21.93
C MSE C 265 -25.01 -1.48 20.51
O MSE C 265 -24.49 -0.53 19.92
CB MSE C 265 -25.53 -1.27 22.97
CG MSE C 265 -25.38 -1.89 24.37
SE MSE C 265 -25.44 -3.85 24.33
CE MSE C 265 -27.31 -4.05 24.85
N PRO C 266 -25.96 -2.24 19.95
CA PRO C 266 -26.53 -2.06 18.61
C PRO C 266 -27.02 -0.67 18.21
N ASP C 267 -27.37 0.17 19.18
CA ASP C 267 -27.85 1.51 18.86
C ASP C 267 -26.75 2.55 18.89
N ALA C 268 -25.52 2.12 19.12
CA ALA C 268 -24.41 3.06 19.16
C ALA C 268 -24.08 3.46 17.73
N PRO C 269 -23.71 4.74 17.52
CA PRO C 269 -23.37 5.22 16.18
C PRO C 269 -22.21 4.41 15.61
N GLY C 270 -22.37 3.98 14.36
CA GLY C 270 -21.32 3.20 13.72
C GLY C 270 -21.34 1.71 14.00
N PHE C 271 -22.21 1.27 14.91
CA PHE C 271 -22.28 -0.15 15.21
C PHE C 271 -22.42 -0.99 13.94
N GLY C 272 -21.58 -2.01 13.82
CA GLY C 272 -21.64 -2.89 12.67
C GLY C 272 -21.21 -2.31 11.32
N GLU C 273 -20.49 -1.19 11.33
CA GLU C 273 -20.02 -0.57 10.09
C GLU C 273 -18.64 -1.10 9.74
N ASP C 274 -18.42 -1.35 8.46
CA ASP C 274 -17.14 -1.87 8.01
C ASP C 274 -16.12 -0.73 7.84
N SER C 275 -14.85 -1.08 7.65
CA SER C 275 -13.81 -0.08 7.42
C SER C 275 -13.57 -0.11 5.91
N PRO C 276 -13.25 1.04 5.31
CA PRO C 276 -13.00 1.06 3.87
C PRO C 276 -11.87 0.11 3.44
N MSE C 277 -10.91 -0.13 4.33
CA MSE C 277 -9.81 -1.02 4.00
C MSE C 277 -10.29 -2.47 3.90
O MSE C 277 -9.55 -3.33 3.41
CB MSE C 277 -8.68 -0.92 5.04
CG MSE C 277 -8.89 -1.74 6.31
SE MSE C 277 -7.30 -1.66 7.46
CE MSE C 277 -8.07 -2.46 9.06
N TYR C 278 -11.50 -2.73 4.37
CA TYR C 278 -12.06 -4.08 4.30
C TYR C 278 -13.19 -4.21 3.29
N TYR C 279 -13.41 -3.17 2.49
CA TYR C 279 -14.45 -3.23 1.47
C TYR C 279 -14.05 -4.30 0.46
N GLY C 280 -15.00 -5.12 0.04
CA GLY C 280 -14.69 -6.14 -0.94
C GLY C 280 -14.43 -5.50 -2.29
N GLU C 281 -13.66 -6.17 -3.14
CA GLU C 281 -13.35 -5.62 -4.45
C GLU C 281 -13.86 -6.49 -5.59
N VAL C 282 -14.52 -5.86 -6.55
CA VAL C 282 -15.01 -6.59 -7.70
C VAL C 282 -14.12 -6.28 -8.88
N THR C 283 -13.75 -7.32 -9.61
CA THR C 283 -12.91 -7.21 -10.78
C THR C 283 -13.72 -7.91 -11.87
N TYR C 284 -14.12 -7.18 -12.89
CA TYR C 284 -14.90 -7.77 -13.95
C TYR C 284 -14.80 -6.96 -15.22
N ARG C 285 -15.19 -7.52 -16.35
CA ARG C 285 -15.14 -6.74 -17.57
C ARG C 285 -16.53 -6.59 -18.17
N ASN C 286 -16.77 -5.43 -18.78
CA ASN C 286 -18.08 -5.15 -19.37
C ASN C 286 -18.23 -5.77 -20.75
N GLY C 287 -19.37 -5.46 -21.40
CA GLY C 287 -19.65 -5.98 -22.72
C GLY C 287 -18.64 -5.58 -23.77
N ASN C 288 -17.95 -4.47 -23.52
CA ASN C 288 -16.94 -3.98 -24.45
C ASN C 288 -15.65 -4.73 -24.20
N GLY C 289 -15.56 -5.34 -23.02
CA GLY C 289 -14.37 -6.09 -22.66
C GLY C 289 -13.36 -5.27 -21.86
N ASP C 290 -13.80 -4.14 -21.31
CA ASP C 290 -12.90 -3.30 -20.53
C ASP C 290 -12.87 -3.86 -19.11
N TRP C 291 -11.69 -3.85 -18.49
CA TRP C 291 -11.59 -4.35 -17.13
C TRP C 291 -11.93 -3.24 -16.14
N ILE C 292 -12.73 -3.60 -15.15
CA ILE C 292 -13.17 -2.65 -14.13
C ILE C 292 -12.92 -3.14 -12.71
N LYS C 293 -12.25 -2.31 -11.91
CA LYS C 293 -12.01 -2.67 -10.52
C LYS C 293 -12.73 -1.63 -9.66
N LYS C 294 -13.47 -2.09 -8.67
CA LYS C 294 -14.13 -1.16 -7.78
C LYS C 294 -14.50 -1.81 -6.47
N GLN C 295 -14.63 -0.99 -5.45
CA GLN C 295 -14.98 -1.49 -4.15
C GLN C 295 -16.48 -1.46 -4.00
N ILE C 296 -16.98 -2.33 -3.14
CA ILE C 296 -18.39 -2.38 -2.84
C ILE C 296 -18.48 -1.96 -1.37
N LYS C 297 -19.15 -0.84 -1.12
CA LYS C 297 -19.30 -0.35 0.22
C LYS C 297 -20.05 -1.45 0.98
N THR C 298 -19.46 -1.96 2.06
CA THR C 298 -20.10 -3.03 2.80
C THR C 298 -21.44 -2.60 3.39
N PRO C 299 -22.52 -3.31 3.03
CA PRO C 299 -23.83 -2.96 3.58
C PRO C 299 -23.76 -3.04 5.10
N VAL C 300 -24.61 -2.29 5.79
CA VAL C 300 -24.59 -2.30 7.25
C VAL C 300 -25.11 -3.62 7.82
N GLY C 301 -24.33 -4.23 8.72
CA GLY C 301 -24.76 -5.48 9.33
C GLY C 301 -25.67 -5.21 10.51
N ASP C 302 -26.75 -5.96 10.62
CA ASP C 302 -27.70 -5.79 11.72
C ASP C 302 -28.50 -7.06 11.98
N TYR C 303 -28.05 -7.83 12.96
CA TYR C 303 -28.71 -9.08 13.32
C TYR C 303 -30.15 -8.86 13.71
N GLY C 304 -30.48 -7.61 14.07
CA GLY C 304 -31.83 -7.28 14.47
C GLY C 304 -32.82 -7.38 13.32
N ARG C 305 -32.30 -7.41 12.10
CA ARG C 305 -33.17 -7.49 10.93
C ARG C 305 -33.89 -8.84 10.88
N TYR C 306 -33.40 -9.81 11.64
CA TYR C 306 -34.03 -11.13 11.68
C TYR C 306 -35.37 -11.01 12.38
N TYR C 307 -35.36 -10.25 13.47
CA TYR C 307 -36.58 -10.02 14.24
C TYR C 307 -37.54 -9.10 13.48
N ASP C 308 -37.01 -8.15 12.73
CA ASP C 308 -37.90 -7.28 11.94
C ASP C 308 -38.62 -8.17 10.93
N ALA C 309 -37.90 -9.16 10.43
CA ALA C 309 -38.45 -10.09 9.46
C ALA C 309 -39.55 -10.89 10.12
N VAL C 310 -39.33 -11.29 11.37
CA VAL C 310 -40.33 -12.06 12.11
C VAL C 310 -41.57 -11.20 12.36
N TYR C 311 -41.37 -9.91 12.61
CA TYR C 311 -42.46 -8.98 12.87
C TYR C 311 -43.29 -8.74 11.61
N GLU C 312 -42.62 -8.70 10.45
CA GLU C 312 -43.34 -8.50 9.20
C GLU C 312 -44.17 -9.74 8.89
N THR C 313 -43.65 -10.91 9.26
CA THR C 313 -44.35 -12.16 9.02
C THR C 313 -45.58 -12.30 9.92
N LEU C 314 -45.40 -12.01 11.20
CA LEU C 314 -46.48 -12.13 12.16
C LEU C 314 -47.56 -11.07 12.07
N LYS C 315 -47.20 -9.84 11.70
CA LYS C 315 -48.19 -8.76 11.64
C LYS C 315 -48.68 -8.39 10.25
N ASN C 316 -47.80 -8.47 9.27
CA ASN C 316 -48.18 -8.08 7.92
C ASN C 316 -48.21 -9.23 6.94
N GLY C 317 -48.21 -10.45 7.47
CA GLY C 317 -48.23 -11.63 6.63
C GLY C 317 -47.14 -11.72 5.57
N ALA C 318 -45.94 -11.24 5.90
CA ALA C 318 -44.84 -11.31 4.96
C ALA C 318 -44.23 -12.71 5.02
N PRO C 319 -43.69 -13.19 3.89
CA PRO C 319 -43.09 -14.53 3.87
C PRO C 319 -42.00 -14.65 4.93
N GLN C 320 -41.96 -15.78 5.63
CA GLN C 320 -40.97 -15.99 6.66
C GLN C 320 -39.55 -16.10 6.08
N LEU C 321 -38.61 -15.44 6.75
CA LEU C 321 -37.22 -15.42 6.33
C LEU C 321 -36.66 -16.79 5.98
N VAL C 322 -36.66 -17.69 6.97
CA VAL C 322 -36.13 -19.04 6.80
C VAL C 322 -37.24 -20.03 6.48
N THR C 323 -37.27 -20.49 5.24
CA THR C 323 -38.30 -21.42 4.80
C THR C 323 -38.07 -22.83 5.34
N LYS C 324 -39.13 -23.62 5.31
CA LYS C 324 -39.10 -25.00 5.77
C LYS C 324 -38.06 -25.82 4.98
N GLU C 325 -38.01 -25.61 3.66
CA GLU C 325 -37.07 -26.35 2.83
C GLU C 325 -35.61 -25.98 3.13
N GLN C 326 -35.36 -24.69 3.34
CA GLN C 326 -34.02 -24.26 3.66
C GLN C 326 -33.53 -24.92 4.94
N ALA C 327 -34.38 -24.89 5.97
CA ALA C 327 -34.04 -25.48 7.26
C ALA C 327 -33.80 -26.99 7.19
N LEU C 328 -34.71 -27.71 6.54
CA LEU C 328 -34.56 -29.16 6.43
C LEU C 328 -33.37 -29.53 5.57
N THR C 329 -33.09 -28.74 4.54
CA THR C 329 -31.94 -28.99 3.67
C THR C 329 -30.65 -28.85 4.50
N ASN C 330 -30.61 -27.82 5.34
CA ASN C 330 -29.46 -27.59 6.21
C ASN C 330 -29.22 -28.78 7.13
N ILE C 331 -30.25 -29.17 7.90
CA ILE C 331 -30.12 -30.29 8.83
C ILE C 331 -29.68 -31.56 8.11
N GLU C 332 -30.32 -31.86 6.99
CA GLU C 332 -30.00 -33.05 6.21
C GLU C 332 -28.53 -33.12 5.82
N ILE C 333 -28.03 -32.03 5.22
CA ILE C 333 -26.62 -31.98 4.81
C ILE C 333 -25.71 -32.10 6.01
N LEU C 334 -26.10 -31.46 7.10
CA LEU C 334 -25.32 -31.50 8.32
C LEU C 334 -25.23 -32.93 8.84
N GLU C 335 -26.39 -33.59 8.89
CA GLU C 335 -26.51 -34.96 9.37
C GLU C 335 -25.72 -35.94 8.49
N ALA C 336 -25.81 -35.75 7.18
CA ALA C 336 -25.13 -36.63 6.24
C ALA C 336 -23.60 -36.54 6.35
N GLY C 337 -23.11 -35.46 6.96
CA GLY C 337 -21.68 -35.31 7.11
C GLY C 337 -21.07 -36.39 7.98
N PHE C 338 -21.90 -36.94 8.88
CA PHE C 338 -21.45 -37.97 9.80
C PHE C 338 -22.04 -39.34 9.48
N LEU C 339 -22.69 -39.46 8.33
CA LEU C 339 -23.28 -40.73 7.92
C LEU C 339 -22.16 -41.75 7.74
N ASN C 340 -21.09 -41.32 7.08
CA ASN C 340 -19.91 -42.15 6.82
C ASN C 340 -18.67 -41.43 7.32
N PRO C 341 -17.54 -42.14 7.44
CA PRO C 341 -16.31 -41.51 7.92
C PRO C 341 -15.75 -40.54 6.87
N SER C 342 -15.25 -39.40 7.34
CA SER C 342 -14.68 -38.39 6.45
C SER C 342 -13.38 -38.93 5.84
N PRO C 343 -13.11 -38.61 4.57
CA PRO C 343 -13.89 -37.79 3.62
C PRO C 343 -15.00 -38.62 2.99
N SER C 344 -16.15 -38.00 2.75
CA SER C 344 -17.23 -38.74 2.14
C SER C 344 -17.94 -37.93 1.07
N VAL C 345 -18.91 -38.58 0.42
CA VAL C 345 -19.70 -37.95 -0.62
C VAL C 345 -21.14 -38.31 -0.33
N TYR C 346 -22.03 -37.34 -0.48
CA TYR C 346 -23.45 -37.56 -0.22
C TYR C 346 -24.30 -36.92 -1.30
N HIS C 347 -25.23 -37.70 -1.84
CA HIS C 347 -26.10 -37.18 -2.87
C HIS C 347 -27.44 -36.76 -2.27
N LEU C 348 -27.84 -35.54 -2.58
CA LEU C 348 -29.08 -34.99 -2.06
C LEU C 348 -30.29 -35.68 -2.65
N LYS C 349 -31.15 -36.14 -1.73
CA LYS C 349 -32.38 -36.83 -2.07
C LYS C 349 -33.24 -36.03 -3.05
N SER D 2 33.81 -38.32 -18.49
CA SER D 2 33.18 -37.91 -17.20
C SER D 2 33.28 -36.41 -16.90
N LEU D 3 34.12 -35.70 -17.65
CA LEU D 3 34.25 -34.26 -17.45
C LEU D 3 32.86 -33.64 -17.52
N THR D 4 32.13 -33.96 -18.59
CA THR D 4 30.78 -33.46 -18.79
C THR D 4 29.86 -34.62 -19.14
N VAL D 5 28.55 -34.36 -19.14
CA VAL D 5 27.59 -35.40 -19.49
C VAL D 5 27.24 -35.20 -20.95
N LYS D 6 27.49 -36.23 -21.76
CA LYS D 6 27.19 -36.16 -23.19
C LYS D 6 25.74 -36.58 -23.37
N MSE D 7 24.89 -35.62 -23.76
CA MSE D 7 23.47 -35.94 -23.94
C MSE D 7 22.97 -35.83 -25.38
O MSE D 7 23.70 -35.43 -26.29
CB MSE D 7 22.61 -35.05 -23.03
CG MSE D 7 22.70 -33.56 -23.30
SE MSE D 7 21.29 -32.62 -22.29
CE MSE D 7 22.46 -31.59 -21.24
N GLY D 8 21.71 -36.21 -25.56
CA GLY D 8 21.10 -36.17 -26.88
C GLY D 8 19.62 -35.91 -26.72
N PHE D 9 18.98 -35.45 -27.78
CA PHE D 9 17.55 -35.13 -27.74
C PHE D 9 16.74 -35.88 -28.77
N ILE D 10 15.62 -36.48 -28.33
CA ILE D 10 14.72 -37.14 -29.28
C ILE D 10 13.61 -36.10 -29.43
N GLY D 11 13.68 -35.33 -30.52
CA GLY D 11 12.69 -34.29 -30.77
C GLY D 11 13.31 -32.91 -30.70
N PHE D 12 13.12 -32.12 -31.76
CA PHE D 12 13.67 -30.77 -31.82
C PHE D 12 12.53 -29.74 -31.99
N GLY D 13 11.42 -30.00 -31.32
CA GLY D 13 10.27 -29.11 -31.42
C GLY D 13 10.27 -27.95 -30.42
N LYS D 14 9.07 -27.44 -30.13
CA LYS D 14 8.90 -26.32 -29.21
C LYS D 14 9.47 -26.63 -27.83
N SER D 15 9.03 -27.75 -27.26
CA SER D 15 9.50 -28.20 -25.94
C SER D 15 11.00 -28.08 -25.80
N ALA D 16 11.70 -28.82 -26.66
CA ALA D 16 13.14 -28.86 -26.66
C ALA D 16 13.76 -27.47 -26.77
N ASN D 17 13.25 -26.67 -27.70
CA ASN D 17 13.78 -25.34 -27.93
C ASN D 17 13.46 -24.26 -26.92
N ARG D 18 12.57 -24.51 -25.98
CA ARG D 18 12.27 -23.49 -25.00
C ARG D 18 12.48 -23.92 -23.54
N TYR D 19 12.18 -25.16 -23.21
CA TYR D 19 12.34 -25.63 -21.84
C TYR D 19 13.61 -26.42 -21.54
N HIS D 20 14.37 -26.76 -22.57
CA HIS D 20 15.59 -27.54 -22.37
C HIS D 20 16.86 -26.88 -22.90
N LEU D 21 17.01 -26.84 -24.21
CA LEU D 21 18.18 -26.27 -24.85
C LEU D 21 18.65 -24.90 -24.31
N PRO D 22 17.73 -23.95 -24.09
CA PRO D 22 18.15 -22.64 -23.58
C PRO D 22 18.96 -22.73 -22.28
N TYR D 23 18.53 -23.61 -21.37
CA TYR D 23 19.19 -23.79 -20.07
C TYR D 23 20.42 -24.69 -20.17
N VAL D 24 20.32 -25.70 -21.02
CA VAL D 24 21.39 -26.65 -21.20
C VAL D 24 22.53 -26.17 -22.11
N MSE D 25 22.22 -25.25 -23.01
CA MSE D 25 23.21 -24.75 -23.94
C MSE D 25 24.15 -23.72 -23.29
O MSE D 25 25.13 -23.28 -23.90
CB MSE D 25 22.51 -24.12 -25.14
CG MSE D 25 23.14 -24.40 -26.49
SE MSE D 25 23.22 -26.29 -26.99
CE MSE D 25 25.16 -26.38 -27.05
N ILE D 26 23.88 -23.35 -22.04
CA ILE D 26 24.76 -22.39 -21.36
C ILE D 26 25.41 -23.06 -20.17
N ARG D 27 25.24 -24.38 -20.08
CA ARG D 27 25.79 -25.18 -18.99
C ARG D 27 26.93 -26.09 -19.49
N GLU D 28 28.13 -25.83 -18.99
CA GLU D 28 29.33 -26.59 -19.36
C GLU D 28 29.19 -28.08 -19.08
N THR D 29 28.71 -28.40 -17.87
CA THR D 29 28.53 -29.77 -17.42
C THR D 29 27.58 -30.61 -18.25
N LEU D 30 26.77 -29.95 -19.07
CA LEU D 30 25.81 -30.64 -19.92
C LEU D 30 26.15 -30.42 -21.39
N GLU D 31 26.77 -31.41 -22.01
CA GLU D 31 27.16 -31.27 -23.41
C GLU D 31 26.19 -31.94 -24.38
N VAL D 32 25.48 -31.11 -25.14
CA VAL D 32 24.55 -31.61 -26.13
C VAL D 32 25.33 -32.00 -27.38
N LYS D 33 25.36 -33.29 -27.70
CA LYS D 33 26.10 -33.72 -28.88
C LYS D 33 25.25 -34.05 -30.08
N THR D 34 24.09 -34.66 -29.87
CA THR D 34 23.22 -35.03 -30.99
C THR D 34 21.73 -34.78 -30.77
N ILE D 35 21.08 -34.16 -31.77
CA ILE D 35 19.64 -33.90 -31.73
C ILE D 35 19.00 -34.71 -32.85
N PHE D 36 17.97 -35.47 -32.50
CA PHE D 36 17.26 -36.27 -33.49
C PHE D 36 15.87 -35.70 -33.72
N ASP D 37 15.35 -35.93 -34.92
CA ASP D 37 14.00 -35.49 -35.29
C ASP D 37 13.76 -35.90 -36.74
N LEU D 38 12.54 -36.39 -37.02
CA LEU D 38 12.19 -36.80 -38.37
C LEU D 38 12.14 -35.62 -39.35
N HIS D 39 11.74 -34.45 -38.86
CA HIS D 39 11.66 -33.27 -39.71
C HIS D 39 12.37 -32.05 -39.10
N VAL D 40 13.69 -32.15 -39.02
CA VAL D 40 14.51 -31.09 -38.46
C VAL D 40 14.33 -29.76 -39.16
N ASN D 41 13.99 -28.74 -38.38
CA ASN D 41 13.81 -27.38 -38.90
C ASN D 41 15.20 -26.81 -39.14
N GLU D 42 15.60 -26.75 -40.41
CA GLU D 42 16.93 -26.26 -40.75
C GLU D 42 17.28 -24.91 -40.14
N LYS D 43 16.39 -23.94 -40.29
CA LYS D 43 16.65 -22.62 -39.73
C LYS D 43 17.02 -22.71 -38.26
N ALA D 44 16.08 -23.18 -37.45
CA ALA D 44 16.29 -23.30 -36.01
C ALA D 44 17.53 -24.12 -35.64
N ALA D 45 17.99 -24.97 -36.55
CA ALA D 45 19.15 -25.82 -36.30
C ALA D 45 20.49 -25.13 -36.54
N ALA D 46 20.52 -24.22 -37.52
CA ALA D 46 21.74 -23.50 -37.89
C ALA D 46 22.61 -23.04 -36.73
N PRO D 47 22.05 -22.26 -35.79
CA PRO D 47 22.82 -21.76 -34.64
C PRO D 47 23.42 -22.90 -33.81
N PHE D 48 22.65 -23.97 -33.65
CA PHE D 48 23.08 -25.12 -32.88
C PHE D 48 24.21 -25.86 -33.59
N LYS D 49 24.15 -25.89 -34.91
CA LYS D 49 25.19 -26.56 -35.69
C LYS D 49 26.52 -25.84 -35.59
N GLU D 50 26.50 -24.54 -35.79
CA GLU D 50 27.73 -23.76 -35.71
C GLU D 50 28.33 -23.87 -34.32
N LYS D 51 27.54 -24.35 -33.36
CA LYS D 51 28.04 -24.51 -32.00
C LYS D 51 28.61 -25.90 -31.76
N GLY D 52 28.52 -26.76 -32.76
CA GLY D 52 29.08 -28.09 -32.63
C GLY D 52 28.10 -29.25 -32.57
N VAL D 53 26.82 -28.97 -32.31
CA VAL D 53 25.86 -30.05 -32.23
C VAL D 53 25.43 -30.44 -33.64
N ASN D 54 25.25 -31.74 -33.87
CA ASN D 54 24.82 -32.17 -35.19
C ASN D 54 23.45 -32.80 -35.08
N PHE D 55 22.71 -32.80 -36.19
CA PHE D 55 21.38 -33.35 -36.21
C PHE D 55 21.31 -34.59 -37.08
N THR D 56 20.20 -35.30 -36.98
CA THR D 56 19.99 -36.51 -37.77
C THR D 56 18.54 -36.96 -37.69
N ALA D 57 18.07 -37.62 -38.75
CA ALA D 57 16.70 -38.11 -38.79
C ALA D 57 16.75 -39.61 -38.54
N ASP D 58 17.94 -40.13 -38.23
CA ASP D 58 18.13 -41.55 -37.99
C ASP D 58 18.21 -41.83 -36.49
N LEU D 59 17.09 -42.25 -35.91
CA LEU D 59 17.02 -42.56 -34.49
C LEU D 59 18.15 -43.50 -34.05
N ASN D 60 18.45 -44.47 -34.90
CA ASN D 60 19.50 -45.46 -34.61
C ASN D 60 20.88 -44.85 -34.46
N GLU D 61 21.15 -43.81 -35.24
CA GLU D 61 22.43 -43.13 -35.21
C GLU D 61 22.65 -42.55 -33.81
N LEU D 62 21.56 -42.14 -33.17
CA LEU D 62 21.65 -41.56 -31.83
C LEU D 62 21.74 -42.65 -30.76
N LEU D 63 20.76 -43.55 -30.75
CA LEU D 63 20.72 -44.61 -29.76
C LEU D 63 22.00 -45.42 -29.71
N THR D 64 22.52 -45.81 -30.87
CA THR D 64 23.73 -46.63 -30.91
C THR D 64 25.02 -45.87 -30.71
N ASP D 65 24.95 -44.57 -30.44
CA ASP D 65 26.16 -43.80 -30.22
C ASP D 65 26.63 -44.03 -28.78
N PRO D 66 27.70 -44.83 -28.62
CA PRO D 66 28.27 -45.14 -27.30
C PRO D 66 28.88 -43.94 -26.59
N GLU D 67 28.88 -42.79 -27.25
CA GLU D 67 29.44 -41.59 -26.65
C GLU D 67 28.37 -40.87 -25.83
N ILE D 68 27.10 -41.06 -26.21
CA ILE D 68 25.98 -40.42 -25.50
C ILE D 68 25.57 -41.22 -24.27
N GLU D 69 25.51 -40.56 -23.12
CA GLU D 69 25.11 -41.22 -21.88
C GLU D 69 23.72 -40.79 -21.41
N LEU D 70 23.26 -39.63 -21.87
CA LEU D 70 21.96 -39.13 -21.48
C LEU D 70 21.09 -38.73 -22.66
N ILE D 71 19.80 -39.06 -22.57
CA ILE D 71 18.86 -38.71 -23.61
C ILE D 71 17.57 -38.11 -23.04
N THR D 72 17.12 -37.02 -23.66
CA THR D 72 15.89 -36.34 -23.25
C THR D 72 14.86 -36.51 -24.38
N ILE D 73 13.66 -36.95 -24.02
CA ILE D 73 12.60 -37.17 -24.99
C ILE D 73 11.56 -36.05 -24.97
N CYS D 74 11.46 -35.32 -26.08
CA CYS D 74 10.53 -34.20 -26.18
C CYS D 74 9.49 -34.34 -27.29
N THR D 75 9.40 -35.53 -27.86
CA THR D 75 8.44 -35.79 -28.93
C THR D 75 7.01 -35.88 -28.39
N PRO D 76 6.00 -36.02 -29.29
CA PRO D 76 4.59 -36.11 -28.90
C PRO D 76 4.30 -37.16 -27.82
N ALA D 77 3.31 -36.87 -27.00
CA ALA D 77 2.89 -37.71 -25.88
C ALA D 77 2.91 -39.23 -26.08
N HIS D 78 2.06 -39.72 -26.97
CA HIS D 78 1.93 -41.15 -27.25
C HIS D 78 3.20 -41.78 -27.84
N THR D 79 4.30 -41.06 -27.74
CA THR D 79 5.55 -41.54 -28.28
C THR D 79 6.58 -41.83 -27.19
N HIS D 80 6.27 -41.43 -25.96
CA HIS D 80 7.19 -41.60 -24.85
C HIS D 80 7.55 -43.01 -24.40
N TYR D 81 6.55 -43.81 -24.02
CA TYR D 81 6.81 -45.17 -23.58
C TYR D 81 7.79 -45.88 -24.52
N ASP D 82 7.45 -45.90 -25.79
CA ASP D 82 8.28 -46.55 -26.80
C ASP D 82 9.71 -46.08 -26.89
N LEU D 83 9.88 -44.78 -27.10
CA LEU D 83 11.22 -44.24 -27.23
C LEU D 83 12.01 -44.41 -25.94
N ALA D 84 11.32 -44.30 -24.80
CA ALA D 84 11.96 -44.46 -23.50
C ALA D 84 12.57 -45.86 -23.40
N LYS D 85 11.79 -46.88 -23.74
CA LYS D 85 12.28 -48.25 -23.69
C LYS D 85 13.53 -48.40 -24.55
N GLN D 86 13.41 -48.07 -25.83
CA GLN D 86 14.54 -48.20 -26.75
C GLN D 86 15.80 -47.57 -26.20
N ALA D 87 15.67 -46.38 -25.65
CA ALA D 87 16.84 -45.68 -25.10
C ALA D 87 17.42 -46.45 -23.91
N ILE D 88 16.57 -46.98 -23.04
CA ILE D 88 17.04 -47.75 -21.90
C ILE D 88 17.85 -48.91 -22.46
N LEU D 89 17.22 -49.71 -23.33
CA LEU D 89 17.87 -50.86 -23.95
C LEU D 89 19.21 -50.47 -24.56
N ALA D 90 19.30 -49.25 -25.10
CA ALA D 90 20.56 -48.78 -25.70
C ALA D 90 21.58 -48.44 -24.62
N GLY D 91 21.18 -48.57 -23.36
CA GLY D 91 22.09 -48.30 -22.26
C GLY D 91 22.31 -46.84 -21.87
N LYS D 92 21.34 -45.98 -22.16
CA LYS D 92 21.48 -44.56 -21.80
C LYS D 92 20.50 -44.17 -20.71
N SER D 93 20.83 -43.10 -19.98
CA SER D 93 19.93 -42.59 -18.94
C SER D 93 18.88 -41.78 -19.68
N VAL D 94 17.64 -41.80 -19.20
CA VAL D 94 16.56 -41.09 -19.89
C VAL D 94 15.73 -40.10 -19.09
N ILE D 95 15.50 -38.94 -19.70
CA ILE D 95 14.66 -37.90 -19.14
C ILE D 95 13.47 -37.85 -20.08
N VAL D 96 12.27 -38.06 -19.53
CA VAL D 96 11.06 -38.07 -20.33
C VAL D 96 10.15 -36.90 -19.99
N GLU D 97 9.86 -36.10 -21.00
CA GLU D 97 8.98 -34.95 -20.82
C GLU D 97 7.59 -35.51 -20.60
N LYS D 98 6.78 -34.82 -19.80
CA LYS D 98 5.42 -35.24 -19.51
C LYS D 98 4.63 -35.60 -20.77
N PRO D 99 3.90 -36.72 -20.75
CA PRO D 99 3.77 -37.68 -19.64
C PRO D 99 4.87 -38.72 -19.67
N PHE D 100 5.17 -39.31 -18.50
CA PHE D 100 6.19 -40.33 -18.41
C PHE D 100 5.83 -41.51 -19.31
N CYS D 101 4.60 -41.98 -19.18
CA CYS D 101 4.07 -43.11 -19.96
C CYS D 101 2.57 -42.92 -20.17
N ASP D 102 1.92 -43.97 -20.63
CA ASP D 102 0.48 -43.92 -20.84
C ASP D 102 -0.23 -44.64 -19.68
N THR D 103 0.44 -45.59 -19.06
CA THR D 103 -0.17 -46.33 -17.96
C THR D 103 0.78 -46.49 -16.77
N LEU D 104 0.18 -46.72 -15.61
CA LEU D 104 0.96 -46.91 -14.38
C LEU D 104 1.88 -48.12 -14.52
N GLU D 105 1.39 -49.17 -15.19
CA GLU D 105 2.16 -50.39 -15.38
C GLU D 105 3.40 -50.14 -16.23
N HIS D 106 3.22 -49.36 -17.31
CA HIS D 106 4.36 -49.04 -18.15
C HIS D 106 5.36 -48.19 -17.36
N ALA D 107 4.85 -47.26 -16.56
CA ALA D 107 5.71 -46.40 -15.75
C ALA D 107 6.58 -47.34 -14.91
N GLU D 108 5.92 -48.23 -14.19
CA GLU D 108 6.58 -49.21 -13.36
C GLU D 108 7.63 -49.97 -14.18
N GLU D 109 7.25 -50.43 -15.37
CA GLU D 109 8.18 -51.17 -16.22
C GLU D 109 9.43 -50.39 -16.58
N LEU D 110 9.27 -49.11 -16.91
CA LEU D 110 10.41 -48.27 -17.27
C LEU D 110 11.42 -48.14 -16.14
N PHE D 111 10.93 -47.99 -14.92
CA PHE D 111 11.83 -47.86 -13.78
C PHE D 111 12.58 -49.16 -13.56
N ALA D 112 11.89 -50.27 -13.77
CA ALA D 112 12.49 -51.59 -13.61
C ALA D 112 13.63 -51.80 -14.63
N LEU D 113 13.36 -51.52 -15.89
CA LEU D 113 14.35 -51.66 -16.96
C LEU D 113 15.58 -50.81 -16.66
N GLY D 114 15.35 -49.54 -16.32
CA GLY D 114 16.46 -48.67 -16.02
C GLY D 114 17.33 -49.25 -14.92
N GLN D 115 16.69 -49.73 -13.87
CA GLN D 115 17.41 -50.32 -12.74
C GLN D 115 18.25 -51.51 -13.19
N GLU D 116 17.73 -52.30 -14.11
CA GLU D 116 18.44 -53.48 -14.59
C GLU D 116 19.65 -53.12 -15.44
N LYS D 117 19.61 -51.96 -16.08
CA LYS D 117 20.70 -51.51 -16.95
C LYS D 117 21.72 -50.63 -16.21
N GLY D 118 21.37 -50.23 -14.99
CA GLY D 118 22.25 -49.40 -14.20
C GLY D 118 22.20 -47.94 -14.60
N VAL D 119 21.08 -47.54 -15.18
CA VAL D 119 20.91 -46.17 -15.64
C VAL D 119 19.73 -45.46 -14.94
N VAL D 120 19.64 -44.15 -15.12
CA VAL D 120 18.57 -43.35 -14.52
C VAL D 120 17.43 -43.12 -15.50
N VAL D 121 16.20 -43.13 -15.00
CA VAL D 121 15.01 -42.89 -15.83
C VAL D 121 14.05 -42.05 -15.00
N MSE D 122 13.72 -40.87 -15.49
CA MSE D 122 12.82 -40.01 -14.73
C MSE D 122 11.98 -39.06 -15.56
O MSE D 122 12.37 -38.67 -16.67
CB MSE D 122 13.60 -39.14 -13.75
CG MSE D 122 14.67 -39.84 -12.95
SE MSE D 122 15.55 -38.46 -11.86
CE MSE D 122 16.73 -37.76 -13.29
N PRO D 123 10.79 -38.68 -15.06
CA PRO D 123 9.97 -37.75 -15.81
C PRO D 123 10.65 -36.41 -15.61
N TYR D 124 10.43 -35.47 -16.52
CA TYR D 124 11.03 -34.14 -16.41
C TYR D 124 10.11 -33.34 -15.50
N GLN D 125 10.56 -33.06 -14.28
CA GLN D 125 9.77 -32.30 -13.32
C GLN D 125 10.44 -30.95 -13.04
N ASN D 126 10.50 -30.12 -14.05
CA ASN D 126 11.12 -28.80 -13.94
C ASN D 126 10.43 -27.85 -12.97
N ARG D 127 9.12 -27.98 -12.81
CA ARG D 127 8.42 -27.09 -11.91
C ARG D 127 8.77 -27.27 -10.44
N ARG D 128 9.75 -28.12 -10.17
CA ARG D 128 10.22 -28.32 -8.80
C ARG D 128 11.19 -27.17 -8.61
N PHE D 129 11.39 -26.39 -9.66
CA PHE D 129 12.30 -25.27 -9.55
C PHE D 129 11.67 -23.91 -9.85
N ASP D 130 10.37 -23.80 -9.60
CA ASP D 130 9.69 -22.52 -9.77
C ASP D 130 10.09 -21.76 -8.51
N GLY D 131 10.34 -20.46 -8.62
CA GLY D 131 10.72 -19.69 -7.44
C GLY D 131 9.69 -19.76 -6.31
N ASP D 132 8.42 -19.53 -6.64
CA ASP D 132 7.37 -19.56 -5.62
C ASP D 132 7.31 -20.90 -4.89
N TYR D 133 7.62 -21.99 -5.58
CA TYR D 133 7.62 -23.31 -4.95
C TYR D 133 8.85 -23.41 -4.04
N LEU D 134 10.00 -22.98 -4.57
CA LEU D 134 11.24 -23.01 -3.80
C LEU D 134 11.12 -22.19 -2.52
N ALA D 135 10.30 -21.13 -2.56
CA ALA D 135 10.10 -20.26 -1.39
C ALA D 135 9.29 -21.00 -0.33
N MSE D 136 8.19 -21.60 -0.78
CA MSE D 136 7.29 -22.38 0.07
C MSE D 136 8.07 -23.55 0.69
O MSE D 136 7.87 -23.90 1.84
CB MSE D 136 6.12 -22.88 -0.78
CG MSE D 136 5.08 -23.77 -0.13
SE MSE D 136 5.68 -25.62 -0.01
CE MSE D 136 6.87 -25.60 -1.53
N LYS D 137 8.95 -24.16 -0.10
CA LYS D 137 9.74 -25.31 0.35
C LYS D 137 10.78 -24.85 1.39
N GLN D 138 11.38 -23.69 1.18
CA GLN D 138 12.38 -23.17 2.12
C GLN D 138 11.72 -22.95 3.48
N VAL D 139 10.64 -22.20 3.47
CA VAL D 139 9.90 -21.91 4.69
C VAL D 139 9.56 -23.20 5.43
N VAL D 140 9.02 -24.18 4.73
CA VAL D 140 8.66 -25.43 5.37
C VAL D 140 9.88 -26.08 6.03
N GLU D 141 10.95 -26.23 5.28
CA GLU D 141 12.16 -26.86 5.81
C GLU D 141 12.76 -26.12 7.00
N GLN D 142 12.67 -24.79 7.01
CA GLN D 142 13.23 -24.01 8.10
C GLN D 142 12.42 -24.11 9.40
N GLY D 143 11.22 -24.69 9.31
CA GLY D 143 10.40 -24.88 10.49
C GLY D 143 9.58 -23.77 11.11
N PHE D 144 9.75 -22.53 10.67
CA PHE D 144 9.00 -21.40 11.22
C PHE D 144 7.55 -21.71 11.60
N LEU D 145 6.82 -22.32 10.65
CA LEU D 145 5.40 -22.60 10.83
C LEU D 145 4.99 -23.70 11.81
N GLY D 146 5.93 -24.52 12.25
CA GLY D 146 5.59 -25.59 13.18
C GLY D 146 4.91 -26.73 12.44
N GLU D 147 3.90 -27.32 13.05
CA GLU D 147 3.16 -28.44 12.44
C GLU D 147 2.27 -27.97 11.28
N ILE D 148 2.66 -28.27 10.04
CA ILE D 148 1.89 -27.87 8.87
C ILE D 148 0.55 -28.60 8.85
N ASN D 149 -0.55 -27.87 8.79
CA ASN D 149 -1.85 -28.53 8.77
C ASN D 149 -2.49 -28.44 7.39
N GLU D 150 -2.04 -27.49 6.57
CA GLU D 150 -2.58 -27.38 5.23
C GLU D 150 -1.72 -26.58 4.26
N VAL D 151 -1.81 -26.97 2.99
CA VAL D 151 -1.13 -26.31 1.90
C VAL D 151 -2.09 -26.29 0.72
N GLU D 152 -2.20 -25.15 0.07
CA GLU D 152 -3.08 -24.99 -1.08
C GLU D 152 -2.22 -24.38 -2.17
N THR D 153 -2.16 -25.06 -3.31
CA THR D 153 -1.34 -24.62 -4.44
C THR D 153 -2.20 -24.54 -5.70
N HIS D 154 -2.06 -23.43 -6.43
CA HIS D 154 -2.84 -23.18 -7.64
C HIS D 154 -2.08 -22.98 -8.94
N ILE D 155 -2.85 -23.13 -10.03
CA ILE D 155 -2.44 -22.87 -11.41
C ILE D 155 -3.81 -22.50 -11.97
N ASP D 156 -4.12 -21.21 -11.96
CA ASP D 156 -5.40 -20.72 -12.46
C ASP D 156 -5.22 -19.84 -13.67
N TYR D 157 -6.33 -19.52 -14.31
CA TYR D 157 -6.33 -18.66 -15.49
C TYR D 157 -7.65 -17.95 -15.59
N TYR D 158 -7.65 -16.87 -16.37
CA TYR D 158 -8.88 -16.20 -16.67
C TYR D 158 -8.94 -16.41 -18.17
N ARG D 159 -9.42 -17.59 -18.55
CA ARG D 159 -9.54 -17.98 -19.96
C ARG D 159 -10.91 -18.60 -20.20
N PRO D 160 -11.98 -17.86 -19.90
CA PRO D 160 -13.30 -18.46 -20.14
C PRO D 160 -13.44 -18.87 -21.60
N GLY D 161 -14.11 -20.01 -21.81
CA GLY D 161 -14.34 -20.52 -23.15
C GLY D 161 -13.14 -21.09 -23.89
N SER D 162 -12.10 -21.47 -23.16
CA SER D 162 -10.87 -22.02 -23.75
C SER D 162 -10.85 -23.54 -23.91
N ILE D 163 -11.52 -24.26 -23.01
CA ILE D 163 -11.58 -25.72 -23.11
C ILE D 163 -13.03 -26.10 -23.39
N THR D 164 -13.28 -26.54 -24.62
CA THR D 164 -14.62 -26.90 -25.05
C THR D 164 -14.75 -28.28 -25.68
N GLU D 165 -13.63 -28.88 -26.08
CA GLU D 165 -13.65 -30.19 -26.71
C GLU D 165 -13.75 -31.36 -25.76
N GLN D 166 -14.15 -32.51 -26.30
CA GLN D 166 -14.25 -33.74 -25.53
C GLN D 166 -12.92 -34.46 -25.70
N GLY D 167 -12.54 -35.24 -24.70
CA GLY D 167 -11.29 -35.96 -24.79
C GLY D 167 -11.01 -36.89 -23.63
N PRO D 168 -9.93 -37.68 -23.73
CA PRO D 168 -9.55 -38.62 -22.69
C PRO D 168 -8.96 -37.89 -21.48
N LYS D 169 -8.90 -38.58 -20.35
CA LYS D 169 -8.37 -37.99 -19.13
C LYS D 169 -7.01 -37.34 -19.31
N GLU D 170 -6.17 -37.93 -20.16
CA GLU D 170 -4.82 -37.42 -20.41
C GLU D 170 -4.76 -36.03 -21.04
N ASN D 171 -5.85 -35.57 -21.63
CA ASN D 171 -5.85 -34.25 -22.27
C ASN D 171 -6.48 -33.15 -21.40
N GLY D 172 -6.87 -33.51 -20.18
CA GLY D 172 -7.49 -32.55 -19.28
C GLY D 172 -6.51 -31.79 -18.43
N SER D 173 -7.00 -30.81 -17.69
CA SER D 173 -6.18 -29.98 -16.83
C SER D 173 -5.51 -30.79 -15.72
N PHE D 174 -6.26 -31.69 -15.09
CA PHE D 174 -5.70 -32.50 -14.02
C PHE D 174 -4.43 -33.21 -14.48
N TYR D 175 -4.45 -33.77 -15.69
CA TYR D 175 -3.27 -34.45 -16.22
C TYR D 175 -2.20 -33.50 -16.73
N GLY D 176 -2.62 -32.32 -17.20
CA GLY D 176 -1.69 -31.37 -17.76
C GLY D 176 -1.04 -30.38 -16.81
N LEU D 177 -1.76 -30.06 -15.74
CA LEU D 177 -1.26 -29.12 -14.74
C LEU D 177 -1.21 -29.78 -13.36
N GLY D 178 -2.21 -30.58 -13.05
CA GLY D 178 -2.25 -31.25 -11.76
C GLY D 178 -1.06 -32.16 -11.52
N ILE D 179 -0.47 -32.66 -12.59
CA ILE D 179 0.68 -33.55 -12.47
C ILE D 179 1.89 -32.81 -11.89
N HIS D 180 2.09 -31.56 -12.30
CA HIS D 180 3.22 -30.78 -11.79
C HIS D 180 2.98 -30.41 -10.33
N LEU D 181 1.78 -29.92 -10.05
CA LEU D 181 1.41 -29.50 -8.71
C LEU D 181 1.58 -30.63 -7.69
N MSE D 182 0.99 -31.79 -7.97
CA MSE D 182 1.11 -32.92 -7.06
C MSE D 182 2.56 -33.41 -6.95
O MSE D 182 3.04 -33.68 -5.86
CB MSE D 182 0.20 -34.06 -7.49
CG MSE D 182 -1.26 -33.70 -7.40
SE MSE D 182 -2.40 -35.23 -7.76
CE MSE D 182 -3.26 -35.21 -6.08
N ASP D 183 3.26 -33.52 -8.08
CA ASP D 183 4.64 -33.97 -8.08
C ASP D 183 5.54 -33.26 -7.07
N ARG D 184 5.65 -31.93 -7.17
CA ARG D 184 6.51 -31.19 -6.25
C ARG D 184 5.97 -31.22 -4.83
N MSE D 185 4.68 -31.51 -4.69
CA MSE D 185 4.11 -31.58 -3.35
C MSE D 185 4.37 -32.98 -2.78
O MSE D 185 4.64 -33.15 -1.59
CB MSE D 185 2.61 -31.30 -3.40
CG MSE D 185 2.12 -30.39 -2.30
SE MSE D 185 2.98 -28.65 -2.39
CE MSE D 185 4.54 -29.09 -1.34
N ILE D 186 4.29 -33.98 -3.65
CA ILE D 186 4.56 -35.35 -3.28
C ILE D 186 6.03 -35.43 -2.89
N ALA D 187 6.85 -34.61 -3.55
CA ALA D 187 8.28 -34.60 -3.29
C ALA D 187 8.62 -34.03 -1.92
N LEU D 188 7.77 -33.14 -1.42
CA LEU D 188 8.01 -32.51 -0.14
C LEU D 188 7.33 -33.21 1.03
N PHE D 189 6.17 -33.82 0.81
CA PHE D 189 5.45 -34.48 1.88
C PHE D 189 5.33 -35.99 1.78
N GLY D 190 5.80 -36.55 0.67
CA GLY D 190 5.71 -37.99 0.51
C GLY D 190 4.35 -38.47 -0.01
N ARG D 191 4.13 -39.77 0.08
CA ARG D 191 2.91 -40.40 -0.38
C ARG D 191 1.75 -40.26 0.61
N PRO D 192 0.59 -39.76 0.14
CA PRO D 192 -0.57 -39.57 1.02
C PRO D 192 -1.30 -40.90 1.17
N ASP D 193 -2.17 -41.04 2.18
CA ASP D 193 -2.90 -42.29 2.37
C ASP D 193 -4.19 -42.33 1.56
N GLN D 194 -4.81 -41.17 1.33
CA GLN D 194 -6.02 -41.10 0.54
C GLN D 194 -6.19 -39.73 -0.12
N VAL D 195 -6.97 -39.70 -1.21
CA VAL D 195 -7.20 -38.49 -1.96
C VAL D 195 -8.69 -38.28 -2.30
N THR D 196 -9.09 -37.02 -2.44
CA THR D 196 -10.47 -36.70 -2.82
C THR D 196 -10.37 -35.95 -4.14
N TYR D 197 -11.34 -36.17 -5.01
CA TYR D 197 -11.32 -35.54 -6.31
C TYR D 197 -12.56 -34.71 -6.64
N ASP D 198 -12.33 -33.65 -7.41
CA ASP D 198 -13.37 -32.77 -7.90
C ASP D 198 -12.80 -32.38 -9.26
N ILE D 199 -13.02 -33.23 -10.24
CA ILE D 199 -12.55 -33.05 -11.61
C ILE D 199 -13.75 -32.88 -12.53
N ARG D 200 -13.80 -31.76 -13.25
CA ARG D 200 -14.89 -31.51 -14.19
C ARG D 200 -14.55 -30.32 -15.07
N ASN D 201 -15.47 -29.94 -15.94
CA ASN D 201 -15.31 -28.78 -16.80
C ASN D 201 -16.49 -27.91 -16.39
N ASN D 202 -16.21 -26.80 -15.72
CA ASN D 202 -17.26 -25.91 -15.23
C ASN D 202 -17.90 -24.99 -16.27
N GLU D 203 -17.77 -25.33 -17.56
CA GLU D 203 -18.37 -24.53 -18.63
C GLU D 203 -19.12 -25.42 -19.60
N VAL D 204 -18.53 -26.58 -19.90
CA VAL D 204 -19.13 -27.54 -20.82
C VAL D 204 -18.93 -28.89 -20.14
N SER D 205 -19.97 -29.36 -19.47
CA SER D 205 -19.90 -30.62 -18.73
C SER D 205 -19.32 -31.80 -19.51
N GLU D 206 -19.74 -32.00 -20.75
CA GLU D 206 -19.25 -33.10 -21.55
C GLU D 206 -17.81 -32.95 -22.04
N ALA D 207 -17.24 -31.75 -21.92
CA ALA D 207 -15.88 -31.50 -22.37
C ALA D 207 -14.85 -31.95 -21.35
N VAL D 208 -13.61 -32.12 -21.82
CA VAL D 208 -12.49 -32.53 -20.98
C VAL D 208 -12.32 -31.54 -19.81
N ASP D 209 -12.05 -32.07 -18.63
CA ASP D 209 -11.91 -31.24 -17.43
C ASP D 209 -10.98 -30.05 -17.57
N ASN D 210 -11.45 -28.89 -17.14
CA ASN D 210 -10.68 -27.67 -17.19
C ASN D 210 -10.67 -27.10 -15.78
N TYR D 211 -10.96 -27.97 -14.81
CA TYR D 211 -11.03 -27.57 -13.42
C TYR D 211 -10.88 -28.74 -12.46
N PHE D 212 -10.07 -28.54 -11.41
CA PHE D 212 -9.91 -29.56 -10.40
C PHE D 212 -9.61 -29.02 -9.01
N ASP D 213 -10.14 -29.71 -8.00
CA ASP D 213 -9.94 -29.38 -6.60
C ASP D 213 -9.70 -30.74 -5.96
N VAL D 214 -8.42 -31.08 -5.78
CA VAL D 214 -8.03 -32.38 -5.24
C VAL D 214 -7.20 -32.26 -3.96
N ASP D 215 -7.56 -33.08 -2.96
CA ASP D 215 -6.87 -33.08 -1.67
C ASP D 215 -6.06 -34.35 -1.42
N LEU D 216 -4.79 -34.17 -1.04
CA LEU D 216 -3.89 -35.27 -0.70
C LEU D 216 -3.92 -35.27 0.82
N HIS D 217 -4.41 -36.36 1.39
CA HIS D 217 -4.52 -36.48 2.83
C HIS D 217 -3.37 -37.25 3.45
N TYR D 218 -2.76 -36.63 4.46
CA TYR D 218 -1.67 -37.21 5.22
C TYR D 218 -2.16 -37.33 6.66
N GLY D 219 -2.64 -38.51 7.02
CA GLY D 219 -3.17 -38.71 8.35
C GLY D 219 -4.43 -37.88 8.52
N SER D 220 -4.61 -37.27 9.68
CA SER D 220 -5.78 -36.45 9.93
C SER D 220 -5.41 -34.99 10.20
N LYS D 221 -4.11 -34.73 10.37
CA LYS D 221 -3.65 -33.37 10.65
C LYS D 221 -3.37 -32.57 9.39
N LEU D 222 -2.78 -33.21 8.40
CA LEU D 222 -2.40 -32.52 7.18
C LEU D 222 -3.10 -32.95 5.89
N LYS D 223 -3.20 -31.99 4.97
CA LYS D 223 -3.76 -32.24 3.65
C LYS D 223 -3.23 -31.15 2.73
N VAL D 224 -2.97 -31.52 1.47
CA VAL D 224 -2.47 -30.59 0.49
C VAL D 224 -3.49 -30.47 -0.64
N LYS D 225 -3.93 -29.26 -0.91
CA LYS D 225 -4.90 -29.03 -1.98
C LYS D 225 -4.29 -28.47 -3.27
N VAL D 226 -4.44 -29.22 -4.36
CA VAL D 226 -3.96 -28.78 -5.66
C VAL D 226 -5.23 -28.31 -6.38
N LYS D 227 -5.16 -27.17 -7.05
CA LYS D 227 -6.35 -26.63 -7.69
C LYS D 227 -6.09 -25.82 -8.95
N THR D 228 -7.04 -25.90 -9.87
CA THR D 228 -6.99 -25.17 -11.15
C THR D 228 -8.40 -24.83 -11.58
N ASN D 229 -8.57 -23.61 -12.07
CA ASN D 229 -9.84 -23.10 -12.53
C ASN D 229 -9.49 -22.16 -13.67
N HIS D 230 -10.21 -22.27 -14.79
CA HIS D 230 -9.92 -21.42 -15.93
C HIS D 230 -10.71 -20.11 -15.99
N SER D 231 -11.49 -19.83 -14.95
CA SER D 231 -12.28 -18.60 -14.93
C SER D 231 -12.09 -17.84 -13.61
N VAL D 232 -10.85 -17.44 -13.33
CA VAL D 232 -10.51 -16.72 -12.11
C VAL D 232 -9.91 -15.38 -12.49
N ALA D 233 -10.68 -14.30 -12.35
CA ALA D 233 -10.22 -12.95 -12.67
C ALA D 233 -9.23 -12.44 -11.62
N SER D 234 -9.62 -12.50 -10.36
CA SER D 234 -8.75 -12.05 -9.28
C SER D 234 -8.11 -13.28 -8.63
N PRO D 235 -6.82 -13.50 -8.89
CA PRO D 235 -6.01 -14.63 -8.40
C PRO D 235 -5.98 -14.96 -6.93
N TYR D 236 -5.81 -16.24 -6.66
CA TYR D 236 -5.67 -16.75 -5.30
C TYR D 236 -4.15 -16.67 -5.09
N PRO D 237 -3.68 -17.01 -3.88
CA PRO D 237 -2.24 -16.97 -3.65
C PRO D 237 -1.71 -18.15 -4.46
N ARG D 238 -0.44 -18.11 -4.84
CA ARG D 238 0.12 -19.22 -5.60
C ARG D 238 0.40 -20.38 -4.64
N PHE D 239 0.60 -20.04 -3.36
CA PHE D 239 0.87 -21.02 -2.32
C PHE D 239 0.34 -20.52 -0.98
N ILE D 240 -0.40 -21.38 -0.28
CA ILE D 240 -0.93 -21.01 1.02
C ILE D 240 -0.50 -22.09 1.99
N VAL D 241 0.19 -21.68 3.06
CA VAL D 241 0.65 -22.65 4.04
C VAL D 241 0.27 -22.24 5.45
N HIS D 242 -0.43 -23.12 6.16
CA HIS D 242 -0.79 -22.85 7.54
C HIS D 242 -0.25 -23.97 8.42
N GLY D 243 0.36 -23.57 9.52
CA GLY D 243 0.92 -24.53 10.47
C GLY D 243 0.50 -24.10 11.85
N SER D 244 0.92 -24.84 12.88
CA SER D 244 0.56 -24.52 14.25
C SER D 244 1.15 -23.20 14.77
N ASN D 245 2.28 -22.78 14.20
CA ASN D 245 2.92 -21.54 14.63
C ASN D 245 2.73 -20.35 13.70
N GLY D 246 1.96 -20.52 12.63
CA GLY D 246 1.76 -19.41 11.71
C GLY D 246 1.43 -19.80 10.27
N SER D 247 1.57 -18.85 9.36
CA SER D 247 1.25 -19.09 7.96
C SER D 247 2.26 -18.50 6.98
N PHE D 248 2.10 -18.88 5.71
CA PHE D 248 2.93 -18.35 4.65
C PHE D 248 2.00 -18.16 3.48
N ILE D 249 1.98 -16.97 2.90
CA ILE D 249 1.14 -16.71 1.75
C ILE D 249 1.96 -16.05 0.66
N LYS D 250 1.96 -16.64 -0.52
CA LYS D 250 2.71 -16.03 -1.61
C LYS D 250 1.88 -15.86 -2.88
N TYR D 251 1.90 -14.64 -3.40
CA TYR D 251 1.20 -14.32 -4.62
C TYR D 251 2.25 -14.26 -5.73
N GLY D 252 1.83 -14.50 -6.96
CA GLY D 252 2.76 -14.42 -8.08
C GLY D 252 3.37 -15.72 -8.51
N GLU D 253 3.30 -15.99 -9.80
CA GLU D 253 3.85 -17.22 -10.35
C GLU D 253 5.24 -16.95 -10.90
N ASP D 254 6.04 -18.02 -11.01
CA ASP D 254 7.40 -17.92 -11.55
C ASP D 254 7.27 -17.47 -13.01
N GLN D 255 8.03 -16.45 -13.40
CA GLN D 255 7.96 -15.92 -14.75
C GLN D 255 8.91 -16.54 -15.79
N GLN D 256 9.65 -17.60 -15.45
CA GLN D 256 10.57 -18.19 -16.42
C GLN D 256 9.90 -18.47 -17.75
N GLU D 257 8.74 -19.12 -17.70
CA GLU D 257 8.01 -19.48 -18.90
C GLU D 257 7.56 -18.29 -19.73
N ASN D 258 6.97 -17.28 -19.09
CA ASN D 258 6.55 -16.09 -19.83
C ASN D 258 7.78 -15.41 -20.45
N ASP D 259 8.83 -15.21 -19.67
CA ASP D 259 10.03 -14.58 -20.20
C ASP D 259 10.49 -15.37 -21.42
N LEU D 260 10.49 -16.69 -21.27
CA LEU D 260 10.91 -17.59 -22.34
C LEU D 260 10.10 -17.38 -23.62
N LYS D 261 8.78 -17.52 -23.55
CA LYS D 261 7.94 -17.36 -24.73
C LYS D 261 8.00 -15.93 -25.28
N ALA D 262 8.53 -15.00 -24.48
CA ALA D 262 8.67 -13.62 -24.91
C ALA D 262 10.03 -13.44 -25.60
N GLY D 263 10.82 -14.51 -25.62
CA GLY D 263 12.13 -14.47 -26.25
C GLY D 263 13.30 -14.18 -25.33
N ILE D 264 13.07 -14.16 -24.02
CA ILE D 264 14.13 -13.90 -23.04
C ILE D 264 14.85 -15.17 -22.60
N MSE D 265 16.12 -15.30 -23.00
CA MSE D 265 16.91 -16.48 -22.65
C MSE D 265 17.39 -16.47 -21.20
O MSE D 265 17.55 -15.42 -20.58
CB MSE D 265 18.09 -16.62 -23.62
CG MSE D 265 17.67 -16.85 -25.05
SE MSE D 265 16.43 -18.36 -25.25
CE MSE D 265 17.74 -19.64 -25.92
N PRO D 266 17.62 -17.67 -20.62
CA PRO D 266 18.07 -17.89 -19.24
C PRO D 266 19.22 -17.05 -18.71
N ASP D 267 20.14 -16.63 -19.57
CA ASP D 267 21.27 -15.82 -19.12
C ASP D 267 20.96 -14.33 -19.12
N ALA D 268 19.73 -13.97 -19.49
CA ALA D 268 19.36 -12.57 -19.53
C ALA D 268 19.41 -12.02 -18.11
N PRO D 269 19.56 -10.68 -17.98
CA PRO D 269 19.62 -10.00 -16.69
C PRO D 269 18.37 -10.24 -15.86
N GLY D 270 18.56 -10.60 -14.59
CA GLY D 270 17.45 -10.82 -13.69
C GLY D 270 16.49 -11.95 -14.03
N PHE D 271 16.90 -12.85 -14.92
CA PHE D 271 16.05 -13.97 -15.31
C PHE D 271 15.81 -14.88 -14.11
N GLY D 272 14.57 -15.32 -13.94
CA GLY D 272 14.24 -16.21 -12.83
C GLY D 272 14.03 -15.50 -11.51
N GLU D 273 14.39 -14.22 -11.45
CA GLU D 273 14.22 -13.44 -10.22
C GLU D 273 12.81 -12.93 -10.09
N ASP D 274 12.27 -13.05 -8.89
CA ASP D 274 10.91 -12.61 -8.60
C ASP D 274 10.81 -11.09 -8.36
N SER D 275 9.61 -10.54 -8.51
CA SER D 275 9.36 -9.11 -8.26
C SER D 275 9.25 -8.95 -6.74
N PRO D 276 9.92 -7.94 -6.16
CA PRO D 276 9.81 -7.77 -4.71
C PRO D 276 8.37 -7.65 -4.20
N MSE D 277 7.46 -7.12 -5.04
CA MSE D 277 6.06 -6.96 -4.65
C MSE D 277 5.38 -8.32 -4.53
O MSE D 277 4.28 -8.43 -4.00
CB MSE D 277 5.29 -6.09 -5.66
CG MSE D 277 5.06 -6.75 -7.03
SE MSE D 277 4.08 -5.52 -8.27
CE MSE D 277 4.12 -6.70 -9.83
N TYR D 278 6.06 -9.35 -4.99
CA TYR D 278 5.50 -10.68 -4.91
C TYR D 278 6.18 -11.60 -3.92
N TYR D 279 7.11 -11.06 -3.15
CA TYR D 279 7.80 -11.86 -2.14
C TYR D 279 6.72 -12.38 -1.19
N GLY D 280 6.80 -13.67 -0.87
CA GLY D 280 5.83 -14.24 0.04
C GLY D 280 6.12 -13.76 1.45
N GLU D 281 5.11 -13.78 2.32
CA GLU D 281 5.35 -13.35 3.69
C GLU D 281 4.87 -14.34 4.74
N VAL D 282 5.72 -14.56 5.73
CA VAL D 282 5.43 -15.45 6.84
C VAL D 282 4.94 -14.63 8.02
N THR D 283 4.07 -15.25 8.81
CA THR D 283 3.50 -14.63 9.98
C THR D 283 3.51 -15.76 10.98
N TYR D 284 4.51 -15.78 11.85
CA TYR D 284 4.64 -16.85 12.83
C TYR D 284 5.05 -16.36 14.21
N ARG D 285 4.99 -17.25 15.19
CA ARG D 285 5.35 -16.91 16.56
C ARG D 285 6.61 -17.65 16.95
N ASN D 286 7.53 -16.95 17.62
CA ASN D 286 8.76 -17.60 18.07
C ASN D 286 8.42 -18.26 19.40
N GLY D 287 9.40 -18.94 20.00
CA GLY D 287 9.13 -19.60 21.26
C GLY D 287 8.54 -18.70 22.33
N ASN D 288 8.93 -17.42 22.31
CA ASN D 288 8.47 -16.44 23.29
C ASN D 288 7.06 -15.95 23.07
N GLY D 289 6.45 -16.35 21.95
CA GLY D 289 5.11 -15.91 21.65
C GLY D 289 5.07 -14.60 20.91
N ASP D 290 6.22 -14.12 20.46
CA ASP D 290 6.25 -12.85 19.74
C ASP D 290 5.88 -13.10 18.27
N TRP D 291 4.99 -12.27 17.75
CA TRP D 291 4.59 -12.40 16.35
C TRP D 291 5.64 -11.78 15.45
N ILE D 292 6.12 -12.56 14.49
CA ILE D 292 7.13 -12.11 13.55
C ILE D 292 6.55 -12.04 12.14
N LYS D 293 6.80 -10.95 11.45
CA LYS D 293 6.33 -10.76 10.08
C LYS D 293 7.45 -10.34 9.14
N LYS D 294 7.84 -11.26 8.24
CA LYS D 294 8.90 -11.00 7.28
C LYS D 294 8.50 -11.40 5.88
N GLN D 295 9.29 -10.93 4.93
CA GLN D 295 9.10 -11.30 3.55
C GLN D 295 10.18 -12.35 3.36
N ILE D 296 9.98 -13.26 2.43
CA ILE D 296 10.99 -14.26 2.16
C ILE D 296 11.48 -13.97 0.74
N LYS D 297 12.75 -13.63 0.62
CA LYS D 297 13.29 -13.34 -0.70
C LYS D 297 13.07 -14.63 -1.47
N THR D 298 12.26 -14.54 -2.53
CA THR D 298 11.97 -15.70 -3.35
C THR D 298 13.24 -16.27 -3.93
N PRO D 299 13.51 -17.57 -3.75
CA PRO D 299 14.73 -18.13 -4.31
C PRO D 299 14.62 -17.97 -5.82
N VAL D 300 15.76 -17.97 -6.52
CA VAL D 300 15.76 -17.79 -7.96
C VAL D 300 15.21 -19.00 -8.71
N GLY D 301 14.30 -18.75 -9.65
CA GLY D 301 13.74 -19.84 -10.42
C GLY D 301 14.69 -20.18 -11.57
N ASP D 302 14.94 -21.47 -11.77
CA ASP D 302 15.84 -21.90 -12.84
C ASP D 302 15.64 -23.37 -13.16
N TYR D 303 14.81 -23.64 -14.15
CA TYR D 303 14.53 -25.02 -14.54
C TYR D 303 15.83 -25.75 -14.82
N GLY D 304 16.90 -25.00 -15.04
CA GLY D 304 18.19 -25.61 -15.32
C GLY D 304 18.71 -26.46 -14.17
N ARG D 305 18.22 -26.21 -12.98
CA ARG D 305 18.63 -26.98 -11.80
C ARG D 305 18.28 -28.45 -11.96
N TYR D 306 17.25 -28.74 -12.75
CA TYR D 306 16.83 -30.12 -12.95
C TYR D 306 17.99 -30.87 -13.58
N TYR D 307 18.59 -30.26 -14.60
CA TYR D 307 19.71 -30.85 -15.30
C TYR D 307 20.98 -30.85 -14.47
N ASP D 308 21.11 -29.88 -13.57
CA ASP D 308 22.30 -29.85 -12.70
C ASP D 308 22.18 -31.08 -11.81
N ALA D 309 20.97 -31.37 -11.39
CA ALA D 309 20.70 -32.51 -10.52
C ALA D 309 21.01 -33.82 -11.24
N VAL D 310 20.80 -33.85 -12.56
CA VAL D 310 21.10 -35.06 -13.32
C VAL D 310 22.61 -35.22 -13.35
N TYR D 311 23.29 -34.11 -13.59
CA TYR D 311 24.74 -34.11 -13.65
C TYR D 311 25.31 -34.61 -12.32
N GLU D 312 24.83 -34.04 -11.22
CA GLU D 312 25.31 -34.44 -9.89
C GLU D 312 25.06 -35.92 -9.60
N THR D 313 23.95 -36.44 -10.06
CA THR D 313 23.63 -37.84 -9.83
C THR D 313 24.54 -38.78 -10.64
N LEU D 314 24.62 -38.55 -11.94
CA LEU D 314 25.42 -39.38 -12.81
C LEU D 314 26.93 -39.22 -12.65
N LYS D 315 27.37 -38.00 -12.36
CA LYS D 315 28.79 -37.71 -12.25
C LYS D 315 29.35 -37.50 -10.85
N ASN D 316 28.53 -37.05 -9.92
CA ASN D 316 29.00 -36.76 -8.57
C ASN D 316 28.40 -37.59 -7.44
N GLY D 317 27.82 -38.73 -7.80
CA GLY D 317 27.24 -39.62 -6.80
C GLY D 317 26.08 -39.09 -5.98
N ALA D 318 25.37 -38.09 -6.49
CA ALA D 318 24.25 -37.53 -5.75
C ALA D 318 22.96 -38.33 -5.96
N PRO D 319 22.07 -38.32 -4.96
CA PRO D 319 20.79 -39.04 -5.02
C PRO D 319 19.98 -38.43 -6.16
N GLN D 320 19.35 -39.25 -6.99
CA GLN D 320 18.56 -38.70 -8.10
C GLN D 320 17.35 -37.91 -7.61
N LEU D 321 17.03 -36.85 -8.34
CA LEU D 321 15.92 -35.95 -8.03
C LEU D 321 14.53 -36.56 -7.89
N VAL D 322 14.07 -37.26 -8.92
CA VAL D 322 12.74 -37.86 -8.89
C VAL D 322 12.84 -39.34 -8.56
N THR D 323 12.29 -39.74 -7.42
CA THR D 323 12.35 -41.14 -7.03
C THR D 323 11.23 -41.93 -7.69
N LYS D 324 11.33 -43.25 -7.61
CA LYS D 324 10.33 -44.13 -8.18
C LYS D 324 9.00 -43.92 -7.47
N GLU D 325 9.03 -43.86 -6.15
CA GLU D 325 7.82 -43.66 -5.38
C GLU D 325 7.11 -42.35 -5.75
N GLN D 326 7.87 -41.29 -5.97
CA GLN D 326 7.28 -40.00 -6.31
C GLN D 326 6.59 -40.04 -7.68
N ALA D 327 7.27 -40.60 -8.66
CA ALA D 327 6.74 -40.69 -10.00
C ALA D 327 5.53 -41.63 -10.06
N LEU D 328 5.65 -42.81 -9.45
CA LEU D 328 4.55 -43.75 -9.48
C LEU D 328 3.35 -43.32 -8.64
N THR D 329 3.61 -42.69 -7.51
CA THR D 329 2.53 -42.23 -6.64
C THR D 329 1.69 -41.23 -7.42
N ASN D 330 2.39 -40.33 -8.12
CA ASN D 330 1.75 -39.30 -8.91
C ASN D 330 0.84 -39.91 -9.98
N ILE D 331 1.36 -40.88 -10.72
CA ILE D 331 0.55 -41.52 -11.76
C ILE D 331 -0.65 -42.22 -11.14
N GLU D 332 -0.42 -42.94 -10.04
CA GLU D 332 -1.51 -43.66 -9.37
C GLU D 332 -2.65 -42.70 -9.03
N ILE D 333 -2.32 -41.52 -8.49
CA ILE D 333 -3.35 -40.57 -8.13
C ILE D 333 -4.04 -40.00 -9.38
N LEU D 334 -3.27 -39.70 -10.42
CA LEU D 334 -3.82 -39.19 -11.68
C LEU D 334 -4.88 -40.15 -12.19
N GLU D 335 -4.48 -41.40 -12.41
CA GLU D 335 -5.40 -42.41 -12.92
C GLU D 335 -6.60 -42.63 -12.02
N ALA D 336 -6.35 -42.75 -10.72
CA ALA D 336 -7.44 -42.97 -9.77
C ALA D 336 -8.48 -41.86 -9.85
N GLY D 337 -8.04 -40.68 -10.27
CA GLY D 337 -8.97 -39.56 -10.39
C GLY D 337 -10.12 -39.87 -11.32
N PHE D 338 -9.93 -40.81 -12.24
CA PHE D 338 -10.99 -41.16 -13.18
C PHE D 338 -11.50 -42.58 -13.00
N LEU D 339 -11.21 -43.16 -11.85
CA LEU D 339 -11.64 -44.51 -11.57
C LEU D 339 -13.14 -44.56 -11.30
N ASN D 340 -13.64 -43.53 -10.65
CA ASN D 340 -15.06 -43.45 -10.34
C ASN D 340 -15.55 -42.05 -10.70
N PRO D 341 -16.85 -41.91 -10.97
CA PRO D 341 -17.38 -40.58 -11.32
C PRO D 341 -17.10 -39.57 -10.20
N SER D 342 -16.62 -38.40 -10.57
CA SER D 342 -16.35 -37.36 -9.57
C SER D 342 -17.61 -36.62 -9.20
N PRO D 343 -17.66 -36.08 -7.97
CA PRO D 343 -16.61 -36.16 -6.96
C PRO D 343 -16.44 -37.54 -6.34
N SER D 344 -15.21 -37.91 -6.02
CA SER D 344 -14.97 -39.21 -5.42
C SER D 344 -13.85 -39.19 -4.37
N VAL D 345 -13.63 -40.35 -3.76
CA VAL D 345 -12.61 -40.53 -2.72
C VAL D 345 -11.84 -41.79 -3.09
N TYR D 346 -10.54 -41.78 -2.81
CA TYR D 346 -9.71 -42.93 -3.15
C TYR D 346 -8.59 -43.19 -2.15
N HIS D 347 -8.51 -44.43 -1.66
CA HIS D 347 -7.46 -44.76 -0.72
C HIS D 347 -6.24 -45.27 -1.51
N LEU D 348 -5.06 -44.77 -1.17
CA LEU D 348 -3.85 -45.19 -1.87
C LEU D 348 -3.49 -46.62 -1.49
N LYS D 349 -3.10 -47.40 -2.48
CA LYS D 349 -2.73 -48.79 -2.28
C LYS D 349 -1.89 -49.03 -1.02
N GLU D 350 -0.84 -48.24 -0.86
CA GLU D 350 0.05 -48.35 0.30
C GLU D 350 0.58 -49.78 0.50
N LEU E 3 46.22 -2.10 -20.53
CA LEU E 3 46.60 -0.73 -20.98
C LEU E 3 45.46 0.24 -20.64
N THR E 4 45.82 1.49 -20.39
CA THR E 4 44.83 2.49 -20.01
C THR E 4 44.75 3.63 -21.00
N VAL E 5 43.70 4.43 -20.89
CA VAL E 5 43.55 5.59 -21.74
C VAL E 5 43.95 6.79 -20.89
N LYS E 6 44.98 7.50 -21.35
CA LYS E 6 45.46 8.68 -20.64
C LYS E 6 44.60 9.89 -20.99
N MSE E 7 44.02 10.54 -19.98
CA MSE E 7 43.16 11.68 -20.25
C MSE E 7 43.45 12.96 -19.48
O MSE E 7 44.19 12.97 -18.49
CB MSE E 7 41.69 11.30 -20.03
CG MSE E 7 41.31 11.15 -18.58
SE MSE E 7 39.36 11.06 -18.35
CE MSE E 7 39.23 9.18 -18.47
N GLY E 8 42.85 14.06 -19.95
CA GLY E 8 43.01 15.36 -19.32
C GLY E 8 41.68 16.09 -19.25
N PHE E 9 41.60 17.05 -18.34
CA PHE E 9 40.38 17.84 -18.17
C PHE E 9 40.58 19.32 -18.45
N ILE E 10 39.67 19.89 -19.23
CA ILE E 10 39.73 21.32 -19.50
C ILE E 10 38.62 21.90 -18.63
N GLY E 11 38.98 22.26 -17.41
CA GLY E 11 38.03 22.80 -16.48
C GLY E 11 38.03 21.95 -15.22
N PHE E 12 38.07 22.59 -14.06
CA PHE E 12 38.07 21.88 -12.78
C PHE E 12 36.92 22.44 -11.93
N GLY E 13 35.82 22.76 -12.60
CA GLY E 13 34.65 23.30 -11.92
C GLY E 13 33.84 22.26 -11.17
N LYS E 14 32.61 22.59 -10.83
CA LYS E 14 31.78 21.66 -10.09
C LYS E 14 31.26 20.49 -10.93
N SER E 15 30.86 20.76 -12.16
CA SER E 15 30.35 19.70 -13.02
C SER E 15 31.43 18.63 -13.24
N ALA E 16 32.68 19.08 -13.35
CA ALA E 16 33.80 18.15 -13.56
C ALA E 16 34.01 17.34 -12.28
N ASN E 17 33.80 17.98 -11.15
CA ASN E 17 33.98 17.31 -9.87
C ASN E 17 32.75 16.50 -9.44
N ARG E 18 31.68 16.56 -10.22
CA ARG E 18 30.47 15.84 -9.88
C ARG E 18 30.15 14.68 -10.81
N TYR E 19 30.04 14.97 -12.11
CA TYR E 19 29.69 13.93 -13.08
C TYR E 19 30.87 13.26 -13.77
N HIS E 20 32.10 13.70 -13.52
CA HIS E 20 33.23 13.12 -14.22
C HIS E 20 34.31 12.44 -13.39
N LEU E 21 35.03 13.24 -12.60
CA LEU E 21 36.12 12.73 -11.77
C LEU E 21 35.74 11.61 -10.78
N PRO E 22 34.64 11.77 -10.03
CA PRO E 22 34.27 10.73 -9.07
C PRO E 22 34.12 9.33 -9.72
N TYR E 23 33.71 9.30 -10.97
CA TYR E 23 33.52 8.04 -11.68
C TYR E 23 34.81 7.57 -12.34
N VAL E 24 35.59 8.53 -12.83
CA VAL E 24 36.79 8.19 -13.55
C VAL E 24 37.98 7.87 -12.64
N MSE E 25 37.96 8.39 -11.42
CA MSE E 25 39.05 8.15 -10.49
C MSE E 25 39.02 6.77 -9.86
O MSE E 25 39.98 6.35 -9.21
CB MSE E 25 39.06 9.22 -9.41
CG MSE E 25 39.38 10.60 -9.93
SE MSE E 25 41.25 10.77 -10.43
CE MSE E 25 41.45 9.43 -11.83
N ILE E 26 37.91 6.06 -10.05
CA ILE E 26 37.77 4.73 -9.48
C ILE E 26 37.82 3.68 -10.58
N ARG E 27 38.32 4.06 -11.75
CA ARG E 27 38.44 3.16 -12.89
C ARG E 27 39.89 3.05 -13.32
N GLU E 28 40.41 1.82 -13.35
CA GLU E 28 41.79 1.55 -13.74
C GLU E 28 42.00 1.89 -15.21
N THR E 29 40.99 1.59 -16.01
CA THR E 29 41.04 1.83 -17.46
C THR E 29 41.18 3.28 -17.89
N LEU E 30 40.88 4.21 -16.99
CA LEU E 30 40.98 5.63 -17.32
C LEU E 30 41.97 6.30 -16.37
N GLU E 31 43.07 6.83 -16.92
CA GLU E 31 44.10 7.48 -16.13
C GLU E 31 44.07 9.00 -16.32
N VAL E 32 43.72 9.72 -15.26
CA VAL E 32 43.67 11.18 -15.30
C VAL E 32 45.04 11.81 -15.06
N LYS E 33 45.70 12.20 -16.14
CA LYS E 33 47.03 12.81 -16.08
C LYS E 33 47.06 14.27 -15.64
N THR E 34 46.43 15.11 -16.44
CA THR E 34 46.41 16.55 -16.18
C THR E 34 45.00 17.13 -16.12
N ILE E 35 44.86 18.18 -15.31
CA ILE E 35 43.61 18.90 -15.17
C ILE E 35 43.99 20.37 -15.34
N PHE E 36 43.25 21.09 -16.16
CA PHE E 36 43.51 22.50 -16.40
C PHE E 36 42.36 23.38 -15.95
N ASP E 37 42.71 24.55 -15.44
CA ASP E 37 41.73 25.55 -14.98
C ASP E 37 42.50 26.84 -14.74
N LEU E 38 41.95 27.98 -15.17
CA LEU E 38 42.63 29.25 -14.97
C LEU E 38 42.77 29.60 -13.48
N HIS E 39 41.86 29.09 -12.66
CA HIS E 39 41.88 29.35 -11.22
C HIS E 39 41.58 28.12 -10.38
N VAL E 40 42.43 27.12 -10.42
CA VAL E 40 42.22 25.91 -9.63
C VAL E 40 42.40 26.20 -8.14
N ASN E 41 41.46 25.74 -7.31
CA ASN E 41 41.60 25.97 -5.87
C ASN E 41 42.33 24.77 -5.27
N GLU E 42 43.53 25.01 -4.76
CA GLU E 42 44.37 23.98 -4.19
C GLU E 42 43.69 23.01 -3.23
N LYS E 43 42.73 23.52 -2.44
CA LYS E 43 42.04 22.66 -1.50
C LYS E 43 41.41 21.45 -2.19
N ALA E 44 40.47 21.72 -3.10
CA ALA E 44 39.80 20.65 -3.82
C ALA E 44 40.80 19.81 -4.61
N ALA E 45 41.94 20.41 -4.97
CA ALA E 45 42.95 19.72 -5.76
C ALA E 45 43.87 18.79 -4.96
N ALA E 46 44.17 19.15 -3.71
CA ALA E 46 45.05 18.34 -2.86
C ALA E 46 44.81 16.84 -2.95
N PRO E 47 43.56 16.38 -2.78
CA PRO E 47 43.27 14.94 -2.86
C PRO E 47 43.75 14.36 -4.18
N PHE E 48 43.76 15.19 -5.22
CA PHE E 48 44.18 14.79 -6.55
C PHE E 48 45.69 14.88 -6.76
N LYS E 49 46.32 15.92 -6.21
CA LYS E 49 47.77 16.07 -6.33
C LYS E 49 48.39 14.71 -6.07
N GLU E 50 48.05 14.10 -4.93
CA GLU E 50 48.55 12.76 -4.65
C GLU E 50 47.56 11.92 -5.43
N LYS E 51 48.03 10.79 -5.96
CA LYS E 51 47.24 9.89 -6.81
C LYS E 51 47.93 10.10 -8.16
N GLY E 52 48.70 11.18 -8.22
CA GLY E 52 49.47 11.49 -9.42
C GLY E 52 48.89 12.43 -10.47
N VAL E 53 47.80 13.11 -10.17
CA VAL E 53 47.25 14.00 -11.17
C VAL E 53 47.83 15.41 -11.03
N ASN E 54 48.34 15.93 -12.15
CA ASN E 54 48.95 17.26 -12.21
C ASN E 54 47.97 18.33 -12.61
N PHE E 55 48.14 19.50 -12.02
CA PHE E 55 47.29 20.65 -12.31
C PHE E 55 48.09 21.76 -12.95
N THR E 56 47.48 22.44 -13.92
CA THR E 56 48.13 23.52 -14.61
C THR E 56 47.18 24.67 -14.94
N ALA E 57 47.72 25.89 -14.93
CA ALA E 57 46.96 27.08 -15.25
C ALA E 57 47.25 27.46 -16.70
N ASP E 58 48.02 26.62 -17.38
CA ASP E 58 48.38 26.85 -18.76
C ASP E 58 47.84 25.75 -19.67
N LEU E 59 46.79 26.10 -20.41
CA LEU E 59 46.09 25.20 -21.34
C LEU E 59 47.02 24.47 -22.31
N ASN E 60 48.01 25.18 -22.83
CA ASN E 60 48.95 24.59 -23.77
C ASN E 60 49.75 23.45 -23.16
N GLU E 61 49.91 23.48 -21.85
CA GLU E 61 50.67 22.44 -21.18
C GLU E 61 49.91 21.12 -21.25
N LEU E 62 48.59 21.22 -21.43
CA LEU E 62 47.74 20.04 -21.53
C LEU E 62 47.61 19.61 -22.98
N LEU E 63 47.34 20.59 -23.84
CA LEU E 63 47.18 20.32 -25.27
C LEU E 63 48.41 19.76 -25.96
N THR E 64 49.59 20.17 -25.50
CA THR E 64 50.82 19.69 -26.11
C THR E 64 51.38 18.43 -25.45
N ASP E 65 50.69 17.91 -24.45
CA ASP E 65 51.15 16.69 -23.79
C ASP E 65 50.87 15.50 -24.71
N PRO E 66 51.93 14.94 -25.31
CA PRO E 66 51.82 13.81 -26.22
C PRO E 66 51.28 12.53 -25.60
N GLU E 67 51.35 12.46 -24.28
CA GLU E 67 50.89 11.28 -23.54
C GLU E 67 49.37 11.18 -23.46
N ILE E 68 48.70 12.33 -23.45
CA ILE E 68 47.25 12.38 -23.34
C ILE E 68 46.52 12.16 -24.66
N GLU E 69 45.51 11.28 -24.63
CA GLU E 69 44.75 10.98 -25.84
C GLU E 69 43.30 11.41 -25.77
N LEU E 70 42.84 11.76 -24.57
CA LEU E 70 41.45 12.16 -24.38
C LEU E 70 41.28 13.37 -23.46
N ILE E 71 40.53 14.36 -23.94
CA ILE E 71 40.26 15.56 -23.15
C ILE E 71 38.75 15.70 -22.97
N THR E 72 38.35 16.12 -21.77
CA THR E 72 36.94 16.36 -21.47
C THR E 72 36.80 17.85 -21.16
N ILE E 73 35.91 18.51 -21.90
CA ILE E 73 35.69 19.94 -21.74
C ILE E 73 34.57 20.23 -20.72
N CYS E 74 34.93 20.80 -19.59
CA CYS E 74 33.97 21.11 -18.53
C CYS E 74 33.92 22.60 -18.26
N THR E 75 34.62 23.36 -19.10
CA THR E 75 34.68 24.80 -18.97
C THR E 75 33.30 25.37 -19.36
N PRO E 76 33.03 26.66 -19.06
CA PRO E 76 31.74 27.26 -19.40
C PRO E 76 31.29 27.10 -20.85
N ALA E 77 29.98 27.06 -21.04
CA ALA E 77 29.36 26.86 -22.35
C ALA E 77 30.01 27.60 -23.51
N HIS E 78 29.84 28.91 -23.50
CA HIS E 78 30.36 29.80 -24.52
C HIS E 78 31.69 29.37 -25.13
N THR E 79 32.58 28.82 -24.30
CA THR E 79 33.90 28.41 -24.75
C THR E 79 34.08 26.99 -25.27
N HIS E 80 32.99 26.25 -25.47
CA HIS E 80 33.13 24.87 -25.92
C HIS E 80 33.67 24.63 -27.31
N TYR E 81 33.13 25.32 -28.29
CA TYR E 81 33.58 25.15 -29.67
C TYR E 81 35.07 25.42 -29.85
N ASP E 82 35.52 26.56 -29.37
CA ASP E 82 36.92 26.93 -29.49
C ASP E 82 37.89 25.97 -28.80
N LEU E 83 37.57 25.55 -27.58
CA LEU E 83 38.45 24.64 -26.87
C LEU E 83 38.38 23.25 -27.46
N ALA E 84 37.20 22.86 -27.92
CA ALA E 84 37.06 21.54 -28.53
C ALA E 84 37.89 21.51 -29.80
N LYS E 85 37.85 22.60 -30.57
CA LYS E 85 38.60 22.68 -31.82
C LYS E 85 40.10 22.57 -31.55
N GLN E 86 40.59 23.31 -30.58
CA GLN E 86 42.01 23.27 -30.25
C GLN E 86 42.43 21.86 -29.85
N ALA E 87 41.67 21.24 -28.95
CA ALA E 87 42.01 19.89 -28.50
C ALA E 87 42.06 18.95 -29.70
N ILE E 88 41.07 19.04 -30.58
CA ILE E 88 41.04 18.18 -31.76
C ILE E 88 42.27 18.46 -32.63
N LEU E 89 42.57 19.73 -32.83
CA LEU E 89 43.73 20.11 -33.65
C LEU E 89 45.04 19.63 -33.04
N ALA E 90 45.03 19.35 -31.74
CA ALA E 90 46.22 18.87 -31.05
C ALA E 90 46.30 17.34 -31.15
N GLY E 91 45.33 16.75 -31.85
CA GLY E 91 45.31 15.31 -32.01
C GLY E 91 44.65 14.56 -30.88
N LYS E 92 43.87 15.25 -30.05
CA LYS E 92 43.19 14.60 -28.93
C LYS E 92 41.73 14.31 -29.21
N SER E 93 41.21 13.22 -28.66
CA SER E 93 39.79 12.91 -28.79
C SER E 93 39.17 13.77 -27.71
N VAL E 94 37.93 14.23 -27.90
CA VAL E 94 37.34 15.07 -26.87
C VAL E 94 35.89 14.74 -26.54
N ILE E 95 35.53 15.07 -25.31
CA ILE E 95 34.20 14.87 -24.78
C ILE E 95 33.79 16.27 -24.37
N VAL E 96 32.70 16.77 -24.93
CA VAL E 96 32.25 18.12 -24.62
C VAL E 96 30.95 18.10 -23.85
N GLU E 97 30.87 18.81 -22.74
CA GLU E 97 29.61 18.86 -21.99
C GLU E 97 28.70 19.77 -22.79
N LYS E 98 27.39 19.71 -22.54
CA LYS E 98 26.46 20.56 -23.26
C LYS E 98 26.72 22.03 -22.92
N PRO E 99 26.57 22.93 -23.90
CA PRO E 99 26.18 22.62 -25.27
C PRO E 99 27.42 22.17 -26.03
N PHE E 100 27.25 21.23 -26.95
CA PHE E 100 28.36 20.72 -27.75
C PHE E 100 29.06 21.89 -28.45
N CYS E 101 28.25 22.75 -29.09
CA CYS E 101 28.74 23.91 -29.80
C CYS E 101 27.73 25.05 -29.70
N ASP E 102 28.15 26.24 -30.09
CA ASP E 102 27.26 27.40 -30.03
C ASP E 102 26.40 27.48 -31.28
N THR E 103 26.89 26.95 -32.40
CA THR E 103 26.12 26.98 -33.66
C THR E 103 26.12 25.60 -34.33
N LEU E 104 25.16 25.37 -35.22
CA LEU E 104 25.10 24.10 -35.93
C LEU E 104 26.31 23.94 -36.84
N GLU E 105 26.58 24.96 -37.65
CA GLU E 105 27.70 24.91 -38.57
C GLU E 105 28.97 24.50 -37.81
N HIS E 106 29.11 24.99 -36.59
CA HIS E 106 30.28 24.65 -35.76
C HIS E 106 30.31 23.18 -35.36
N ALA E 107 29.17 22.64 -34.94
CA ALA E 107 29.11 21.24 -34.56
C ALA E 107 29.51 20.42 -35.78
N GLU E 108 28.98 20.77 -36.94
CA GLU E 108 29.31 20.07 -38.18
C GLU E 108 30.81 20.12 -38.43
N GLU E 109 31.41 21.27 -38.12
CA GLU E 109 32.84 21.47 -38.32
C GLU E 109 33.65 20.55 -37.41
N LEU E 110 33.32 20.54 -36.12
CA LEU E 110 34.05 19.68 -35.19
C LEU E 110 33.98 18.21 -35.63
N PHE E 111 32.78 17.73 -35.94
CA PHE E 111 32.64 16.35 -36.41
C PHE E 111 33.46 16.11 -37.67
N ALA E 112 33.66 17.16 -38.45
CA ALA E 112 34.44 17.02 -39.68
C ALA E 112 35.93 17.00 -39.34
N LEU E 113 36.38 17.92 -38.48
CA LEU E 113 37.79 17.95 -38.08
C LEU E 113 38.17 16.64 -37.45
N GLY E 114 37.34 16.17 -36.52
CA GLY E 114 37.60 14.93 -35.83
C GLY E 114 37.80 13.77 -36.78
N GLN E 115 36.93 13.68 -37.77
CA GLN E 115 37.01 12.63 -38.76
C GLN E 115 38.29 12.81 -39.58
N GLU E 116 38.58 14.05 -39.94
CA GLU E 116 39.77 14.36 -40.73
C GLU E 116 41.05 13.90 -40.03
N LYS E 117 41.22 14.25 -38.77
CA LYS E 117 42.44 13.84 -38.09
C LYS E 117 42.35 12.61 -37.20
N GLY E 118 41.50 11.68 -37.58
CA GLY E 118 41.36 10.42 -36.87
C GLY E 118 41.13 10.35 -35.38
N VAL E 119 40.25 11.20 -34.85
CA VAL E 119 39.96 11.16 -33.43
C VAL E 119 38.45 11.15 -33.21
N VAL E 120 38.05 10.77 -32.00
CA VAL E 120 36.66 10.69 -31.63
C VAL E 120 36.24 12.03 -31.03
N VAL E 121 35.10 12.53 -31.48
CA VAL E 121 34.55 13.80 -30.97
C VAL E 121 33.11 13.53 -30.58
N MSE E 122 32.76 13.79 -29.31
CA MSE E 122 31.38 13.53 -28.88
C MSE E 122 30.88 14.40 -27.73
O MSE E 122 31.63 14.77 -26.82
CB MSE E 122 31.21 12.09 -28.41
CG MSE E 122 31.43 11.00 -29.38
SE MSE E 122 31.14 9.35 -28.35
CE MSE E 122 32.81 9.39 -27.31
N PRO E 123 29.58 14.71 -27.75
CA PRO E 123 28.99 15.51 -26.68
C PRO E 123 28.83 14.51 -25.54
N TYR E 124 28.84 15.00 -24.31
CA TYR E 124 28.69 14.18 -23.13
C TYR E 124 27.21 13.96 -22.88
N GLN E 125 26.79 12.70 -22.81
CA GLN E 125 25.38 12.38 -22.57
C GLN E 125 25.30 11.28 -21.51
N ASN E 126 25.63 11.64 -20.28
CA ASN E 126 25.61 10.68 -19.17
C ASN E 126 24.22 10.15 -18.87
N ARG E 127 23.19 10.93 -19.18
CA ARG E 127 21.85 10.46 -18.87
C ARG E 127 21.35 9.28 -19.69
N ARG E 128 22.21 8.74 -20.55
CA ARG E 128 21.82 7.56 -21.31
C ARG E 128 22.06 6.39 -20.35
N PHE E 129 22.50 6.71 -19.14
CA PHE E 129 22.78 5.69 -18.14
C PHE E 129 22.01 5.88 -16.82
N ASP E 130 20.93 6.66 -16.85
CA ASP E 130 20.10 6.85 -15.65
C ASP E 130 19.42 5.50 -15.47
N GLY E 131 19.27 5.06 -14.22
CA GLY E 131 18.64 3.78 -13.95
C GLY E 131 17.28 3.57 -14.60
N ASP E 132 16.39 4.57 -14.45
CA ASP E 132 15.05 4.49 -15.02
C ASP E 132 15.05 4.37 -16.54
N TYR E 133 15.86 5.18 -17.22
CA TYR E 133 15.92 5.11 -18.67
C TYR E 133 16.32 3.70 -19.07
N LEU E 134 17.37 3.17 -18.45
CA LEU E 134 17.81 1.82 -18.76
C LEU E 134 16.72 0.76 -18.54
N ALA E 135 15.81 1.01 -17.59
CA ALA E 135 14.73 0.06 -17.32
C ALA E 135 13.73 0.12 -18.49
N MSE E 136 13.37 1.35 -18.87
CA MSE E 136 12.46 1.61 -19.96
C MSE E 136 13.07 0.99 -21.22
O MSE E 136 12.40 0.27 -21.96
CB MSE E 136 12.29 3.12 -20.09
CG MSE E 136 11.38 3.61 -21.18
SE MSE E 136 12.28 3.69 -22.91
CE MSE E 136 13.95 4.35 -22.23
N LYS E 137 14.35 1.26 -21.42
CA LYS E 137 15.10 0.75 -22.56
C LYS E 137 15.11 -0.78 -22.61
N GLN E 138 15.23 -1.41 -21.45
CA GLN E 138 15.24 -2.86 -21.40
C GLN E 138 13.88 -3.36 -21.84
N VAL E 139 12.82 -2.85 -21.20
CA VAL E 139 11.47 -3.28 -21.54
C VAL E 139 11.17 -3.13 -23.05
N VAL E 140 11.67 -2.06 -23.67
CA VAL E 140 11.43 -1.87 -25.10
C VAL E 140 12.08 -3.01 -25.91
N GLU E 141 13.36 -3.24 -25.65
CA GLU E 141 14.13 -4.29 -26.31
C GLU E 141 13.58 -5.70 -26.11
N GLN E 142 13.06 -5.98 -24.92
CA GLN E 142 12.54 -7.32 -24.67
C GLN E 142 11.19 -7.62 -25.35
N GLY E 143 10.52 -6.58 -25.86
CA GLY E 143 9.27 -6.79 -26.59
C GLY E 143 7.93 -6.93 -25.90
N PHE E 144 7.90 -7.05 -24.57
CA PHE E 144 6.62 -7.20 -23.87
C PHE E 144 5.45 -6.34 -24.39
N LEU E 145 5.72 -5.06 -24.64
CA LEU E 145 4.70 -4.13 -25.06
C LEU E 145 4.18 -4.19 -26.51
N GLY E 146 4.84 -4.99 -27.36
CA GLY E 146 4.41 -5.06 -28.75
C GLY E 146 4.71 -3.78 -29.52
N GLU E 147 3.79 -3.34 -30.36
CA GLU E 147 4.00 -2.10 -31.11
C GLU E 147 3.88 -0.90 -30.16
N ILE E 148 4.99 -0.20 -29.96
CA ILE E 148 5.02 0.97 -29.07
C ILE E 148 4.29 2.12 -29.73
N ASN E 149 3.24 2.64 -29.08
CA ASN E 149 2.51 3.76 -29.66
C ASN E 149 2.85 5.09 -28.99
N GLU E 150 3.39 5.05 -27.78
CA GLU E 150 3.75 6.30 -27.11
C GLU E 150 4.64 6.20 -25.88
N VAL E 151 5.56 7.15 -25.76
CA VAL E 151 6.48 7.23 -24.64
C VAL E 151 6.46 8.66 -24.11
N GLU E 152 6.29 8.82 -22.81
CA GLU E 152 6.32 10.14 -22.18
C GLU E 152 7.46 10.09 -21.16
N THR E 153 8.34 11.09 -21.20
CA THR E 153 9.49 11.17 -20.31
C THR E 153 9.61 12.56 -19.68
N HIS E 154 9.62 12.60 -18.36
CA HIS E 154 9.67 13.86 -17.60
C HIS E 154 10.92 14.15 -16.80
N ILE E 155 11.06 15.44 -16.48
CA ILE E 155 12.10 15.98 -15.62
C ILE E 155 11.42 17.21 -15.04
N ASP E 156 10.81 17.05 -13.87
CA ASP E 156 10.11 18.13 -13.22
C ASP E 156 10.71 18.51 -11.88
N TYR E 157 10.29 19.68 -11.41
CA TYR E 157 10.74 20.22 -10.14
C TYR E 157 9.55 20.94 -9.54
N TYR E 158 9.62 21.19 -8.24
CA TYR E 158 8.59 21.98 -7.60
C TYR E 158 9.43 23.17 -7.13
N ARG E 159 9.59 24.15 -8.02
CA ARG E 159 10.40 25.33 -7.72
C ARG E 159 9.71 26.61 -8.19
N PRO E 160 8.53 26.92 -7.64
CA PRO E 160 7.83 28.14 -8.07
C PRO E 160 8.75 29.35 -7.87
N GLY E 161 8.60 30.35 -8.73
CA GLY E 161 9.40 31.55 -8.65
C GLY E 161 10.91 31.35 -8.73
N SER E 162 11.33 30.38 -9.53
CA SER E 162 12.74 30.05 -9.67
C SER E 162 13.38 30.73 -10.88
N ILE E 163 12.78 30.54 -12.04
CA ILE E 163 13.30 31.12 -13.28
C ILE E 163 12.51 32.38 -13.60
N THR E 164 13.16 33.53 -13.44
CA THR E 164 12.50 34.80 -13.65
C THR E 164 13.19 35.78 -14.60
N GLU E 165 14.42 35.48 -15.00
CA GLU E 165 15.15 36.36 -15.88
C GLU E 165 15.06 35.95 -17.35
N GLN E 166 15.03 36.93 -18.24
CA GLN E 166 15.00 36.62 -19.65
C GLN E 166 16.45 36.43 -20.09
N GLY E 167 16.63 35.76 -21.21
CA GLY E 167 17.96 35.52 -21.72
C GLY E 167 17.88 34.74 -23.01
N PRO E 168 19.02 34.33 -23.58
CA PRO E 168 19.02 33.57 -24.82
C PRO E 168 18.42 32.17 -24.63
N LYS E 169 17.81 31.66 -25.69
CA LYS E 169 17.20 30.34 -25.65
C LYS E 169 18.16 29.34 -25.00
N GLU E 170 19.46 29.59 -25.18
CA GLU E 170 20.52 28.74 -24.63
C GLU E 170 20.45 28.53 -23.12
N ASN E 171 19.88 29.49 -22.39
CA ASN E 171 19.79 29.37 -20.93
C ASN E 171 18.43 28.88 -20.42
N GLY E 172 17.56 28.46 -21.33
CA GLY E 172 16.24 27.99 -20.94
C GLY E 172 16.26 26.50 -20.63
N SER E 173 15.13 25.99 -20.14
CA SER E 173 15.05 24.59 -19.79
C SER E 173 15.14 23.62 -20.98
N PHE E 174 14.58 24.01 -22.13
CA PHE E 174 14.61 23.13 -23.29
C PHE E 174 16.05 22.83 -23.70
N TYR E 175 16.90 23.84 -23.76
CA TYR E 175 18.29 23.62 -24.11
C TYR E 175 19.01 22.92 -22.96
N GLY E 176 18.61 23.26 -21.73
CA GLY E 176 19.22 22.69 -20.55
C GLY E 176 18.82 21.28 -20.18
N LEU E 177 17.54 20.95 -20.35
CA LEU E 177 17.08 19.61 -19.99
C LEU E 177 16.60 18.85 -21.22
N GLY E 178 15.82 19.52 -22.05
CA GLY E 178 15.31 18.87 -23.25
C GLY E 178 16.37 18.15 -24.04
N ILE E 179 17.57 18.71 -24.07
CA ILE E 179 18.69 18.14 -24.79
C ILE E 179 18.93 16.70 -24.33
N HIS E 180 18.94 16.48 -23.03
CA HIS E 180 19.17 15.15 -22.47
C HIS E 180 18.00 14.20 -22.67
N LEU E 181 16.78 14.70 -22.47
CA LEU E 181 15.59 13.89 -22.62
C LEU E 181 15.43 13.35 -24.05
N MSE E 182 15.66 14.21 -25.04
CA MSE E 182 15.54 13.82 -26.43
C MSE E 182 16.69 12.95 -26.92
O MSE E 182 16.48 11.98 -27.66
CB MSE E 182 15.44 15.05 -27.32
CG MSE E 182 14.26 15.92 -27.02
SE MSE E 182 14.27 17.40 -28.31
CE MSE E 182 12.96 16.67 -29.48
N ASP E 183 17.92 13.30 -26.53
CA ASP E 183 19.10 12.53 -26.94
C ASP E 183 18.95 11.03 -26.69
N ARG E 184 18.52 10.65 -25.49
CA ARG E 184 18.39 9.23 -25.21
C ARG E 184 17.18 8.63 -25.92
N MSE E 185 16.22 9.45 -26.28
CA MSE E 185 15.06 8.90 -26.97
C MSE E 185 15.38 8.73 -28.45
O MSE E 185 14.89 7.80 -29.10
CB MSE E 185 13.83 9.77 -26.76
CG MSE E 185 12.61 8.96 -26.43
SE MSE E 185 12.63 8.21 -24.63
CE MSE E 185 14.36 7.33 -24.60
N ILE E 186 16.22 9.61 -28.96
CA ILE E 186 16.64 9.54 -30.34
C ILE E 186 17.58 8.34 -30.50
N ALA E 187 18.41 8.11 -29.50
CA ALA E 187 19.35 6.99 -29.54
C ALA E 187 18.61 5.66 -29.62
N LEU E 188 17.39 5.64 -29.10
CA LEU E 188 16.60 4.42 -29.10
C LEU E 188 15.63 4.29 -30.27
N PHE E 189 14.91 5.37 -30.58
CA PHE E 189 13.93 5.34 -31.64
C PHE E 189 14.36 5.94 -32.97
N GLY E 190 15.49 6.63 -32.97
CA GLY E 190 15.98 7.24 -34.19
C GLY E 190 15.51 8.66 -34.45
N ARG E 191 15.66 9.09 -35.70
CA ARG E 191 15.29 10.44 -36.13
C ARG E 191 13.79 10.52 -36.42
N PRO E 192 13.09 11.45 -35.76
CA PRO E 192 11.65 11.61 -35.97
C PRO E 192 11.40 12.39 -37.26
N ASP E 193 10.20 12.27 -37.84
CA ASP E 193 9.92 13.00 -39.06
C ASP E 193 9.42 14.43 -38.78
N GLN E 194 8.64 14.62 -37.73
CA GLN E 194 8.18 15.97 -37.40
C GLN E 194 8.11 16.18 -35.90
N VAL E 195 8.24 17.44 -35.48
CA VAL E 195 8.21 17.77 -34.08
C VAL E 195 7.19 18.83 -33.71
N THR E 196 6.66 18.68 -32.51
CA THR E 196 5.66 19.57 -31.94
C THR E 196 6.30 20.33 -30.76
N TYR E 197 6.09 21.63 -30.69
CA TYR E 197 6.71 22.45 -29.63
C TYR E 197 5.75 23.28 -28.79
N ASP E 198 5.96 23.21 -27.47
CA ASP E 198 5.22 24.00 -26.50
C ASP E 198 6.30 24.41 -25.50
N ILE E 199 6.90 25.58 -25.78
CA ILE E 199 7.99 26.13 -25.00
C ILE E 199 7.67 27.55 -24.54
N ARG E 200 7.69 27.75 -23.22
CA ARG E 200 7.37 29.04 -22.64
C ARG E 200 7.77 29.02 -21.17
N ASN E 201 7.54 30.14 -20.50
CA ASN E 201 7.83 30.23 -19.08
C ASN E 201 6.45 30.43 -18.47
N ASN E 202 5.93 29.41 -17.78
CA ASN E 202 4.58 29.49 -17.22
C ASN E 202 4.41 30.36 -15.98
N GLU E 203 5.35 31.27 -15.76
CA GLU E 203 5.26 32.18 -14.62
C GLU E 203 5.45 33.62 -15.05
N VAL E 204 6.50 33.88 -15.83
CA VAL E 204 6.81 35.21 -16.35
C VAL E 204 7.06 35.04 -17.85
N SER E 205 6.00 35.14 -18.64
CA SER E 205 6.06 34.97 -20.10
C SER E 205 7.28 35.55 -20.83
N GLU E 206 7.78 36.68 -20.35
CA GLU E 206 8.92 37.33 -20.96
C GLU E 206 10.26 36.70 -20.59
N ALA E 207 10.32 36.02 -19.46
CA ALA E 207 11.55 35.37 -19.01
C ALA E 207 11.98 34.23 -19.92
N VAL E 208 13.16 33.68 -19.65
CA VAL E 208 13.69 32.56 -20.43
C VAL E 208 12.77 31.38 -20.11
N ASP E 209 12.54 30.51 -21.09
CA ASP E 209 11.63 29.37 -20.90
C ASP E 209 11.98 28.43 -19.75
N ASN E 210 10.96 28.02 -19.01
CA ASN E 210 11.15 27.11 -17.89
C ASN E 210 10.18 25.96 -17.99
N TYR E 211 9.57 25.81 -19.16
CA TYR E 211 8.61 24.74 -19.36
C TYR E 211 8.59 24.29 -20.81
N PHE E 212 8.42 23.00 -21.02
CA PHE E 212 8.29 22.52 -22.37
C PHE E 212 7.55 21.19 -22.46
N ASP E 213 6.77 21.07 -23.52
CA ASP E 213 6.01 19.86 -23.81
C ASP E 213 6.27 19.69 -25.30
N VAL E 214 7.21 18.81 -25.62
CA VAL E 214 7.62 18.59 -27.00
C VAL E 214 7.38 17.17 -27.50
N ASP E 215 6.76 17.06 -28.66
CA ASP E 215 6.46 15.76 -29.25
C ASP E 215 7.32 15.43 -30.46
N LEU E 216 7.89 14.22 -30.44
CA LEU E 216 8.70 13.71 -31.54
C LEU E 216 7.81 12.69 -32.25
N HIS E 217 7.44 12.97 -33.49
CA HIS E 217 6.57 12.07 -34.24
C HIS E 217 7.27 11.08 -35.17
N TYR E 218 6.98 9.81 -34.96
CA TYR E 218 7.54 8.74 -35.77
C TYR E 218 6.39 8.09 -36.53
N GLY E 219 6.07 8.66 -37.69
CA GLY E 219 4.99 8.12 -38.49
C GLY E 219 3.67 8.54 -37.85
N SER E 220 2.65 7.68 -37.98
CA SER E 220 1.35 7.98 -37.42
C SER E 220 1.06 7.12 -36.20
N LYS E 221 1.92 6.15 -35.92
CA LYS E 221 1.72 5.24 -34.80
C LYS E 221 2.37 5.65 -33.48
N LEU E 222 3.57 6.20 -33.58
CA LEU E 222 4.34 6.52 -32.40
C LEU E 222 4.87 7.94 -32.22
N LYS E 223 4.79 8.44 -30.98
CA LYS E 223 5.34 9.74 -30.68
C LYS E 223 5.99 9.69 -29.29
N VAL E 224 7.08 10.44 -29.12
CA VAL E 224 7.75 10.49 -27.84
C VAL E 224 7.59 11.89 -27.28
N LYS E 225 7.07 11.97 -26.06
CA LYS E 225 6.85 13.27 -25.43
C LYS E 225 7.90 13.52 -24.36
N VAL E 226 8.58 14.66 -24.48
CA VAL E 226 9.59 15.07 -23.50
C VAL E 226 8.98 16.30 -22.82
N LYS E 227 8.93 16.30 -21.49
CA LYS E 227 8.33 17.41 -20.74
C LYS E 227 9.07 17.89 -19.50
N THR E 228 9.01 19.20 -19.25
CA THR E 228 9.59 19.81 -18.06
C THR E 228 8.65 20.89 -17.55
N ASN E 229 8.46 20.92 -16.23
CA ASN E 229 7.61 21.91 -15.57
C ASN E 229 8.28 22.19 -14.21
N HIS E 230 8.44 23.46 -13.87
CA HIS E 230 9.08 23.81 -12.60
C HIS E 230 8.09 23.93 -11.44
N SER E 231 6.81 23.70 -11.71
CA SER E 231 5.80 23.79 -10.65
C SER E 231 4.95 22.53 -10.58
N VAL E 232 5.59 21.43 -10.20
CA VAL E 232 4.93 20.13 -10.08
C VAL E 232 5.16 19.55 -8.68
N ALA E 233 4.13 19.59 -7.83
CA ALA E 233 4.25 19.07 -6.47
C ALA E 233 4.09 17.55 -6.40
N SER E 234 3.14 17.00 -7.15
CA SER E 234 2.95 15.55 -7.14
C SER E 234 3.47 15.07 -8.50
N PRO E 235 4.65 14.46 -8.53
CA PRO E 235 5.35 13.94 -9.71
C PRO E 235 4.65 13.01 -10.66
N TYR E 236 5.00 13.14 -11.93
CA TYR E 236 4.50 12.28 -12.98
C TYR E 236 5.43 11.06 -12.95
N PRO E 237 5.10 10.03 -13.74
CA PRO E 237 6.00 8.87 -13.74
C PRO E 237 7.25 9.40 -14.42
N ARG E 238 8.40 8.82 -14.13
CA ARG E 238 9.60 9.29 -14.77
C ARG E 238 9.52 8.86 -16.24
N PHE E 239 8.85 7.73 -16.46
CA PHE E 239 8.67 7.16 -17.79
C PHE E 239 7.31 6.50 -17.94
N ILE E 240 6.72 6.67 -19.12
CA ILE E 240 5.44 6.07 -19.44
C ILE E 240 5.58 5.51 -20.84
N VAL E 241 5.29 4.22 -20.99
CA VAL E 241 5.38 3.57 -22.29
C VAL E 241 4.14 2.74 -22.51
N HIS E 242 3.48 2.97 -23.65
CA HIS E 242 2.28 2.23 -24.01
C HIS E 242 2.48 1.60 -25.37
N GLY E 243 2.11 0.33 -25.48
CA GLY E 243 2.24 -0.41 -26.71
C GLY E 243 0.99 -1.23 -26.96
N SER E 244 0.94 -1.94 -28.08
CA SER E 244 -0.22 -2.74 -28.41
C SER E 244 -0.49 -3.86 -27.41
N ASN E 245 0.55 -4.31 -26.71
CA ASN E 245 0.39 -5.41 -25.75
C ASN E 245 0.46 -5.07 -24.27
N GLY E 246 0.66 -3.80 -23.94
CA GLY E 246 0.74 -3.47 -22.53
C GLY E 246 1.40 -2.15 -22.24
N SER E 247 1.63 -1.88 -20.97
CA SER E 247 2.23 -0.62 -20.57
C SER E 247 3.36 -0.81 -19.60
N PHE E 248 4.18 0.23 -19.48
CA PHE E 248 5.28 0.25 -18.54
C PHE E 248 5.27 1.61 -17.86
N ILE E 249 5.10 1.60 -16.54
CA ILE E 249 5.08 2.83 -15.76
C ILE E 249 6.23 2.78 -14.77
N LYS E 250 7.05 3.81 -14.77
CA LYS E 250 8.20 3.88 -13.87
C LYS E 250 8.23 5.19 -13.10
N TYR E 251 8.04 5.12 -11.79
CA TYR E 251 8.08 6.30 -10.93
C TYR E 251 9.44 6.30 -10.24
N GLY E 252 9.92 7.49 -9.87
CA GLY E 252 11.19 7.56 -9.18
C GLY E 252 12.38 7.83 -10.10
N GLU E 253 13.11 8.90 -9.80
CA GLU E 253 14.26 9.25 -10.60
C GLU E 253 15.56 8.67 -10.05
N ASP E 254 16.53 8.51 -10.94
CA ASP E 254 17.85 8.02 -10.62
C ASP E 254 18.45 8.96 -9.56
N GLN E 255 19.06 8.39 -8.53
CA GLN E 255 19.62 9.20 -7.46
C GLN E 255 21.10 9.57 -7.52
N GLN E 256 21.79 9.20 -8.59
CA GLN E 256 23.22 9.51 -8.66
C GLN E 256 23.48 11.00 -8.43
N GLU E 257 22.76 11.84 -9.17
CA GLU E 257 22.95 13.28 -9.03
C GLU E 257 22.74 13.69 -7.58
N ASN E 258 21.66 13.25 -6.97
CA ASN E 258 21.40 13.60 -5.58
C ASN E 258 22.47 13.05 -4.66
N ASP E 259 22.84 11.79 -4.84
CA ASP E 259 23.89 11.20 -4.00
C ASP E 259 25.19 11.97 -4.18
N LEU E 260 25.52 12.28 -5.43
CA LEU E 260 26.73 13.03 -5.71
C LEU E 260 26.58 14.39 -5.03
N LYS E 261 25.45 15.03 -5.26
CA LYS E 261 25.16 16.33 -4.68
C LYS E 261 25.33 16.29 -3.16
N ALA E 262 25.10 15.13 -2.55
CA ALA E 262 25.19 14.98 -1.11
C ALA E 262 26.56 14.54 -0.63
N GLY E 263 27.50 14.33 -1.55
CA GLY E 263 28.83 13.91 -1.15
C GLY E 263 29.13 12.43 -1.27
N ILE E 264 28.14 11.63 -1.65
CA ILE E 264 28.37 10.19 -1.79
C ILE E 264 29.07 9.93 -3.12
N MSE E 265 30.12 9.12 -3.09
CA MSE E 265 30.89 8.79 -4.30
C MSE E 265 30.41 7.48 -4.91
O MSE E 265 29.82 6.65 -4.23
CB MSE E 265 32.38 8.75 -3.97
CG MSE E 265 32.94 10.06 -3.47
SE MSE E 265 32.68 11.58 -4.69
CE MSE E 265 34.50 11.60 -5.42
N PRO E 266 30.64 7.28 -6.22
CA PRO E 266 30.24 6.08 -6.96
C PRO E 266 30.69 4.75 -6.36
N ASP E 267 31.59 4.77 -5.40
CA ASP E 267 32.04 3.51 -4.82
C ASP E 267 31.26 3.17 -3.55
N ALA E 268 30.38 4.08 -3.13
CA ALA E 268 29.58 3.87 -1.92
C ALA E 268 28.56 2.73 -2.05
N PRO E 269 28.23 2.08 -0.93
CA PRO E 269 27.27 0.97 -0.86
C PRO E 269 25.93 1.26 -1.52
N GLY E 270 25.60 0.46 -2.54
CA GLY E 270 24.35 0.63 -3.24
C GLY E 270 24.24 1.80 -4.21
N PHE E 271 25.35 2.48 -4.45
CA PHE E 271 25.33 3.63 -5.35
C PHE E 271 24.77 3.22 -6.72
N GLY E 272 23.80 4.00 -7.19
CA GLY E 272 23.19 3.70 -8.47
C GLY E 272 22.02 2.73 -8.39
N GLU E 273 21.92 1.97 -7.31
CA GLU E 273 20.82 1.02 -7.15
C GLU E 273 19.53 1.77 -6.85
N ASP E 274 18.43 1.28 -7.41
CA ASP E 274 17.12 1.91 -7.24
C ASP E 274 16.39 1.39 -6.00
N SER E 275 15.46 2.19 -5.46
CA SER E 275 14.68 1.75 -4.30
C SER E 275 13.64 0.76 -4.83
N PRO E 276 13.56 -0.44 -4.26
CA PRO E 276 12.57 -1.41 -4.74
C PRO E 276 11.17 -0.82 -4.89
N MSE E 277 10.83 0.14 -4.04
CA MSE E 277 9.50 0.78 -4.09
C MSE E 277 9.34 1.64 -5.33
O MSE E 277 8.24 2.10 -5.63
CB MSE E 277 9.28 1.65 -2.85
CG MSE E 277 9.78 3.06 -3.00
SE MSE E 277 9.46 4.08 -1.38
CE MSE E 277 11.05 5.22 -1.50
N TYR E 278 10.43 1.87 -6.04
CA TYR E 278 10.36 2.66 -7.27
C TYR E 278 10.56 1.79 -8.52
N TYR E 279 10.62 0.48 -8.33
CA TYR E 279 10.77 -0.43 -9.47
C TYR E 279 9.60 -0.24 -10.43
N GLY E 280 9.91 -0.02 -11.71
CA GLY E 280 8.87 0.17 -12.69
C GLY E 280 8.04 -1.09 -12.86
N GLU E 281 6.80 -0.93 -13.32
CA GLU E 281 5.91 -2.06 -13.53
C GLU E 281 5.43 -2.24 -14.96
N VAL E 282 5.42 -3.49 -15.41
CA VAL E 282 4.92 -3.79 -16.73
C VAL E 282 3.60 -4.53 -16.56
N THR E 283 2.62 -4.13 -17.34
CA THR E 283 1.32 -4.77 -17.33
C THR E 283 1.14 -5.10 -18.80
N TYR E 284 1.24 -6.39 -19.14
CA TYR E 284 1.11 -6.78 -20.53
C TYR E 284 0.36 -8.09 -20.68
N ARG E 285 -0.01 -8.38 -21.92
CA ARG E 285 -0.76 -9.57 -22.25
C ARG E 285 0.10 -10.51 -23.09
N ASN E 286 0.22 -11.77 -22.68
CA ASN E 286 1.00 -12.73 -23.43
C ASN E 286 0.20 -13.25 -24.63
N GLY E 287 0.77 -14.20 -25.37
CA GLY E 287 0.08 -14.74 -26.53
C GLY E 287 -1.26 -15.39 -26.23
N ASN E 288 -1.37 -16.02 -25.06
CA ASN E 288 -2.59 -16.71 -24.64
C ASN E 288 -3.65 -15.75 -24.14
N GLY E 289 -3.35 -14.46 -24.10
CA GLY E 289 -4.32 -13.49 -23.64
C GLY E 289 -4.23 -13.25 -22.14
N ASP E 290 -3.27 -13.92 -21.50
CA ASP E 290 -3.10 -13.78 -20.06
C ASP E 290 -2.55 -12.40 -19.73
N TRP E 291 -3.00 -11.85 -18.61
CA TRP E 291 -2.50 -10.55 -18.18
C TRP E 291 -1.41 -10.80 -17.17
N ILE E 292 -0.23 -10.27 -17.45
CA ILE E 292 0.91 -10.42 -16.56
C ILE E 292 1.36 -9.10 -15.97
N LYS E 293 1.35 -9.03 -14.64
CA LYS E 293 1.81 -7.85 -13.92
C LYS E 293 3.15 -8.20 -13.28
N LYS E 294 4.21 -7.54 -13.71
CA LYS E 294 5.54 -7.81 -13.21
C LYS E 294 6.31 -6.51 -12.93
N GLN E 295 7.37 -6.59 -12.14
CA GLN E 295 8.19 -5.41 -11.88
C GLN E 295 9.49 -5.63 -12.65
N ILE E 296 10.19 -4.54 -12.95
CA ILE E 296 11.46 -4.68 -13.65
C ILE E 296 12.52 -4.13 -12.72
N LYS E 297 13.43 -4.99 -12.29
CA LYS E 297 14.48 -4.54 -11.39
C LYS E 297 15.20 -3.46 -12.18
N THR E 298 15.22 -2.25 -11.63
CA THR E 298 15.87 -1.15 -12.30
C THR E 298 17.37 -1.39 -12.47
N PRO E 299 17.88 -1.33 -13.70
CA PRO E 299 19.32 -1.54 -13.90
C PRO E 299 20.09 -0.51 -13.07
N VAL E 300 21.32 -0.83 -12.69
CA VAL E 300 22.12 0.08 -11.89
C VAL E 300 22.53 1.33 -12.66
N GLY E 301 22.18 2.50 -12.14
CA GLY E 301 22.56 3.74 -12.80
C GLY E 301 24.05 3.94 -12.58
N ASP E 302 24.77 4.35 -13.63
CA ASP E 302 26.21 4.56 -13.53
C ASP E 302 26.72 5.42 -14.68
N TYR E 303 26.90 6.71 -14.40
CA TYR E 303 27.37 7.64 -15.41
C TYR E 303 28.76 7.29 -15.96
N GLY E 304 29.56 6.58 -15.16
CA GLY E 304 30.89 6.19 -15.59
C GLY E 304 30.86 5.29 -16.83
N ARG E 305 29.68 4.73 -17.13
CA ARG E 305 29.54 3.87 -18.28
C ARG E 305 29.74 4.67 -19.56
N TYR E 306 29.58 5.99 -19.48
CA TYR E 306 29.80 6.82 -20.66
C TYR E 306 31.29 6.70 -20.99
N TYR E 307 32.13 6.73 -19.95
CA TYR E 307 33.57 6.61 -20.12
C TYR E 307 34.01 5.20 -20.48
N ASP E 308 33.35 4.17 -19.92
CA ASP E 308 33.72 2.80 -20.26
C ASP E 308 33.48 2.65 -21.76
N ALA E 309 32.43 3.32 -22.22
CA ALA E 309 32.06 3.29 -23.62
C ALA E 309 33.13 3.94 -24.45
N VAL E 310 33.71 5.02 -23.94
CA VAL E 310 34.78 5.74 -24.64
C VAL E 310 36.04 4.90 -24.70
N TYR E 311 36.30 4.17 -23.63
CA TYR E 311 37.46 3.31 -23.56
C TYR E 311 37.39 2.26 -24.67
N GLU E 312 36.28 1.53 -24.68
CA GLU E 312 36.02 0.47 -25.67
C GLU E 312 36.13 0.93 -27.11
N THR E 313 35.73 2.16 -27.39
CA THR E 313 35.79 2.64 -28.76
C THR E 313 37.21 3.00 -29.21
N LEU E 314 38.02 3.59 -28.34
CA LEU E 314 39.36 3.93 -28.80
C LEU E 314 40.49 3.01 -28.34
N LYS E 315 40.17 2.00 -27.54
CA LYS E 315 41.18 1.04 -27.10
C LYS E 315 40.97 -0.22 -27.91
N ASN E 316 39.70 -0.57 -28.06
CA ASN E 316 39.31 -1.73 -28.85
C ASN E 316 38.60 -1.04 -30.02
N GLY E 317 37.80 -1.74 -30.82
CA GLY E 317 37.19 -1.05 -31.94
C GLY E 317 35.76 -0.57 -31.82
N ALA E 318 35.15 -0.79 -30.65
CA ALA E 318 33.76 -0.43 -30.41
C ALA E 318 33.29 0.89 -31.04
N PRO E 319 32.07 0.88 -31.60
CA PRO E 319 31.50 2.08 -32.23
C PRO E 319 31.19 3.08 -31.11
N GLN E 320 31.46 4.36 -31.36
CA GLN E 320 31.20 5.37 -30.34
C GLN E 320 29.74 5.43 -29.91
N LEU E 321 29.54 5.79 -28.65
CA LEU E 321 28.22 5.88 -28.07
C LEU E 321 27.30 6.88 -28.79
N VAL E 322 27.69 8.15 -28.76
CA VAL E 322 26.91 9.22 -29.42
C VAL E 322 27.39 9.44 -30.85
N THR E 323 26.57 9.06 -31.82
CA THR E 323 26.95 9.22 -33.22
C THR E 323 26.76 10.68 -33.61
N LYS E 324 27.42 11.12 -34.67
CA LYS E 324 27.25 12.51 -35.08
C LYS E 324 25.82 12.74 -35.57
N GLU E 325 25.22 11.72 -36.16
CA GLU E 325 23.84 11.82 -36.64
C GLU E 325 22.93 12.17 -35.46
N GLN E 326 23.06 11.39 -34.38
CA GLN E 326 22.26 11.61 -33.18
C GLN E 326 22.53 13.00 -32.63
N ALA E 327 23.79 13.42 -32.61
CA ALA E 327 24.13 14.72 -32.09
C ALA E 327 23.56 15.84 -32.94
N LEU E 328 23.75 15.75 -34.25
CA LEU E 328 23.24 16.80 -35.16
C LEU E 328 21.72 16.84 -35.23
N THR E 329 21.06 15.70 -35.09
CA THR E 329 19.60 15.67 -35.13
C THR E 329 19.07 16.44 -33.93
N ASN E 330 19.69 16.20 -32.78
CA ASN E 330 19.31 16.86 -31.54
C ASN E 330 19.47 18.38 -31.65
N ILE E 331 20.62 18.83 -32.16
CA ILE E 331 20.86 20.26 -32.32
C ILE E 331 19.78 20.87 -33.22
N GLU E 332 19.41 20.13 -34.26
CA GLU E 332 18.41 20.58 -35.21
C GLU E 332 17.07 20.83 -34.52
N ILE E 333 16.56 19.82 -33.82
CA ILE E 333 15.28 19.95 -33.12
C ILE E 333 15.31 21.07 -32.11
N LEU E 334 16.43 21.17 -31.40
CA LEU E 334 16.62 22.19 -30.39
C LEU E 334 16.46 23.59 -31.00
N GLU E 335 17.15 23.85 -32.10
CA GLU E 335 17.07 25.16 -32.75
C GLU E 335 15.73 25.43 -33.44
N ALA E 336 15.14 24.42 -34.06
CA ALA E 336 13.86 24.61 -34.74
C ALA E 336 12.74 25.00 -33.77
N GLY E 337 12.98 24.79 -32.48
CA GLY E 337 11.95 25.12 -31.49
C GLY E 337 11.78 26.61 -31.32
N PHE E 338 12.68 27.40 -31.89
CA PHE E 338 12.63 28.85 -31.75
C PHE E 338 12.58 29.57 -33.09
N LEU E 339 12.30 28.82 -34.14
CA LEU E 339 12.20 29.36 -35.49
C LEU E 339 10.88 30.10 -35.66
N ASN E 340 9.88 29.66 -34.90
CA ASN E 340 8.54 30.27 -34.93
C ASN E 340 8.02 30.42 -33.52
N PRO E 341 7.06 31.32 -33.32
CA PRO E 341 6.49 31.53 -31.98
C PRO E 341 5.78 30.25 -31.51
N SER E 342 6.02 29.85 -30.26
CA SER E 342 5.38 28.65 -29.73
C SER E 342 3.90 28.92 -29.44
N PRO E 343 3.03 27.90 -29.59
CA PRO E 343 3.34 26.53 -30.00
C PRO E 343 3.44 26.47 -31.53
N SER E 344 4.22 25.54 -32.05
CA SER E 344 4.40 25.38 -33.48
C SER E 344 4.66 23.93 -33.86
N VAL E 345 4.84 23.70 -35.16
CA VAL E 345 5.12 22.37 -35.73
C VAL E 345 6.30 22.50 -36.69
N TYR E 346 7.19 21.51 -36.69
CA TYR E 346 8.35 21.54 -37.57
C TYR E 346 8.55 20.19 -38.25
N HIS E 347 8.92 20.21 -39.52
CA HIS E 347 9.16 18.97 -40.23
C HIS E 347 10.67 18.80 -40.43
N LEU E 348 11.23 17.77 -39.81
CA LEU E 348 12.66 17.49 -39.92
C LEU E 348 13.06 17.35 -41.38
N LYS E 349 14.28 17.77 -41.69
CA LYS E 349 14.79 17.68 -43.05
C LYS E 349 14.95 16.22 -43.44
N GLU E 350 14.70 15.92 -44.70
CA GLU E 350 14.83 14.55 -45.22
C GLU E 350 16.30 14.15 -45.14
N ASN E 351 16.61 13.14 -44.34
CA ASN E 351 17.99 12.69 -44.17
C ASN E 351 18.22 11.28 -44.69
N SER F 2 -46.83 24.17 -12.95
CA SER F 2 -47.59 23.46 -11.88
C SER F 2 -46.59 22.90 -10.89
N LEU F 3 -45.36 23.41 -10.99
CA LEU F 3 -44.22 23.01 -10.17
C LEU F 3 -43.33 22.06 -10.91
N THR F 4 -43.86 21.38 -11.92
CA THR F 4 -43.01 20.48 -12.69
C THR F 4 -42.78 21.12 -14.04
N VAL F 5 -41.81 20.58 -14.75
CA VAL F 5 -41.51 21.02 -16.08
C VAL F 5 -42.00 19.86 -16.92
N LYS F 6 -42.89 20.15 -17.84
CA LYS F 6 -43.39 19.11 -18.69
C LYS F 6 -42.48 19.03 -19.90
N MSE F 7 -41.97 17.83 -20.17
CA MSE F 7 -41.07 17.63 -21.28
C MSE F 7 -41.48 16.46 -22.15
O MSE F 7 -42.41 15.69 -21.82
CB MSE F 7 -39.65 17.40 -20.79
CG MSE F 7 -39.53 16.15 -19.94
SE MSE F 7 -37.63 15.73 -19.59
CE MSE F 7 -37.49 16.80 -18.03
N GLY F 8 -40.77 16.32 -23.27
CA GLY F 8 -41.02 15.24 -24.20
C GLY F 8 -39.66 14.80 -24.71
N PHE F 9 -39.63 13.71 -25.46
CA PHE F 9 -38.41 13.17 -26.02
C PHE F 9 -38.58 12.89 -27.50
N ILE F 10 -37.59 13.27 -28.29
CA ILE F 10 -37.63 12.98 -29.71
C ILE F 10 -36.57 11.88 -29.83
N GLY F 11 -37.04 10.63 -29.79
CA GLY F 11 -36.17 9.49 -29.86
C GLY F 11 -36.37 8.64 -28.60
N PHE F 12 -36.45 7.33 -28.77
CA PHE F 12 -36.63 6.43 -27.64
C PHE F 12 -35.56 5.34 -27.72
N GLY F 13 -34.43 5.69 -28.31
CA GLY F 13 -33.33 4.75 -28.45
C GLY F 13 -32.47 4.51 -27.22
N LYS F 14 -31.31 3.92 -27.46
CA LYS F 14 -30.35 3.58 -26.42
C LYS F 14 -30.02 4.71 -25.45
N SER F 15 -29.43 5.79 -25.96
CA SER F 15 -29.04 6.91 -25.11
C SER F 15 -30.15 7.47 -24.23
N ALA F 16 -31.36 7.60 -24.76
CA ALA F 16 -32.49 8.12 -23.99
C ALA F 16 -32.84 7.18 -22.83
N ASN F 17 -32.84 5.88 -23.11
CA ASN F 17 -33.15 4.89 -22.09
C ASN F 17 -31.99 4.69 -21.12
N ARG F 18 -30.85 5.29 -21.41
CA ARG F 18 -29.67 5.14 -20.55
C ARG F 18 -29.26 6.37 -19.74
N TYR F 19 -29.03 7.48 -20.43
CA TYR F 19 -28.57 8.68 -19.78
C TYR F 19 -29.66 9.71 -19.44
N HIS F 20 -30.90 9.47 -19.85
CA HIS F 20 -31.96 10.43 -19.60
C HIS F 20 -33.11 9.92 -18.77
N LEU F 21 -33.85 8.98 -19.32
CA LEU F 21 -35.02 8.43 -18.64
C LEU F 21 -34.82 7.85 -17.24
N PRO F 22 -33.74 7.09 -17.01
CA PRO F 22 -33.55 6.54 -15.65
C PRO F 22 -33.43 7.63 -14.59
N TYR F 23 -32.90 8.77 -15.01
CA TYR F 23 -32.70 9.91 -14.12
C TYR F 23 -33.92 10.78 -13.96
N VAL F 24 -34.67 10.96 -15.04
CA VAL F 24 -35.85 11.80 -15.01
C VAL F 24 -37.08 11.11 -14.42
N MSE F 25 -37.19 9.80 -14.61
CA MSE F 25 -38.34 9.06 -14.10
C MSE F 25 -38.34 8.95 -12.58
O MSE F 25 -39.30 8.43 -12.00
CB MSE F 25 -38.42 7.65 -14.71
CG MSE F 25 -38.72 7.58 -16.20
SE MSE F 25 -40.25 8.67 -16.77
CE MSE F 25 -41.65 7.63 -15.89
N ILE F 26 -37.30 9.45 -11.92
CA ILE F 26 -37.26 9.39 -10.46
C ILE F 26 -37.25 10.80 -9.89
N ARG F 27 -37.48 11.77 -10.76
CA ARG F 27 -37.48 13.18 -10.37
C ARG F 27 -38.87 13.79 -10.57
N GLU F 28 -39.53 14.12 -9.45
CA GLU F 28 -40.87 14.71 -9.48
C GLU F 28 -40.97 15.98 -10.31
N THR F 29 -39.93 16.79 -10.26
CA THR F 29 -39.91 18.06 -10.98
C THR F 29 -39.93 17.95 -12.50
N LEU F 30 -39.37 16.87 -13.05
CA LEU F 30 -39.37 16.68 -14.50
C LEU F 30 -40.41 15.64 -14.90
N GLU F 31 -41.52 16.13 -15.46
CA GLU F 31 -42.63 15.28 -15.91
C GLU F 31 -42.53 14.96 -17.39
N VAL F 32 -42.29 13.69 -17.70
CA VAL F 32 -42.18 13.24 -19.08
C VAL F 32 -43.59 12.91 -19.57
N LYS F 33 -44.14 13.77 -20.42
CA LYS F 33 -45.48 13.59 -20.93
C LYS F 33 -45.60 12.73 -22.20
N THR F 34 -44.76 12.98 -23.19
CA THR F 34 -44.83 12.18 -24.41
C THR F 34 -43.47 11.89 -25.05
N ILE F 35 -43.35 10.69 -25.63
CA ILE F 35 -42.14 10.26 -26.30
C ILE F 35 -42.42 9.97 -27.76
N PHE F 36 -41.70 10.63 -28.66
CA PHE F 36 -41.87 10.40 -30.09
C PHE F 36 -40.78 9.46 -30.64
N ASP F 37 -41.17 8.60 -31.57
CA ASP F 37 -40.25 7.68 -32.23
C ASP F 37 -41.04 6.87 -33.27
N LEU F 38 -40.50 6.78 -34.48
CA LEU F 38 -41.14 6.05 -35.56
C LEU F 38 -41.30 4.56 -35.25
N HIS F 39 -40.39 4.04 -34.43
CA HIS F 39 -40.42 2.63 -34.03
C HIS F 39 -40.21 2.58 -32.52
N VAL F 40 -41.30 2.49 -31.78
CA VAL F 40 -41.24 2.47 -30.33
C VAL F 40 -40.78 1.19 -29.62
N ASN F 41 -41.48 0.09 -29.88
CA ASN F 41 -41.20 -1.21 -29.26
C ASN F 41 -42.08 -1.27 -28.02
N GLU F 42 -43.38 -1.42 -28.27
CA GLU F 42 -44.42 -1.49 -27.25
C GLU F 42 -44.07 -2.20 -25.94
N LYS F 43 -43.11 -3.11 -25.98
CA LYS F 43 -42.72 -3.83 -24.77
C LYS F 43 -41.84 -2.93 -23.90
N ALA F 44 -40.85 -2.30 -24.52
CA ALA F 44 -39.94 -1.42 -23.79
C ALA F 44 -40.66 -0.15 -23.32
N ALA F 45 -41.82 0.14 -23.91
CA ALA F 45 -42.60 1.34 -23.57
C ALA F 45 -43.63 1.11 -22.48
N ALA F 46 -44.16 -0.10 -22.42
CA ALA F 46 -45.17 -0.47 -21.43
C ALA F 46 -44.91 0.03 -20.01
N PRO F 47 -43.69 -0.14 -19.49
CA PRO F 47 -43.41 0.32 -18.13
C PRO F 47 -43.57 1.83 -17.96
N PHE F 48 -43.35 2.60 -19.03
CA PHE F 48 -43.46 4.05 -18.97
C PHE F 48 -44.92 4.50 -18.98
N LYS F 49 -45.75 3.81 -19.74
CA LYS F 49 -47.16 4.15 -19.82
C LYS F 49 -47.84 3.97 -18.46
N GLU F 50 -47.36 3.02 -17.67
CA GLU F 50 -47.91 2.78 -16.34
C GLU F 50 -47.54 3.93 -15.43
N LYS F 51 -46.47 4.64 -15.81
CA LYS F 51 -46.01 5.77 -15.02
C LYS F 51 -46.53 7.09 -15.56
N GLY F 52 -47.24 7.06 -16.69
CA GLY F 52 -47.79 8.28 -17.24
C GLY F 52 -47.36 8.79 -18.62
N VAL F 53 -46.20 8.38 -19.11
CA VAL F 53 -45.78 8.89 -20.40
C VAL F 53 -46.51 8.28 -21.59
N ASN F 54 -46.90 9.16 -22.50
CA ASN F 54 -47.63 8.79 -23.70
C ASN F 54 -46.65 8.65 -24.88
N PHE F 55 -46.91 7.69 -25.77
CA PHE F 55 -46.03 7.46 -26.92
C PHE F 55 -46.73 7.79 -28.23
N THR F 56 -45.95 8.21 -29.23
CA THR F 56 -46.50 8.54 -30.53
C THR F 56 -45.44 8.49 -31.61
N ALA F 57 -45.90 8.39 -32.85
CA ALA F 57 -45.01 8.35 -34.00
C ALA F 57 -45.33 9.52 -34.93
N ASP F 58 -45.96 10.54 -34.37
CA ASP F 58 -46.36 11.71 -35.14
C ASP F 58 -45.32 12.82 -35.17
N LEU F 59 -44.79 13.17 -34.01
CA LEU F 59 -43.78 14.23 -33.90
C LEU F 59 -44.48 15.57 -33.94
N ASN F 60 -45.48 15.68 -34.79
CA ASN F 60 -46.24 16.91 -34.88
C ASN F 60 -47.15 17.04 -33.67
N GLU F 61 -47.53 15.90 -33.09
CA GLU F 61 -48.39 15.91 -31.91
C GLU F 61 -47.58 16.45 -30.74
N LEU F 62 -46.30 16.11 -30.72
CA LEU F 62 -45.42 16.53 -29.66
C LEU F 62 -45.11 18.02 -29.77
N LEU F 63 -44.60 18.41 -30.92
CA LEU F 63 -44.26 19.79 -31.18
C LEU F 63 -45.48 20.71 -31.13
N THR F 64 -46.67 20.11 -31.16
CA THR F 64 -47.92 20.87 -31.17
C THR F 64 -48.61 21.26 -29.87
N ASP F 65 -48.64 20.40 -28.86
CA ASP F 65 -49.35 20.77 -27.64
C ASP F 65 -48.60 21.75 -26.75
N PRO F 66 -49.33 22.73 -26.21
CA PRO F 66 -48.81 23.79 -25.33
C PRO F 66 -48.29 23.31 -23.97
N GLU F 67 -48.70 22.13 -23.54
CA GLU F 67 -48.26 21.63 -22.24
C GLU F 67 -46.75 21.37 -22.21
N ILE F 68 -46.23 20.73 -23.24
CA ILE F 68 -44.82 20.42 -23.34
C ILE F 68 -44.04 21.72 -23.49
N GLU F 69 -43.06 21.95 -22.64
CA GLU F 69 -42.25 23.16 -22.71
C GLU F 69 -40.79 22.84 -22.97
N LEU F 70 -40.43 21.57 -22.81
CA LEU F 70 -39.06 21.13 -22.98
C LEU F 70 -38.94 19.83 -23.79
N ILE F 71 -38.02 19.80 -24.74
CA ILE F 71 -37.79 18.59 -25.53
C ILE F 71 -36.31 18.22 -25.56
N THR F 72 -36.03 16.93 -25.39
CA THR F 72 -34.67 16.43 -25.45
C THR F 72 -34.57 15.57 -26.71
N ILE F 73 -33.57 15.85 -27.52
CA ILE F 73 -33.33 15.16 -28.78
C ILE F 73 -32.26 14.09 -28.62
N CYS F 74 -32.68 12.83 -28.71
CA CYS F 74 -31.80 11.67 -28.57
C CYS F 74 -31.76 10.88 -29.86
N THR F 75 -32.32 11.46 -30.90
CA THR F 75 -32.38 10.85 -32.22
C THR F 75 -30.94 10.80 -32.81
N PRO F 76 -30.71 10.04 -33.89
CA PRO F 76 -29.37 9.97 -34.47
C PRO F 76 -28.75 11.32 -34.84
N ALA F 77 -27.43 11.40 -34.72
CA ALA F 77 -26.65 12.61 -34.98
C ALA F 77 -27.02 13.51 -36.17
N HIS F 78 -27.08 12.93 -37.37
CA HIS F 78 -27.39 13.70 -38.56
C HIS F 78 -28.74 14.43 -38.55
N THR F 79 -29.62 14.07 -37.62
CA THR F 79 -30.94 14.70 -37.55
C THR F 79 -31.07 15.86 -36.55
N HIS F 80 -30.03 16.10 -35.76
CA HIS F 80 -30.07 17.13 -34.72
C HIS F 80 -30.39 18.58 -35.06
N TYR F 81 -29.73 19.13 -36.08
CA TYR F 81 -29.99 20.50 -36.48
C TYR F 81 -31.43 20.64 -36.96
N ASP F 82 -31.81 19.77 -37.87
CA ASP F 82 -33.14 19.79 -38.45
C ASP F 82 -34.21 19.80 -37.36
N LEU F 83 -34.12 18.81 -36.46
CA LEU F 83 -35.07 18.66 -35.38
C LEU F 83 -34.99 19.75 -34.31
N ALA F 84 -33.78 20.19 -33.97
CA ALA F 84 -33.66 21.25 -32.97
C ALA F 84 -34.38 22.50 -33.48
N LYS F 85 -34.21 22.79 -34.77
CA LYS F 85 -34.82 23.97 -35.36
C LYS F 85 -36.35 23.89 -35.28
N GLN F 86 -36.90 22.73 -35.61
CA GLN F 86 -38.34 22.57 -35.55
C GLN F 86 -38.85 22.80 -34.14
N ALA F 87 -38.19 22.17 -33.16
CA ALA F 87 -38.60 22.30 -31.77
C ALA F 87 -38.52 23.76 -31.33
N ILE F 88 -37.42 24.42 -31.64
CA ILE F 88 -37.26 25.82 -31.25
C ILE F 88 -38.33 26.69 -31.91
N LEU F 89 -38.58 26.48 -33.20
CA LEU F 89 -39.59 27.25 -33.91
C LEU F 89 -40.99 26.92 -33.42
N ALA F 90 -41.15 25.72 -32.85
CA ALA F 90 -42.45 25.32 -32.33
C ALA F 90 -42.67 25.92 -30.93
N GLY F 91 -41.65 26.63 -30.43
CA GLY F 91 -41.77 27.27 -29.14
C GLY F 91 -41.35 26.48 -27.92
N LYS F 92 -40.42 25.55 -28.09
CA LYS F 92 -39.95 24.74 -26.97
C LYS F 92 -38.46 24.88 -26.72
N SER F 93 -38.08 24.81 -25.45
CA SER F 93 -36.67 24.87 -25.08
C SER F 93 -36.16 23.50 -25.50
N VAL F 94 -34.90 23.40 -25.87
CA VAL F 94 -34.36 22.13 -26.33
C VAL F 94 -33.01 21.71 -25.74
N ILE F 95 -32.86 20.40 -25.56
CA ILE F 95 -31.65 19.79 -25.05
C ILE F 95 -31.28 18.84 -26.20
N VAL F 96 -30.13 19.08 -26.83
CA VAL F 96 -29.71 18.25 -27.94
C VAL F 96 -28.52 17.39 -27.54
N GLU F 97 -28.55 16.09 -27.87
CA GLU F 97 -27.42 15.24 -27.54
C GLU F 97 -26.31 15.51 -28.53
N LYS F 98 -25.14 14.98 -28.24
CA LYS F 98 -23.96 15.13 -29.07
C LYS F 98 -24.22 14.45 -30.43
N PRO F 99 -23.93 15.16 -31.54
CA PRO F 99 -23.40 16.52 -31.59
C PRO F 99 -24.54 17.54 -31.67
N PHE F 100 -24.31 18.72 -31.11
CA PHE F 100 -25.29 19.79 -31.09
C PHE F 100 -25.82 20.10 -32.48
N CYS F 101 -24.90 20.22 -33.44
CA CYS F 101 -25.20 20.51 -34.83
C CYS F 101 -24.18 19.85 -35.73
N ASP F 102 -24.39 20.00 -37.04
CA ASP F 102 -23.48 19.44 -38.02
C ASP F 102 -22.41 20.48 -38.35
N THR F 103 -22.71 21.76 -38.11
CA THR F 103 -21.75 22.83 -38.38
C THR F 103 -21.90 24.00 -37.41
N LEU F 104 -20.86 24.82 -37.33
CA LEU F 104 -20.85 25.97 -36.45
C LEU F 104 -21.90 27.01 -36.83
N GLU F 105 -22.00 27.27 -38.13
CA GLU F 105 -22.95 28.24 -38.63
C GLU F 105 -24.35 27.83 -38.17
N HIS F 106 -24.65 26.54 -38.26
CA HIS F 106 -25.96 26.02 -37.85
C HIS F 106 -26.16 26.14 -36.35
N ALA F 107 -25.08 25.96 -35.60
CA ALA F 107 -25.14 26.04 -34.14
C ALA F 107 -25.45 27.45 -33.71
N GLU F 108 -24.86 28.41 -34.41
CA GLU F 108 -25.07 29.82 -34.10
C GLU F 108 -26.50 30.18 -34.42
N GLU F 109 -27.03 29.59 -35.50
CA GLU F 109 -28.40 29.84 -35.92
C GLU F 109 -29.37 29.37 -34.84
N LEU F 110 -29.16 28.14 -34.37
CA LEU F 110 -30.03 27.58 -33.33
C LEU F 110 -30.07 28.49 -32.10
N PHE F 111 -28.91 28.94 -31.63
CA PHE F 111 -28.85 29.83 -30.48
C PHE F 111 -29.57 31.15 -30.78
N ALA F 112 -29.41 31.64 -32.01
CA ALA F 112 -30.06 32.88 -32.41
C ALA F 112 -31.59 32.70 -32.44
N LEU F 113 -32.04 31.56 -32.95
CA LEU F 113 -33.47 31.29 -33.02
C LEU F 113 -34.09 31.15 -31.64
N GLY F 114 -33.39 30.43 -30.75
CA GLY F 114 -33.89 30.24 -29.41
C GLY F 114 -34.04 31.57 -28.70
N GLN F 115 -33.11 32.47 -29.00
CA GLN F 115 -33.08 33.79 -28.40
C GLN F 115 -34.25 34.64 -28.86
N GLU F 116 -34.61 34.54 -30.14
CA GLU F 116 -35.73 35.32 -30.61
C GLU F 116 -37.08 34.65 -30.36
N LYS F 117 -37.06 33.40 -29.93
CA LYS F 117 -38.30 32.69 -29.61
C LYS F 117 -38.50 32.70 -28.10
N GLY F 118 -37.49 33.16 -27.37
CA GLY F 118 -37.58 33.21 -25.92
C GLY F 118 -37.50 31.87 -25.22
N VAL F 119 -36.75 30.95 -25.80
CA VAL F 119 -36.60 29.62 -25.21
C VAL F 119 -35.13 29.24 -25.00
N VAL F 120 -34.91 28.28 -24.12
CA VAL F 120 -33.57 27.81 -23.79
C VAL F 120 -33.11 26.72 -24.74
N VAL F 121 -31.88 26.86 -25.24
CA VAL F 121 -31.29 25.90 -26.15
C VAL F 121 -29.92 25.49 -25.63
N MSE F 122 -29.70 24.18 -25.45
CA MSE F 122 -28.41 23.72 -24.93
C MSE F 122 -27.97 22.33 -25.37
O MSE F 122 -28.80 21.45 -25.62
CB MSE F 122 -28.40 23.69 -23.39
CG MSE F 122 -28.61 24.99 -22.70
SE MSE F 122 -28.66 24.72 -20.76
CE MSE F 122 -30.07 23.35 -20.79
N PRO F 123 -26.66 22.13 -25.52
CA PRO F 123 -26.24 20.80 -25.91
C PRO F 123 -26.22 20.02 -24.61
N TYR F 124 -26.50 18.73 -24.68
CA TYR F 124 -26.51 17.89 -23.49
C TYR F 124 -25.07 17.65 -23.06
N GLN F 125 -24.73 17.99 -21.83
CA GLN F 125 -23.37 17.78 -21.33
C GLN F 125 -23.45 17.13 -19.96
N ASN F 126 -23.84 15.86 -19.92
CA ASN F 126 -23.98 15.14 -18.66
C ASN F 126 -22.65 14.90 -17.96
N ARG F 127 -21.56 14.83 -18.71
CA ARG F 127 -20.29 14.57 -18.07
C ARG F 127 -19.75 15.70 -17.20
N ARG F 128 -20.52 16.79 -17.10
CA ARG F 128 -20.12 17.90 -16.25
C ARG F 128 -20.49 17.46 -14.84
N PHE F 129 -21.05 16.27 -14.74
CA PHE F 129 -21.46 15.74 -13.45
C PHE F 129 -20.90 14.37 -13.11
N ASP F 130 -19.71 14.09 -13.65
CA ASP F 130 -18.99 12.85 -13.36
C ASP F 130 -18.34 13.14 -11.99
N GLY F 131 -18.29 12.14 -11.13
CA GLY F 131 -17.69 12.33 -9.82
C GLY F 131 -16.27 12.85 -9.81
N ASP F 132 -15.42 12.25 -10.62
CA ASP F 132 -14.03 12.69 -10.70
C ASP F 132 -13.95 14.16 -11.10
N TYR F 133 -14.78 14.58 -12.05
CA TYR F 133 -14.79 15.97 -12.50
C TYR F 133 -15.21 16.89 -11.36
N LEU F 134 -16.29 16.55 -10.68
CA LEU F 134 -16.75 17.38 -9.58
C LEU F 134 -15.70 17.53 -8.48
N ALA F 135 -14.84 16.54 -8.30
CA ALA F 135 -13.81 16.61 -7.28
C ALA F 135 -12.75 17.64 -7.74
N MSE F 136 -12.25 17.45 -8.95
CA MSE F 136 -11.28 18.35 -9.55
C MSE F 136 -11.81 19.78 -9.52
O MSE F 136 -11.10 20.73 -9.16
CB MSE F 136 -11.01 17.92 -11.00
CG MSE F 136 -10.08 18.81 -11.79
SE MSE F 136 -11.05 20.33 -12.55
CE MSE F 136 -12.32 19.24 -13.47
N LYS F 137 -13.08 19.93 -9.89
CA LYS F 137 -13.74 21.23 -9.90
C LYS F 137 -13.81 21.86 -8.50
N GLN F 138 -14.10 21.03 -7.50
CA GLN F 138 -14.19 21.50 -6.12
C GLN F 138 -12.82 22.02 -5.65
N VAL F 139 -11.76 21.29 -6.02
CA VAL F 139 -10.41 21.67 -5.64
C VAL F 139 -10.01 23.00 -6.26
N VAL F 140 -10.29 23.17 -7.55
CA VAL F 140 -9.96 24.41 -8.22
C VAL F 140 -10.69 25.54 -7.52
N GLU F 141 -11.97 25.35 -7.23
CA GLU F 141 -12.76 26.39 -6.57
C GLU F 141 -12.33 26.68 -5.12
N GLN F 142 -11.82 25.69 -4.41
CA GLN F 142 -11.38 25.95 -3.03
C GLN F 142 -9.98 26.58 -2.99
N GLY F 143 -9.32 26.63 -4.15
CA GLY F 143 -8.01 27.25 -4.29
C GLY F 143 -6.79 26.71 -3.55
N PHE F 144 -6.75 25.41 -3.26
CA PHE F 144 -5.59 24.85 -2.57
C PHE F 144 -4.33 24.96 -3.41
N LEU F 145 -4.49 24.72 -4.72
CA LEU F 145 -3.38 24.71 -5.67
C LEU F 145 -2.84 26.05 -6.13
N GLY F 146 -3.48 27.14 -5.72
CA GLY F 146 -3.02 28.46 -6.13
C GLY F 146 -3.21 28.70 -7.62
N GLU F 147 -2.22 29.28 -8.27
CA GLU F 147 -2.31 29.56 -9.69
C GLU F 147 -2.13 28.30 -10.51
N ILE F 148 -3.21 27.83 -11.13
CA ILE F 148 -3.13 26.61 -11.92
C ILE F 148 -2.36 26.84 -13.21
N ASN F 149 -1.44 25.92 -13.50
CA ASN F 149 -0.66 26.03 -14.72
C ASN F 149 -1.00 24.91 -15.72
N GLU F 150 -1.53 23.80 -15.23
CA GLU F 150 -1.87 22.72 -16.14
C GLU F 150 -2.93 21.73 -15.63
N VAL F 151 -3.73 21.24 -16.57
CA VAL F 151 -4.76 20.25 -16.28
C VAL F 151 -4.70 19.23 -17.41
N GLU F 152 -4.66 17.95 -17.05
CA GLU F 152 -4.66 16.88 -18.04
C GLU F 152 -5.88 16.03 -17.70
N THR F 153 -6.72 15.79 -18.70
CA THR F 153 -7.94 15.03 -18.49
C THR F 153 -8.04 13.95 -19.58
N HIS F 154 -8.18 12.70 -19.17
CA HIS F 154 -8.25 11.56 -20.08
C HIS F 154 -9.54 10.73 -20.10
N ILE F 155 -9.70 10.04 -21.21
CA ILE F 155 -10.76 9.05 -21.43
C ILE F 155 -9.98 8.06 -22.30
N ASP F 156 -9.38 7.06 -21.66
CA ASP F 156 -8.59 6.05 -22.35
C ASP F 156 -9.22 4.66 -22.28
N TYR F 157 -8.74 3.79 -23.15
CA TYR F 157 -9.22 2.43 -23.20
C TYR F 157 -8.08 1.53 -23.62
N TYR F 158 -8.22 0.24 -23.33
CA TYR F 158 -7.26 -0.73 -23.81
C TYR F 158 -8.11 -1.58 -24.73
N ARG F 159 -8.28 -1.11 -25.96
CA ARG F 159 -9.09 -1.84 -26.92
C ARG F 159 -8.37 -1.85 -28.26
N PRO F 160 -7.18 -2.45 -28.32
CA PRO F 160 -6.48 -2.47 -29.61
C PRO F 160 -7.30 -3.20 -30.68
N GLY F 161 -7.28 -2.65 -31.90
CA GLY F 161 -8.01 -3.25 -33.00
C GLY F 161 -9.48 -2.91 -33.07
N SER F 162 -9.94 -2.03 -32.19
CA SER F 162 -11.36 -1.64 -32.15
C SER F 162 -11.74 -0.63 -33.24
N ILE F 163 -10.87 0.34 -33.48
CA ILE F 163 -11.14 1.35 -34.51
C ILE F 163 -10.23 1.05 -35.69
N THR F 164 -10.81 0.65 -36.81
CA THR F 164 -10.03 0.29 -37.98
C THR F 164 -10.58 0.80 -39.29
N GLU F 165 -11.83 1.25 -39.29
CA GLU F 165 -12.47 1.74 -40.51
C GLU F 165 -12.26 3.22 -40.72
N GLN F 166 -12.07 3.60 -41.99
CA GLN F 166 -11.89 5.00 -42.30
C GLN F 166 -13.28 5.62 -42.37
N GLY F 167 -13.38 6.90 -42.04
CA GLY F 167 -14.66 7.58 -42.08
C GLY F 167 -14.52 9.08 -41.93
N PRO F 168 -15.64 9.82 -41.95
CA PRO F 168 -15.66 11.28 -41.82
C PRO F 168 -15.41 11.71 -40.37
N LYS F 169 -14.86 12.90 -40.19
CA LYS F 169 -14.55 13.41 -38.85
C LYS F 169 -15.57 13.10 -37.75
N GLU F 170 -16.86 13.25 -38.08
CA GLU F 170 -17.92 13.01 -37.11
C GLU F 170 -17.89 11.62 -36.49
N ASN F 171 -17.19 10.69 -37.12
CA ASN F 171 -17.11 9.30 -36.66
C ASN F 171 -15.94 8.96 -35.74
N GLY F 172 -15.00 9.88 -35.55
CA GLY F 172 -13.85 9.59 -34.71
C GLY F 172 -13.92 9.92 -33.23
N SER F 173 -12.87 9.53 -32.51
CA SER F 173 -12.77 9.76 -31.07
C SER F 173 -12.83 11.22 -30.63
N PHE F 174 -12.18 12.11 -31.38
CA PHE F 174 -12.18 13.51 -31.00
C PHE F 174 -13.61 14.08 -31.01
N TYR F 175 -14.40 13.71 -32.01
CA TYR F 175 -15.78 14.17 -32.09
C TYR F 175 -16.66 13.45 -31.07
N GLY F 176 -16.30 12.22 -30.74
CA GLY F 176 -17.10 11.47 -29.78
C GLY F 176 -16.77 11.71 -28.31
N LEU F 177 -15.50 12.00 -28.00
CA LEU F 177 -15.10 12.20 -26.62
C LEU F 177 -14.47 13.57 -26.33
N GLY F 178 -13.87 14.16 -27.35
CA GLY F 178 -13.24 15.45 -27.14
C GLY F 178 -14.23 16.46 -26.60
N ILE F 179 -15.37 16.56 -27.26
CA ILE F 179 -16.41 17.49 -26.86
C ILE F 179 -16.66 17.44 -25.35
N HIS F 180 -16.87 16.23 -24.81
CA HIS F 180 -17.09 16.05 -23.37
C HIS F 180 -15.93 16.58 -22.56
N LEU F 181 -14.74 16.10 -22.89
CA LEU F 181 -13.55 16.51 -22.15
C LEU F 181 -13.33 18.01 -22.15
N MSE F 182 -13.37 18.63 -23.32
CA MSE F 182 -13.15 20.07 -23.39
C MSE F 182 -14.31 20.86 -22.81
O MSE F 182 -14.09 21.86 -22.14
CB MSE F 182 -12.93 20.53 -24.82
CG MSE F 182 -11.81 19.83 -25.51
SE MSE F 182 -11.68 20.58 -27.28
CE MSE F 182 -9.77 20.76 -27.24
N ASP F 183 -15.54 20.45 -23.06
CA ASP F 183 -16.69 21.19 -22.53
C ASP F 183 -16.63 21.46 -21.03
N ARG F 184 -16.34 20.43 -20.23
CA ARG F 184 -16.31 20.66 -18.80
C ARG F 184 -15.13 21.50 -18.38
N MSE F 185 -14.05 21.46 -19.17
CA MSE F 185 -12.88 22.26 -18.86
C MSE F 185 -13.15 23.72 -19.24
O MSE F 185 -12.77 24.64 -18.51
CB MSE F 185 -11.65 21.70 -19.58
CG MSE F 185 -11.12 20.39 -19.00
SE MSE F 185 -10.96 20.39 -17.02
CE MSE F 185 -9.49 21.66 -17.00
N ILE F 186 -13.82 23.93 -20.37
CA ILE F 186 -14.16 25.27 -20.84
C ILE F 186 -15.07 25.96 -19.84
N ALA F 187 -15.94 25.17 -19.20
CA ALA F 187 -16.90 25.67 -18.22
C ALA F 187 -16.18 26.26 -17.00
N LEU F 188 -14.96 25.78 -16.77
CA LEU F 188 -14.15 26.19 -15.65
C LEU F 188 -13.19 27.31 -16.00
N PHE F 189 -12.50 27.18 -17.13
CA PHE F 189 -11.49 28.15 -17.53
C PHE F 189 -11.84 29.17 -18.60
N GLY F 190 -12.92 28.94 -19.34
CA GLY F 190 -13.31 29.88 -20.37
C GLY F 190 -12.70 29.60 -21.74
N ARG F 191 -12.95 30.51 -22.68
CA ARG F 191 -12.47 30.40 -24.05
C ARG F 191 -10.95 30.52 -24.17
N PRO F 192 -10.28 29.50 -24.73
CA PRO F 192 -8.83 29.58 -24.88
C PRO F 192 -8.40 30.49 -26.04
N ASP F 193 -7.11 30.87 -26.05
CA ASP F 193 -6.58 31.73 -27.12
C ASP F 193 -6.33 30.88 -28.35
N GLN F 194 -5.66 29.76 -28.16
CA GLN F 194 -5.37 28.85 -29.26
C GLN F 194 -5.29 27.41 -28.82
N VAL F 195 -5.51 26.51 -29.78
CA VAL F 195 -5.50 25.10 -29.53
C VAL F 195 -4.45 24.40 -30.35
N THR F 196 -3.94 23.31 -29.81
CA THR F 196 -2.94 22.50 -30.50
C THR F 196 -3.60 21.14 -30.71
N TYR F 197 -3.40 20.58 -31.90
CA TYR F 197 -4.02 19.30 -32.22
C TYR F 197 -3.04 18.21 -32.63
N ASP F 198 -3.31 17.01 -32.12
CA ASP F 198 -2.57 15.81 -32.47
C ASP F 198 -3.71 14.79 -32.57
N ILE F 199 -4.29 14.70 -33.76
CA ILE F 199 -5.43 13.81 -34.01
C ILE F 199 -5.14 12.82 -35.11
N ARG F 200 -5.28 11.54 -34.80
CA ARG F 200 -5.00 10.49 -35.76
C ARG F 200 -5.43 9.13 -35.26
N ASN F 201 -5.10 8.09 -36.04
CA ASN F 201 -5.39 6.72 -35.66
C ASN F 201 -4.02 6.07 -35.60
N ASN F 202 -3.62 5.69 -34.39
CA ASN F 202 -2.31 5.09 -34.17
C ASN F 202 -2.23 3.59 -34.39
N GLU F 203 -3.13 3.03 -35.19
CA GLU F 203 -3.13 1.60 -35.50
C GLU F 203 -3.30 1.40 -37.01
N VAL F 204 -4.13 2.23 -37.61
CA VAL F 204 -4.39 2.17 -39.05
C VAL F 204 -4.48 3.62 -39.51
N SER F 205 -3.38 4.14 -40.03
CA SER F 205 -3.29 5.52 -40.48
C SER F 205 -4.46 6.15 -41.24
N GLU F 206 -4.97 5.45 -42.25
CA GLU F 206 -6.07 6.00 -43.05
C GLU F 206 -7.44 5.91 -42.39
N ALA F 207 -7.52 5.21 -41.25
CA ALA F 207 -8.80 5.06 -40.59
C ALA F 207 -9.21 6.30 -39.81
N VAL F 208 -10.47 6.32 -39.37
CA VAL F 208 -10.97 7.44 -38.60
C VAL F 208 -10.16 7.54 -37.32
N ASP F 209 -9.92 8.77 -36.85
CA ASP F 209 -9.11 8.99 -35.66
C ASP F 209 -9.57 8.24 -34.41
N ASN F 210 -8.62 7.60 -33.73
CA ASN F 210 -8.93 6.86 -32.51
C ASN F 210 -7.99 7.34 -31.41
N TYR F 211 -7.34 8.46 -31.67
CA TYR F 211 -6.40 9.03 -30.71
C TYR F 211 -6.31 10.55 -30.82
N PHE F 212 -6.20 11.22 -29.68
CA PHE F 212 -6.02 12.66 -29.69
C PHE F 212 -5.35 13.18 -28.44
N ASP F 213 -4.51 14.19 -28.64
CA ASP F 213 -3.77 14.86 -27.57
C ASP F 213 -3.96 16.32 -27.94
N VAL F 214 -4.93 16.96 -27.33
CA VAL F 214 -5.25 18.34 -27.64
C VAL F 214 -5.02 19.31 -26.49
N ASP F 215 -4.26 20.37 -26.75
CA ASP F 215 -3.96 21.39 -25.75
C ASP F 215 -4.71 22.70 -25.94
N LEU F 216 -5.39 23.15 -24.89
CA LEU F 216 -6.11 24.43 -24.94
C LEU F 216 -5.21 25.41 -24.19
N HIS F 217 -4.70 26.41 -24.89
CA HIS F 217 -3.82 27.39 -24.27
C HIS F 217 -4.50 28.65 -23.78
N TYR F 218 -4.18 29.01 -22.55
CA TYR F 218 -4.72 30.22 -21.93
C TYR F 218 -3.52 31.07 -21.56
N GLY F 219 -3.19 32.04 -22.39
CA GLY F 219 -2.03 32.88 -22.12
C GLY F 219 -0.75 32.05 -22.19
N SER F 220 0.22 32.37 -21.35
CA SER F 220 1.48 31.66 -21.33
C SER F 220 1.62 30.87 -20.03
N LYS F 221 0.62 31.03 -19.17
CA LYS F 221 0.60 30.43 -17.86
C LYS F 221 -0.07 29.06 -17.78
N LEU F 222 -1.24 28.95 -18.40
CA LEU F 222 -2.04 27.74 -18.32
C LEU F 222 -2.46 27.06 -19.61
N LYS F 223 -2.51 25.73 -19.56
CA LYS F 223 -2.98 24.96 -20.70
C LYS F 223 -3.70 23.72 -20.18
N VAL F 224 -4.79 23.34 -20.83
CA VAL F 224 -5.56 22.17 -20.45
C VAL F 224 -5.39 21.12 -21.54
N LYS F 225 -5.04 19.91 -21.14
CA LYS F 225 -4.83 18.84 -22.09
C LYS F 225 -5.93 17.77 -22.04
N VAL F 226 -6.67 17.63 -23.13
CA VAL F 226 -7.70 16.61 -23.22
C VAL F 226 -7.02 15.53 -24.03
N LYS F 227 -7.16 14.27 -23.62
CA LYS F 227 -6.45 13.22 -24.32
C LYS F 227 -7.16 11.87 -24.34
N THR F 228 -7.00 11.15 -25.45
CA THR F 228 -7.59 9.81 -25.63
C THR F 228 -6.71 8.88 -26.46
N ASN F 229 -6.60 7.64 -26.01
CA ASN F 229 -5.79 6.62 -26.68
C ASN F 229 -6.52 5.28 -26.50
N HIS F 230 -6.58 4.47 -27.54
CA HIS F 230 -7.27 3.19 -27.44
C HIS F 230 -6.37 2.00 -27.14
N SER F 231 -5.11 2.29 -26.81
CA SER F 231 -4.16 1.24 -26.47
C SER F 231 -3.39 1.60 -25.20
N VAL F 232 -4.11 1.65 -24.07
CA VAL F 232 -3.51 2.00 -22.79
C VAL F 232 -3.85 0.97 -21.71
N ALA F 233 -2.89 0.11 -21.39
CA ALA F 233 -3.08 -0.94 -20.38
C ALA F 233 -3.11 -0.34 -18.98
N SER F 234 -2.06 0.38 -18.62
CA SER F 234 -1.98 1.03 -17.31
C SER F 234 -2.45 2.46 -17.44
N PRO F 235 -3.65 2.74 -16.89
CA PRO F 235 -4.29 4.04 -16.92
C PRO F 235 -3.51 5.21 -16.36
N TYR F 236 -3.75 6.36 -16.96
CA TYR F 236 -3.14 7.61 -16.52
C TYR F 236 -4.14 8.07 -15.47
N PRO F 237 -3.82 9.13 -14.74
CA PRO F 237 -4.83 9.56 -13.76
C PRO F 237 -6.00 10.07 -14.62
N ARG F 238 -7.20 10.11 -14.07
CA ARG F 238 -8.33 10.62 -14.82
C ARG F 238 -8.15 12.14 -14.89
N PHE F 239 -7.49 12.69 -13.88
CA PHE F 239 -7.22 14.13 -13.80
C PHE F 239 -5.88 14.44 -13.18
N ILE F 240 -5.19 15.42 -13.74
CA ILE F 240 -3.92 15.89 -13.20
C ILE F 240 -4.05 17.40 -13.15
N VAL F 241 -3.84 17.98 -11.97
CA VAL F 241 -3.91 19.42 -11.85
C VAL F 241 -2.68 19.91 -11.10
N HIS F 242 -1.92 20.82 -11.72
CA HIS F 242 -0.74 21.37 -11.07
C HIS F 242 -0.83 22.89 -10.98
N GLY F 243 -0.47 23.42 -9.82
CA GLY F 243 -0.51 24.85 -9.60
C GLY F 243 0.68 25.25 -8.76
N SER F 244 0.86 26.55 -8.58
CA SER F 244 1.97 27.09 -7.81
C SER F 244 2.04 26.61 -6.37
N ASN F 245 0.89 26.27 -5.79
CA ASN F 245 0.85 25.81 -4.41
C ASN F 245 0.69 24.32 -4.18
N GLY F 246 0.51 23.56 -5.26
CA GLY F 246 0.35 22.12 -5.08
C GLY F 246 -0.23 21.39 -6.26
N SER F 247 -0.64 20.15 -6.03
CA SER F 247 -1.18 19.31 -7.08
C SER F 247 -2.39 18.51 -6.62
N PHE F 248 -3.14 17.99 -7.60
CA PHE F 248 -4.30 17.16 -7.35
C PHE F 248 -4.27 16.05 -8.39
N ILE F 249 -4.10 14.81 -7.93
CA ILE F 249 -4.08 13.65 -8.82
C ILE F 249 -5.31 12.81 -8.49
N LYS F 250 -6.01 12.34 -9.51
CA LYS F 250 -7.21 11.55 -9.31
C LYS F 250 -7.31 10.37 -10.27
N TYR F 251 -7.39 9.16 -9.70
CA TYR F 251 -7.49 7.93 -10.49
C TYR F 251 -8.92 7.39 -10.44
N GLY F 252 -9.25 6.52 -11.38
CA GLY F 252 -10.59 5.94 -11.41
C GLY F 252 -11.61 6.83 -12.09
N GLU F 253 -12.54 6.22 -12.80
CA GLU F 253 -13.56 7.00 -13.50
C GLU F 253 -14.95 6.86 -12.86
N ASP F 254 -15.83 7.79 -13.20
CA ASP F 254 -17.19 7.76 -12.69
C ASP F 254 -17.82 6.44 -13.16
N GLN F 255 -18.51 5.75 -12.27
CA GLN F 255 -19.10 4.46 -12.63
C GLN F 255 -20.59 4.47 -12.99
N GLN F 256 -21.18 5.65 -13.19
CA GLN F 256 -22.58 5.71 -13.56
C GLN F 256 -22.81 4.92 -14.84
N GLU F 257 -22.01 5.23 -15.86
CA GLU F 257 -22.14 4.55 -17.15
C GLU F 257 -22.04 3.04 -17.00
N ASN F 258 -20.93 2.55 -16.43
CA ASN F 258 -20.77 1.11 -16.26
C ASN F 258 -21.93 0.49 -15.51
N ASP F 259 -22.38 1.14 -14.44
CA ASP F 259 -23.50 0.62 -13.65
C ASP F 259 -24.76 0.55 -14.51
N LEU F 260 -25.04 1.62 -15.26
CA LEU F 260 -26.22 1.65 -16.12
C LEU F 260 -26.16 0.47 -17.07
N LYS F 261 -25.02 0.30 -17.74
CA LYS F 261 -24.85 -0.80 -18.69
C LYS F 261 -25.13 -2.14 -18.01
N ALA F 262 -24.75 -2.25 -16.74
CA ALA F 262 -24.94 -3.48 -15.96
C ALA F 262 -26.37 -3.65 -15.44
N GLY F 263 -27.24 -2.68 -15.71
CA GLY F 263 -28.61 -2.79 -15.27
C GLY F 263 -28.93 -2.15 -13.94
N ILE F 264 -27.98 -1.40 -13.39
CA ILE F 264 -28.16 -0.71 -12.11
C ILE F 264 -28.71 0.69 -12.35
N MSE F 265 -29.88 0.98 -11.79
CA MSE F 265 -30.51 2.28 -12.00
C MSE F 265 -30.09 3.32 -10.96
O MSE F 265 -29.70 2.98 -9.85
CB MSE F 265 -32.02 2.09 -12.05
CG MSE F 265 -32.49 1.21 -13.20
SE MSE F 265 -31.95 1.84 -14.99
CE MSE F 265 -33.68 2.61 -15.50
N PRO F 266 -30.15 4.61 -11.34
CA PRO F 266 -29.78 5.74 -10.48
C PRO F 266 -30.26 5.73 -9.03
N ASP F 267 -31.36 5.04 -8.75
CA ASP F 267 -31.87 5.01 -7.39
C ASP F 267 -31.27 3.87 -6.56
N ALA F 268 -30.39 3.09 -7.18
CA ALA F 268 -29.74 1.96 -6.51
C ALA F 268 -28.78 2.46 -5.42
N PRO F 269 -28.53 1.63 -4.39
CA PRO F 269 -27.65 1.95 -3.27
C PRO F 269 -26.24 2.36 -3.69
N GLY F 270 -25.83 3.54 -3.25
CA GLY F 270 -24.50 4.03 -3.56
C GLY F 270 -24.23 4.27 -5.04
N PHE F 271 -25.30 4.49 -5.80
CA PHE F 271 -25.14 4.76 -7.21
C PHE F 271 -24.47 6.12 -7.34
N GLY F 272 -23.37 6.17 -8.09
CA GLY F 272 -22.65 7.41 -8.29
C GLY F 272 -21.58 7.66 -7.25
N GLU F 273 -21.56 6.83 -6.23
CA GLU F 273 -20.56 6.96 -5.17
C GLU F 273 -19.24 6.34 -5.56
N ASP F 274 -18.18 7.10 -5.36
CA ASP F 274 -16.83 6.66 -5.70
C ASP F 274 -16.24 5.70 -4.67
N SER F 275 -15.29 4.88 -5.11
CA SER F 275 -14.61 3.94 -4.22
C SER F 275 -13.52 4.73 -3.49
N PRO F 276 -13.47 4.63 -2.17
CA PRO F 276 -12.46 5.34 -1.38
C PRO F 276 -11.03 5.15 -1.89
N MSE F 277 -10.73 3.96 -2.43
CA MSE F 277 -9.38 3.68 -2.93
C MSE F 277 -9.07 4.58 -4.12
O MSE F 277 -7.91 4.71 -4.53
CB MSE F 277 -9.24 2.20 -3.35
CG MSE F 277 -9.93 1.85 -4.65
SE MSE F 277 -9.73 -0.08 -5.05
CE MSE F 277 -11.26 -0.23 -6.27
N TYR F 278 -10.12 5.21 -4.66
CA TYR F 278 -9.97 6.10 -5.81
C TYR F 278 -10.15 7.58 -5.49
N TYR F 279 -10.20 7.96 -4.23
CA TYR F 279 -10.37 9.37 -3.91
C TYR F 279 -9.17 10.19 -4.37
N GLY F 280 -9.44 11.30 -5.05
CA GLY F 280 -8.35 12.15 -5.51
C GLY F 280 -7.53 12.62 -4.32
N GLU F 281 -6.26 12.90 -4.55
CA GLU F 281 -5.38 13.38 -3.50
C GLU F 281 -4.81 14.74 -3.81
N VAL F 282 -4.83 15.63 -2.83
CA VAL F 282 -4.28 16.98 -2.99
C VAL F 282 -3.00 17.05 -2.17
N THR F 283 -2.00 17.73 -2.72
CA THR F 283 -0.72 17.91 -2.07
C THR F 283 -0.40 19.39 -2.28
N TYR F 284 -0.53 20.18 -1.22
CA TYR F 284 -0.27 21.59 -1.34
C TYR F 284 0.34 22.13 -0.06
N ARG F 285 0.81 23.36 -0.09
CA ARG F 285 1.37 23.94 1.11
C ARG F 285 0.65 25.22 1.49
N ASN F 286 0.34 25.36 2.77
CA ASN F 286 -0.36 26.54 3.26
C ASN F 286 0.54 27.76 3.26
N GLY F 287 0.03 28.86 3.82
CA GLY F 287 0.80 30.09 3.87
C GLY F 287 2.02 29.94 4.76
N ASN F 288 1.92 29.06 5.74
CA ASN F 288 3.02 28.81 6.66
C ASN F 288 4.13 28.03 5.98
N GLY F 289 3.80 27.44 4.84
CA GLY F 289 4.79 26.67 4.11
C GLY F 289 4.72 25.19 4.43
N ASP F 290 3.76 24.80 5.26
CA ASP F 290 3.60 23.40 5.65
C ASP F 290 2.95 22.62 4.52
N TRP F 291 3.46 21.41 4.27
CA TRP F 291 2.90 20.57 3.24
C TRP F 291 1.72 19.79 3.79
N ILE F 292 0.65 19.75 3.00
CA ILE F 292 -0.56 19.06 3.39
C ILE F 292 -0.96 18.04 2.33
N LYS F 293 -1.22 16.81 2.78
CA LYS F 293 -1.67 15.73 1.92
C LYS F 293 -3.06 15.35 2.39
N LYS F 294 -4.03 15.45 1.50
CA LYS F 294 -5.42 15.13 1.81
C LYS F 294 -6.06 14.31 0.70
N GLN F 295 -7.15 13.64 1.03
CA GLN F 295 -7.92 12.90 0.05
C GLN F 295 -9.16 13.76 -0.14
N ILE F 296 -9.73 13.75 -1.34
CA ILE F 296 -10.93 14.54 -1.57
C ILE F 296 -12.10 13.58 -1.72
N LYS F 297 -12.98 13.59 -0.73
CA LYS F 297 -14.16 12.72 -0.77
C LYS F 297 -14.84 13.03 -2.10
N THR F 298 -14.79 12.09 -3.02
CA THR F 298 -15.37 12.29 -4.34
C THR F 298 -16.86 12.63 -4.30
N PRO F 299 -17.26 13.77 -4.89
CA PRO F 299 -18.67 14.14 -4.89
C PRO F 299 -19.49 13.10 -5.65
N VAL F 300 -20.72 12.87 -5.21
CA VAL F 300 -21.60 11.90 -5.87
C VAL F 300 -21.83 12.26 -7.33
N GLY F 301 -21.73 11.26 -8.20
CA GLY F 301 -21.96 11.52 -9.61
C GLY F 301 -23.42 11.32 -9.89
N ASP F 302 -24.05 12.29 -10.55
CA ASP F 302 -25.47 12.17 -10.88
C ASP F 302 -25.80 12.97 -12.13
N TYR F 303 -25.84 12.29 -13.27
CA TYR F 303 -26.15 12.96 -14.51
C TYR F 303 -27.50 13.66 -14.43
N GLY F 304 -28.32 13.25 -13.46
CA GLY F 304 -29.62 13.85 -13.30
C GLY F 304 -29.58 15.31 -12.91
N ARG F 305 -28.44 15.79 -12.44
CA ARG F 305 -28.34 17.19 -12.05
C ARG F 305 -28.39 18.10 -13.27
N TYR F 306 -28.14 17.55 -14.45
CA TYR F 306 -28.23 18.35 -15.65
C TYR F 306 -29.70 18.79 -15.75
N TYR F 307 -30.62 17.86 -15.50
CA TYR F 307 -32.05 18.19 -15.55
C TYR F 307 -32.50 19.02 -14.36
N ASP F 308 -31.75 18.96 -13.27
CA ASP F 308 -32.09 19.76 -12.10
C ASP F 308 -31.78 21.21 -12.44
N ALA F 309 -30.68 21.41 -13.14
CA ALA F 309 -30.26 22.75 -13.55
C ALA F 309 -31.26 23.32 -14.55
N VAL F 310 -31.69 22.48 -15.51
CA VAL F 310 -32.66 22.94 -16.50
C VAL F 310 -33.94 23.33 -15.79
N TYR F 311 -34.34 22.51 -14.81
CA TYR F 311 -35.55 22.78 -14.05
C TYR F 311 -35.45 24.16 -13.39
N GLU F 312 -34.33 24.42 -12.73
CA GLU F 312 -34.11 25.69 -12.06
C GLU F 312 -34.12 26.86 -13.05
N THR F 313 -33.63 26.62 -14.26
CA THR F 313 -33.59 27.66 -15.27
C THR F 313 -34.99 27.98 -15.78
N LEU F 314 -35.76 26.95 -16.12
CA LEU F 314 -37.10 27.14 -16.63
C LEU F 314 -38.10 27.61 -15.57
N LYS F 315 -38.27 26.83 -14.51
CA LYS F 315 -39.22 27.16 -13.45
C LYS F 315 -38.79 28.42 -12.69
N ASN F 316 -37.61 28.39 -12.10
CA ASN F 316 -37.11 29.55 -11.38
C ASN F 316 -36.27 30.31 -12.38
N GLY F 317 -35.45 31.25 -11.95
CA GLY F 317 -34.67 31.97 -12.95
C GLY F 317 -33.19 31.65 -12.98
N ALA F 318 -32.79 30.46 -12.54
CA ALA F 318 -31.38 30.11 -12.53
C ALA F 318 -30.72 30.24 -13.90
N PRO F 319 -29.44 30.64 -13.92
CA PRO F 319 -28.70 30.78 -15.19
C PRO F 319 -28.56 29.39 -15.79
N GLN F 320 -28.62 29.28 -17.11
CA GLN F 320 -28.51 27.97 -17.74
C GLN F 320 -27.10 27.38 -17.57
N LEU F 321 -27.05 26.06 -17.40
CA LEU F 321 -25.80 25.33 -17.19
C LEU F 321 -24.76 25.56 -18.28
N VAL F 322 -25.16 25.25 -19.50
CA VAL F 322 -24.29 25.41 -20.65
C VAL F 322 -24.67 26.68 -21.39
N THR F 323 -23.72 27.60 -21.47
CA THR F 323 -23.95 28.88 -22.13
C THR F 323 -23.71 28.80 -23.62
N LYS F 324 -24.20 29.80 -24.34
CA LYS F 324 -24.05 29.92 -25.77
C LYS F 324 -22.56 30.01 -26.11
N GLU F 325 -21.83 30.79 -25.31
CA GLU F 325 -20.39 30.95 -25.52
C GLU F 325 -19.65 29.63 -25.35
N GLN F 326 -19.98 28.88 -24.31
CA GLN F 326 -19.33 27.61 -24.06
C GLN F 326 -19.61 26.66 -25.21
N ALA F 327 -20.88 26.56 -25.61
CA ALA F 327 -21.26 25.66 -26.69
C ALA F 327 -20.60 26.03 -28.02
N LEU F 328 -20.58 27.32 -28.35
CA LEU F 328 -19.99 27.73 -29.61
C LEU F 328 -18.46 27.65 -29.61
N THR F 329 -17.85 27.86 -28.45
CA THR F 329 -16.39 27.77 -28.37
C THR F 329 -15.98 26.32 -28.58
N ASN F 330 -16.79 25.40 -28.07
CA ASN F 330 -16.55 23.98 -28.18
C ASN F 330 -16.66 23.48 -29.61
N ILE F 331 -17.73 23.86 -30.31
CA ILE F 331 -17.91 23.44 -31.71
C ILE F 331 -16.77 23.97 -32.57
N GLU F 332 -16.39 25.23 -32.35
CA GLU F 332 -15.32 25.84 -33.12
C GLU F 332 -13.99 25.08 -33.00
N ILE F 333 -13.53 24.86 -31.78
CA ILE F 333 -12.28 24.13 -31.58
C ILE F 333 -12.40 22.78 -32.25
N LEU F 334 -13.52 22.11 -32.01
CA LEU F 334 -13.75 20.79 -32.59
C LEU F 334 -13.56 20.80 -34.11
N GLU F 335 -14.22 21.72 -34.80
CA GLU F 335 -14.10 21.80 -36.26
C GLU F 335 -12.71 22.23 -36.72
N ALA F 336 -12.10 23.15 -35.97
CA ALA F 336 -10.77 23.64 -36.32
C ALA F 336 -9.75 22.52 -36.33
N GLY F 337 -9.95 21.54 -35.45
CA GLY F 337 -9.04 20.42 -35.38
C GLY F 337 -8.86 19.67 -36.68
N PHE F 338 -9.81 19.85 -37.60
CA PHE F 338 -9.75 19.21 -38.90
C PHE F 338 -9.53 20.20 -40.03
N LEU F 339 -9.30 21.46 -39.67
CA LEU F 339 -9.06 22.53 -40.64
C LEU F 339 -7.80 22.22 -41.46
N ASN F 340 -6.73 21.85 -40.76
CA ASN F 340 -5.46 21.50 -41.39
C ASN F 340 -5.00 20.15 -40.90
N PRO F 341 -4.18 19.45 -41.69
CA PRO F 341 -3.68 18.12 -41.30
C PRO F 341 -2.95 18.16 -39.97
N SER F 342 -3.18 17.14 -39.15
CA SER F 342 -2.55 17.03 -37.85
C SER F 342 -1.07 16.64 -38.07
N PRO F 343 -0.15 17.15 -37.24
CA PRO F 343 -0.32 18.09 -36.11
C PRO F 343 -0.51 19.52 -36.60
N SER F 344 -1.30 20.32 -35.89
CA SER F 344 -1.53 21.70 -36.28
C SER F 344 -1.81 22.60 -35.10
N VAL F 345 -1.81 23.90 -35.37
CA VAL F 345 -2.05 24.94 -34.36
C VAL F 345 -3.20 25.82 -34.86
N TYR F 346 -4.10 26.20 -33.96
CA TYR F 346 -5.23 27.03 -34.36
C TYR F 346 -5.51 28.18 -33.40
N HIS F 347 -5.67 29.37 -33.96
CA HIS F 347 -5.98 30.54 -33.16
C HIS F 347 -7.47 30.81 -33.17
N LEU F 348 -8.07 30.86 -31.99
CA LEU F 348 -9.50 31.12 -31.86
C LEU F 348 -9.85 32.50 -32.40
N LYS F 349 -11.06 32.66 -32.92
CA LYS F 349 -11.51 33.96 -33.44
C LYS F 349 -11.57 34.96 -32.30
N GLU F 350 -11.31 36.24 -32.63
CA GLU F 350 -11.30 37.36 -31.69
C GLU F 350 -9.87 37.79 -31.38
C1 PGE G . -2.97 -11.45 11.58
O1 PGE G . -2.73 -10.37 10.64
C2 PGE G . -1.63 -11.79 12.27
O2 PGE G . -1.80 -11.63 13.67
C3 PGE G . -0.75 -11.25 14.54
C4 PGE G . -1.18 -9.85 15.06
O4 PGE G . 0.67 -6.87 14.51
C6 PGE G . 0.17 -7.23 15.81
C5 PGE G . 0.73 -8.62 16.11
O3 PGE G . -0.33 -9.56 16.16
C1 PGE H . -7.10 -9.10 -12.26
O1 PGE H . -6.41 -8.83 -11.02
C2 PGE H . -6.07 -8.90 -13.38
O2 PGE H . -6.75 -8.70 -14.62
C3 PGE H . -7.13 -7.43 -15.12
C4 PGE H . -5.85 -6.86 -15.77
O4 PGE H . -5.48 -3.02 -15.89
C6 PGE H . -4.70 -4.16 -16.27
C5 PGE H . -5.51 -4.93 -17.35
O3 PGE H . -6.32 -5.93 -16.72
C1 PGE I . 5.22 13.11 4.67
O1 PGE I . 4.79 12.39 3.49
C2 PGE I . 6.51 13.89 4.33
O2 PGE I . 6.17 15.02 3.53
C3 PGE I . 7.04 16.12 3.28
C4 PGE I . 7.38 15.99 1.78
O4 PGE I . 5.66 16.51 -2.02
C6 PGE I . 6.79 16.81 -1.16
C5 PGE I . 6.23 17.48 0.11
O3 PGE I . 7.13 17.26 1.20
#